data_7R1L
# 
_entry.id   7R1L 
# 
_audit_conform.dict_name       mmcif_pdbx.dic 
_audit_conform.dict_version    5.385 
_audit_conform.dict_location   http://mmcif.pdb.org/dictionaries/ascii/mmcif_pdbx.dic 
# 
loop_
_database_2.database_id 
_database_2.database_code 
_database_2.pdbx_database_accession 
_database_2.pdbx_DOI 
PDB   7R1L         pdb_00007r1l 10.2210/pdb7r1l/pdb 
WWPDB D_1292120612 ?            ?                   
# 
loop_
_pdbx_audit_revision_history.ordinal 
_pdbx_audit_revision_history.data_content_type 
_pdbx_audit_revision_history.major_revision 
_pdbx_audit_revision_history.minor_revision 
_pdbx_audit_revision_history.revision_date 
1 'Structure model' 1 0 2023-02-15 
2 'Structure model' 1 1 2024-02-07 
# 
_pdbx_audit_revision_details.ordinal             1 
_pdbx_audit_revision_details.revision_ordinal    1 
_pdbx_audit_revision_details.data_content_type   'Structure model' 
_pdbx_audit_revision_details.provider            repository 
_pdbx_audit_revision_details.type                'Initial release' 
_pdbx_audit_revision_details.description         ? 
_pdbx_audit_revision_details.details             ? 
# 
loop_
_pdbx_audit_revision_group.ordinal 
_pdbx_audit_revision_group.revision_ordinal 
_pdbx_audit_revision_group.data_content_type 
_pdbx_audit_revision_group.group 
1 2 'Structure model' 'Data collection'        
2 2 'Structure model' 'Refinement description' 
# 
loop_
_pdbx_audit_revision_category.ordinal 
_pdbx_audit_revision_category.revision_ordinal 
_pdbx_audit_revision_category.data_content_type 
_pdbx_audit_revision_category.category 
1 2 'Structure model' chem_comp_atom                
2 2 'Structure model' chem_comp_bond                
3 2 'Structure model' pdbx_initial_refinement_model 
# 
_pdbx_database_status.status_code                     REL 
_pdbx_database_status.status_code_sf                  REL 
_pdbx_database_status.status_code_mr                  ? 
_pdbx_database_status.entry_id                        7R1L 
_pdbx_database_status.recvd_initial_deposition_date   2022-02-03 
_pdbx_database_status.SG_entry                        N 
_pdbx_database_status.deposit_site                    PDBE 
_pdbx_database_status.process_site                    PDBE 
_pdbx_database_status.status_code_cs                  ? 
_pdbx_database_status.status_code_nmr_data            ? 
_pdbx_database_status.methods_development_category    CASP 
_pdbx_database_status.pdb_format_compatible           Y 
# 
loop_
_pdbx_contact_author.id 
_pdbx_contact_author.email 
_pdbx_contact_author.name_first 
_pdbx_contact_author.name_last 
_pdbx_contact_author.name_mi 
_pdbx_contact_author.role 
_pdbx_contact_author.identifier_ORCID 
3 angelina.palma@fct.unl.pt Angelina    Palma    Sa 'principal investigator/group leader' 0000-0001-5797-6555 
4 almc@fct.unl.pt           'Ana Luisa' Carvalho ?  'principal investigator/group leader' 0000-0001-9022-0055 
# 
loop_
_audit_author.name 
_audit_author.pdbx_ordinal 
_audit_author.identifier_ORCID 
'Ribeiro, D.O.'  1 0000-0001-9022-0055 
'Costa, R.'      2 0000-0002-7973-0721 
'Palma, A.S.'    3 0000-0001-5797-6555 
'Carvalho, A.L.' 4 0000-0002-3824-0240 
# 
_citation.abstract                  ? 
_citation.abstract_id_CAS           ? 
_citation.book_id_ISBN              ? 
_citation.book_publisher            ? 
_citation.book_publisher_city       ? 
_citation.book_title                ? 
_citation.coordinate_linkage        ? 
_citation.country                   ? 
_citation.database_id_Medline       ? 
_citation.details                   ? 
_citation.id                        primary 
_citation.journal_abbrev            'To Be Published' 
_citation.journal_id_ASTM           ? 
_citation.journal_id_CSD            0353 
_citation.journal_id_ISSN           ? 
_citation.journal_full              ? 
_citation.journal_issue             ? 
_citation.journal_volume            ? 
_citation.language                  ? 
_citation.page_first                ? 
_citation.page_last                 ? 
_citation.title                     
'Unravelling Clostridium thermocellum LysM domains: a molecular view on the cooperative recognition of chitin and peptidoglycan' 
_citation.year                      ? 
_citation.database_id_CSD           ? 
_citation.pdbx_database_id_DOI      ? 
_citation.pdbx_database_id_PubMed   ? 
_citation.pdbx_database_id_patent   ? 
_citation.unpublished_flag          ? 
# 
loop_
_citation_author.citation_id 
_citation_author.name 
_citation_author.ordinal 
_citation_author.identifier_ORCID 
primary 'Ribeiro, D.O.' 1 0000-0001-9022-0055 
primary 'Palma, A.S.'   2 0000-0001-5797-6555 
# 
loop_
_entity.id 
_entity.type 
_entity.src_method 
_entity.pdbx_description 
_entity.formula_weight 
_entity.pdbx_number_of_molecules 
_entity.pdbx_ec 
_entity.pdbx_mutation 
_entity.pdbx_fragment 
_entity.details 
1 polymer     man 'Spore coat assembly protein SafA' 6474.537 3   ? ? ? ? 
2 branched    man 
;2-acetamido-2-deoxy-beta-D-glucopyranose-(1-4)-2-acetamido-2-deoxy-beta-D-glucopyranose-(1-4)-2-acetamido-2-deoxy-beta-D-glucopyranose
;
627.594  1   ? ? ? ? 
3 non-polymer syn 'ACETATE ION' 59.044   1   ? ? ? ? 
4 water       nat water 18.015   126 ? ? ? ? 
# 
_entity_poly.entity_id                      1 
_entity_poly.type                           'polypeptide(L)' 
_entity_poly.nstd_linkage                   no 
_entity_poly.nstd_monomer                   no 
_entity_poly.pdbx_seq_one_letter_code       MYTVKPGDTMWKIAVKYQIGISEIIAANPQIKNPNLIYPGQKINIPNILEHHHHHH 
_entity_poly.pdbx_seq_one_letter_code_can   MYTVKPGDTMWKIAVKYQIGISEIIAANPQIKNPNLIYPGQKINIPNILEHHHHHH 
_entity_poly.pdbx_strand_id                 A,B,C 
_entity_poly.pdbx_target_identifier         ? 
# 
loop_
_pdbx_entity_nonpoly.entity_id 
_pdbx_entity_nonpoly.name 
_pdbx_entity_nonpoly.comp_id 
3 'ACETATE ION' ACT 
4 water         HOH 
# 
loop_
_entity_poly_seq.entity_id 
_entity_poly_seq.num 
_entity_poly_seq.mon_id 
_entity_poly_seq.hetero 
1 1  MET n 
1 2  TYR n 
1 3  THR n 
1 4  VAL n 
1 5  LYS n 
1 6  PRO n 
1 7  GLY n 
1 8  ASP n 
1 9  THR n 
1 10 MET n 
1 11 TRP n 
1 12 LYS n 
1 13 ILE n 
1 14 ALA n 
1 15 VAL n 
1 16 LYS n 
1 17 TYR n 
1 18 GLN n 
1 19 ILE n 
1 20 GLY n 
1 21 ILE n 
1 22 SER n 
1 23 GLU n 
1 24 ILE n 
1 25 ILE n 
1 26 ALA n 
1 27 ALA n 
1 28 ASN n 
1 29 PRO n 
1 30 GLN n 
1 31 ILE n 
1 32 LYS n 
1 33 ASN n 
1 34 PRO n 
1 35 ASN n 
1 36 LEU n 
1 37 ILE n 
1 38 TYR n 
1 39 PRO n 
1 40 GLY n 
1 41 GLN n 
1 42 LYS n 
1 43 ILE n 
1 44 ASN n 
1 45 ILE n 
1 46 PRO n 
1 47 ASN n 
1 48 ILE n 
1 49 LEU n 
1 50 GLU n 
1 51 HIS n 
1 52 HIS n 
1 53 HIS n 
1 54 HIS n 
1 55 HIS n 
1 56 HIS n 
# 
_entity_src_gen.entity_id                          1 
_entity_src_gen.pdbx_src_id                        1 
_entity_src_gen.pdbx_alt_source_flag               sample 
_entity_src_gen.pdbx_seq_type                      'Biological sequence' 
_entity_src_gen.pdbx_beg_seq_num                   1 
_entity_src_gen.pdbx_end_seq_num                   56 
_entity_src_gen.gene_src_common_name               ? 
_entity_src_gen.gene_src_genus                     ? 
_entity_src_gen.pdbx_gene_src_gene                 Cthe_0300 
_entity_src_gen.gene_src_species                   ? 
_entity_src_gen.gene_src_strain                    ? 
_entity_src_gen.gene_src_tissue                    ? 
_entity_src_gen.gene_src_tissue_fraction           ? 
_entity_src_gen.gene_src_details                   ? 
_entity_src_gen.pdbx_gene_src_fragment             ? 
_entity_src_gen.pdbx_gene_src_scientific_name      'Acetivibrio thermocellus' 
_entity_src_gen.pdbx_gene_src_ncbi_taxonomy_id     1515 
_entity_src_gen.pdbx_gene_src_variant              ? 
_entity_src_gen.pdbx_gene_src_cell_line            ? 
_entity_src_gen.pdbx_gene_src_atcc                 27405 
_entity_src_gen.pdbx_gene_src_organ                ? 
_entity_src_gen.pdbx_gene_src_organelle            ? 
_entity_src_gen.pdbx_gene_src_cell                 ? 
_entity_src_gen.pdbx_gene_src_cellular_location    ? 
_entity_src_gen.host_org_common_name               ? 
_entity_src_gen.pdbx_host_org_scientific_name      'Escherichia coli BL21' 
_entity_src_gen.pdbx_host_org_ncbi_taxonomy_id     511693 
_entity_src_gen.host_org_genus                     ? 
_entity_src_gen.pdbx_host_org_gene                 ? 
_entity_src_gen.pdbx_host_org_organ                ? 
_entity_src_gen.host_org_species                   ? 
_entity_src_gen.pdbx_host_org_tissue               ? 
_entity_src_gen.pdbx_host_org_tissue_fraction      ? 
_entity_src_gen.pdbx_host_org_strain               ? 
_entity_src_gen.pdbx_host_org_variant              ? 
_entity_src_gen.pdbx_host_org_cell_line            ? 
_entity_src_gen.pdbx_host_org_atcc                 ? 
_entity_src_gen.pdbx_host_org_culture_collection   ? 
_entity_src_gen.pdbx_host_org_cell                 ? 
_entity_src_gen.pdbx_host_org_organelle            ? 
_entity_src_gen.pdbx_host_org_cellular_location    ? 
_entity_src_gen.pdbx_host_org_vector_type          ? 
_entity_src_gen.pdbx_host_org_vector               ? 
_entity_src_gen.host_org_details                   ? 
_entity_src_gen.expression_system_id               ? 
_entity_src_gen.plasmid_name                       ? 
_entity_src_gen.plasmid_details                    ? 
_entity_src_gen.pdbx_description                   ? 
# 
_pdbx_entity_branch.entity_id   2 
_pdbx_entity_branch.type        oligosaccharide 
# 
loop_
_pdbx_entity_branch_descriptor.ordinal 
_pdbx_entity_branch_descriptor.entity_id 
_pdbx_entity_branch_descriptor.descriptor 
_pdbx_entity_branch_descriptor.type 
_pdbx_entity_branch_descriptor.program 
_pdbx_entity_branch_descriptor.program_version 
1 2 DGlcpNAcb1-4DGlcpNAcb1-4DGlcpNAcb1-ROH                          'Glycam Condensed Sequence' GMML       1.0   
2 2 'WURCS=2.0/1,3,2/[a2122h-1b_1-5_2*NCC/3=O]/1-1-1/a4-b1_b4-c1'   WURCS                       PDB2Glycan 1.1.0 
3 2 '[][b-D-GlcpNAc]{[(4+1)][b-D-GlcpNAc]{[(4+1)][b-D-GlcpNAc]{}}}' LINUCS                      PDB-CARE   ?     
# 
loop_
_pdbx_entity_branch_link.link_id 
_pdbx_entity_branch_link.entity_id 
_pdbx_entity_branch_link.entity_branch_list_num_1 
_pdbx_entity_branch_link.comp_id_1 
_pdbx_entity_branch_link.atom_id_1 
_pdbx_entity_branch_link.leaving_atom_id_1 
_pdbx_entity_branch_link.entity_branch_list_num_2 
_pdbx_entity_branch_link.comp_id_2 
_pdbx_entity_branch_link.atom_id_2 
_pdbx_entity_branch_link.leaving_atom_id_2 
_pdbx_entity_branch_link.value_order 
_pdbx_entity_branch_link.details 
1 2 2 NAG C1 O1 1 NAG O4 HO4 sing ? 
2 2 3 NAG C1 O1 2 NAG O4 HO4 sing ? 
# 
loop_
_chem_comp.id 
_chem_comp.type 
_chem_comp.mon_nstd_flag 
_chem_comp.name 
_chem_comp.pdbx_synonyms 
_chem_comp.formula 
_chem_comp.formula_weight 
ACT non-polymer                  . 'ACETATE ION'                            ? 'C2 H3 O2 -1'    59.044  
ALA 'L-peptide linking'          y ALANINE                                  ? 'C3 H7 N O2'     89.093  
ASN 'L-peptide linking'          y ASPARAGINE                               ? 'C4 H8 N2 O3'    132.118 
ASP 'L-peptide linking'          y 'ASPARTIC ACID'                          ? 'C4 H7 N O4'     133.103 
GLN 'L-peptide linking'          y GLUTAMINE                                ? 'C5 H10 N2 O3'   146.144 
GLU 'L-peptide linking'          y 'GLUTAMIC ACID'                          ? 'C5 H9 N O4'     147.129 
GLY 'peptide linking'            y GLYCINE                                  ? 'C2 H5 N O2'     75.067  
HIS 'L-peptide linking'          y HISTIDINE                                ? 'C6 H10 N3 O2 1' 156.162 
HOH non-polymer                  . WATER                                    ? 'H2 O'           18.015  
ILE 'L-peptide linking'          y ISOLEUCINE                               ? 'C6 H13 N O2'    131.173 
LEU 'L-peptide linking'          y LEUCINE                                  ? 'C6 H13 N O2'    131.173 
LYS 'L-peptide linking'          y LYSINE                                   ? 'C6 H15 N2 O2 1' 147.195 
MET 'L-peptide linking'          y METHIONINE                               ? 'C5 H11 N O2 S'  149.211 
NAG 'D-saccharide, beta linking' . 2-acetamido-2-deoxy-beta-D-glucopyranose 
;N-acetyl-beta-D-glucosamine; 2-acetamido-2-deoxy-beta-D-glucose; 2-acetamido-2-deoxy-D-glucose; 2-acetamido-2-deoxy-glucose; N-ACETYL-D-GLUCOSAMINE
;
'C8 H15 N O6'    221.208 
PRO 'L-peptide linking'          y PROLINE                                  ? 'C5 H9 N O2'     115.130 
SER 'L-peptide linking'          y SERINE                                   ? 'C3 H7 N O3'     105.093 
THR 'L-peptide linking'          y THREONINE                                ? 'C4 H9 N O3'     119.119 
TRP 'L-peptide linking'          y TRYPTOPHAN                               ? 'C11 H12 N2 O2'  204.225 
TYR 'L-peptide linking'          y TYROSINE                                 ? 'C9 H11 N O3'    181.189 
VAL 'L-peptide linking'          y VALINE                                   ? 'C5 H11 N O2'    117.146 
# 
loop_
_pdbx_chem_comp_identifier.comp_id 
_pdbx_chem_comp_identifier.type 
_pdbx_chem_comp_identifier.program 
_pdbx_chem_comp_identifier.program_version 
_pdbx_chem_comp_identifier.identifier 
NAG 'CONDENSED IUPAC CARBOHYDRATE SYMBOL' GMML     1.0 DGlcpNAcb                      
NAG 'COMMON NAME'                         GMML     1.0 N-acetyl-b-D-glucopyranosamine 
NAG 'IUPAC CARBOHYDRATE SYMBOL'           PDB-CARE 1.0 b-D-GlcpNAc                    
NAG 'SNFG CARBOHYDRATE SYMBOL'            GMML     1.0 GlcNAc                         
# 
loop_
_pdbx_poly_seq_scheme.asym_id 
_pdbx_poly_seq_scheme.entity_id 
_pdbx_poly_seq_scheme.seq_id 
_pdbx_poly_seq_scheme.mon_id 
_pdbx_poly_seq_scheme.ndb_seq_num 
_pdbx_poly_seq_scheme.pdb_seq_num 
_pdbx_poly_seq_scheme.auth_seq_num 
_pdbx_poly_seq_scheme.pdb_mon_id 
_pdbx_poly_seq_scheme.auth_mon_id 
_pdbx_poly_seq_scheme.pdb_strand_id 
_pdbx_poly_seq_scheme.pdb_ins_code 
_pdbx_poly_seq_scheme.hetero 
A 1 1  MET 1  1  1  MET MET A . n 
A 1 2  TYR 2  2  2  TYR TYR A . n 
A 1 3  THR 3  3  3  THR THR A . n 
A 1 4  VAL 4  4  4  VAL VAL A . n 
A 1 5  LYS 5  5  5  LYS LYS A . n 
A 1 6  PRO 6  6  6  PRO PRO A . n 
A 1 7  GLY 7  7  7  GLY GLY A . n 
A 1 8  ASP 8  8  8  ASP ASP A . n 
A 1 9  THR 9  9  9  THR THR A . n 
A 1 10 MET 10 10 10 MET MET A . n 
A 1 11 TRP 11 11 11 TRP TRP A . n 
A 1 12 LYS 12 12 12 LYS LYS A . n 
A 1 13 ILE 13 13 13 ILE ILE A . n 
A 1 14 ALA 14 14 14 ALA ALA A . n 
A 1 15 VAL 15 15 15 VAL VAL A . n 
A 1 16 LYS 16 16 16 LYS LYS A . n 
A 1 17 TYR 17 17 17 TYR TYR A . n 
A 1 18 GLN 18 18 18 GLN GLN A . n 
A 1 19 ILE 19 19 19 ILE ILE A . n 
A 1 20 GLY 20 20 20 GLY GLY A . n 
A 1 21 ILE 21 21 21 ILE ILE A . n 
A 1 22 SER 22 22 22 SER SER A . n 
A 1 23 GLU 23 23 23 GLU GLU A . n 
A 1 24 ILE 24 24 24 ILE ILE A . n 
A 1 25 ILE 25 25 25 ILE ILE A . n 
A 1 26 ALA 26 26 26 ALA ALA A . n 
A 1 27 ALA 27 27 27 ALA ALA A . n 
A 1 28 ASN 28 28 28 ASN ASN A . n 
A 1 29 PRO 29 29 29 PRO PRO A . n 
A 1 30 GLN 30 30 30 GLN GLN A . n 
A 1 31 ILE 31 31 31 ILE ILE A . n 
A 1 32 LYS 32 32 32 LYS LYS A . n 
A 1 33 ASN 33 33 33 ASN ASN A . n 
A 1 34 PRO 34 34 34 PRO PRO A . n 
A 1 35 ASN 35 35 35 ASN ASN A . n 
A 1 36 LEU 36 36 36 LEU LEU A . n 
A 1 37 ILE 37 37 37 ILE ILE A . n 
A 1 38 TYR 38 38 38 TYR TYR A . n 
A 1 39 PRO 39 39 39 PRO PRO A . n 
A 1 40 GLY 40 40 40 GLY GLY A . n 
A 1 41 GLN 41 41 41 GLN GLN A . n 
A 1 42 LYS 42 42 42 LYS LYS A . n 
A 1 43 ILE 43 43 43 ILE ILE A . n 
A 1 44 ASN 44 44 44 ASN ASN A . n 
A 1 45 ILE 45 45 45 ILE ILE A . n 
A 1 46 PRO 46 46 46 PRO PRO A . n 
A 1 47 ASN 47 47 ?  ?   ?   A . n 
A 1 48 ILE 48 48 ?  ?   ?   A . n 
A 1 49 LEU 49 49 ?  ?   ?   A . n 
A 1 50 GLU 50 50 ?  ?   ?   A . n 
A 1 51 HIS 51 51 ?  ?   ?   A . n 
A 1 52 HIS 52 52 ?  ?   ?   A . n 
A 1 53 HIS 53 53 ?  ?   ?   A . n 
A 1 54 HIS 54 54 ?  ?   ?   A . n 
A 1 55 HIS 55 55 ?  ?   ?   A . n 
A 1 56 HIS 56 56 ?  ?   ?   A . n 
B 1 1  MET 1  1  1  MET MET B . n 
B 1 2  TYR 2  2  2  TYR TYR B . n 
B 1 3  THR 3  3  3  THR THR B . n 
B 1 4  VAL 4  4  4  VAL VAL B . n 
B 1 5  LYS 5  5  5  LYS LYS B . n 
B 1 6  PRO 6  6  6  PRO PRO B . n 
B 1 7  GLY 7  7  7  GLY GLY B . n 
B 1 8  ASP 8  8  8  ASP ASP B . n 
B 1 9  THR 9  9  9  THR THR B . n 
B 1 10 MET 10 10 10 MET MET B . n 
B 1 11 TRP 11 11 11 TRP TRP B . n 
B 1 12 LYS 12 12 12 LYS LYS B . n 
B 1 13 ILE 13 13 13 ILE ILE B . n 
B 1 14 ALA 14 14 14 ALA ALA B . n 
B 1 15 VAL 15 15 15 VAL VAL B . n 
B 1 16 LYS 16 16 16 LYS LYS B . n 
B 1 17 TYR 17 17 17 TYR TYR B . n 
B 1 18 GLN 18 18 18 GLN GLN B . n 
B 1 19 ILE 19 19 19 ILE ILE B . n 
B 1 20 GLY 20 20 20 GLY GLY B . n 
B 1 21 ILE 21 21 21 ILE ILE B . n 
B 1 22 SER 22 22 22 SER SER B . n 
B 1 23 GLU 23 23 23 GLU GLU B . n 
B 1 24 ILE 24 24 24 ILE ILE B . n 
B 1 25 ILE 25 25 25 ILE ILE B . n 
B 1 26 ALA 26 26 26 ALA ALA B . n 
B 1 27 ALA 27 27 27 ALA ALA B . n 
B 1 28 ASN 28 28 28 ASN ASN B . n 
B 1 29 PRO 29 29 29 PRO PRO B . n 
B 1 30 GLN 30 30 30 GLN GLN B . n 
B 1 31 ILE 31 31 31 ILE ILE B . n 
B 1 32 LYS 32 32 32 LYS LYS B . n 
B 1 33 ASN 33 33 33 ASN ASN B . n 
B 1 34 PRO 34 34 34 PRO PRO B . n 
B 1 35 ASN 35 35 35 ASN ASN B . n 
B 1 36 LEU 36 36 36 LEU LEU B . n 
B 1 37 ILE 37 37 37 ILE ILE B . n 
B 1 38 TYR 38 38 38 TYR TYR B . n 
B 1 39 PRO 39 39 39 PRO PRO B . n 
B 1 40 GLY 40 40 40 GLY GLY B . n 
B 1 41 GLN 41 41 41 GLN GLN B . n 
B 1 42 LYS 42 42 42 LYS LYS B . n 
B 1 43 ILE 43 43 43 ILE ILE B . n 
B 1 44 ASN 44 44 44 ASN ASN B . n 
B 1 45 ILE 45 45 45 ILE ILE B . n 
B 1 46 PRO 46 46 46 PRO PRO B . n 
B 1 47 ASN 47 47 ?  ?   ?   B . n 
B 1 48 ILE 48 48 ?  ?   ?   B . n 
B 1 49 LEU 49 49 ?  ?   ?   B . n 
B 1 50 GLU 50 50 ?  ?   ?   B . n 
B 1 51 HIS 51 51 ?  ?   ?   B . n 
B 1 52 HIS 52 52 ?  ?   ?   B . n 
B 1 53 HIS 53 53 ?  ?   ?   B . n 
B 1 54 HIS 54 54 ?  ?   ?   B . n 
B 1 55 HIS 55 55 ?  ?   ?   B . n 
B 1 56 HIS 56 56 ?  ?   ?   B . n 
C 1 1  MET 1  1  1  MET MET C . n 
C 1 2  TYR 2  2  2  TYR TYR C . n 
C 1 3  THR 3  3  3  THR THR C . n 
C 1 4  VAL 4  4  4  VAL VAL C . n 
C 1 5  LYS 5  5  5  LYS LYS C . n 
C 1 6  PRO 6  6  6  PRO PRO C . n 
C 1 7  GLY 7  7  7  GLY GLY C . n 
C 1 8  ASP 8  8  8  ASP ASP C . n 
C 1 9  THR 9  9  9  THR THR C . n 
C 1 10 MET 10 10 10 MET MET C . n 
C 1 11 TRP 11 11 11 TRP TRP C . n 
C 1 12 LYS 12 12 12 LYS LYS C . n 
C 1 13 ILE 13 13 13 ILE ILE C . n 
C 1 14 ALA 14 14 14 ALA ALA C . n 
C 1 15 VAL 15 15 15 VAL VAL C . n 
C 1 16 LYS 16 16 16 LYS LYS C . n 
C 1 17 TYR 17 17 17 TYR TYR C . n 
C 1 18 GLN 18 18 18 GLN GLN C . n 
C 1 19 ILE 19 19 19 ILE ILE C . n 
C 1 20 GLY 20 20 20 GLY GLY C . n 
C 1 21 ILE 21 21 21 ILE ILE C . n 
C 1 22 SER 22 22 22 SER SER C . n 
C 1 23 GLU 23 23 23 GLU GLU C . n 
C 1 24 ILE 24 24 24 ILE ILE C . n 
C 1 25 ILE 25 25 25 ILE ILE C . n 
C 1 26 ALA 26 26 26 ALA ALA C . n 
C 1 27 ALA 27 27 27 ALA ALA C . n 
C 1 28 ASN 28 28 28 ASN ASN C . n 
C 1 29 PRO 29 29 29 PRO PRO C . n 
C 1 30 GLN 30 30 30 GLN GLN C . n 
C 1 31 ILE 31 31 31 ILE ILE C . n 
C 1 32 LYS 32 32 32 LYS LYS C . n 
C 1 33 ASN 33 33 33 ASN ASN C . n 
C 1 34 PRO 34 34 34 PRO PRO C . n 
C 1 35 ASN 35 35 35 ASN ASN C . n 
C 1 36 LEU 36 36 36 LEU LEU C . n 
C 1 37 ILE 37 37 37 ILE ILE C . n 
C 1 38 TYR 38 38 38 TYR TYR C . n 
C 1 39 PRO 39 39 39 PRO PRO C . n 
C 1 40 GLY 40 40 40 GLY GLY C . n 
C 1 41 GLN 41 41 41 GLN GLN C . n 
C 1 42 LYS 42 42 42 LYS LYS C . n 
C 1 43 ILE 43 43 43 ILE ILE C . n 
C 1 44 ASN 44 44 44 ASN ASN C . n 
C 1 45 ILE 45 45 45 ILE ILE C . n 
C 1 46 PRO 46 46 46 PRO PRO C . n 
C 1 47 ASN 47 47 47 ASN ASN C . n 
C 1 48 ILE 48 48 ?  ?   ?   C . n 
C 1 49 LEU 49 49 ?  ?   ?   C . n 
C 1 50 GLU 50 50 ?  ?   ?   C . n 
C 1 51 HIS 51 51 ?  ?   ?   C . n 
C 1 52 HIS 52 52 ?  ?   ?   C . n 
C 1 53 HIS 53 53 ?  ?   ?   C . n 
C 1 54 HIS 54 54 ?  ?   ?   C . n 
C 1 55 HIS 55 55 ?  ?   ?   C . n 
C 1 56 HIS 56 56 ?  ?   ?   C . n 
# 
loop_
_pdbx_branch_scheme.asym_id 
_pdbx_branch_scheme.entity_id 
_pdbx_branch_scheme.mon_id 
_pdbx_branch_scheme.num 
_pdbx_branch_scheme.pdb_asym_id 
_pdbx_branch_scheme.pdb_mon_id 
_pdbx_branch_scheme.pdb_seq_num 
_pdbx_branch_scheme.auth_asym_id 
_pdbx_branch_scheme.auth_mon_id 
_pdbx_branch_scheme.auth_seq_num 
_pdbx_branch_scheme.hetero 
D 2 NAG 1 D NAG 1 D NAG 1 n 
D 2 NAG 2 D NAG 2 D NAG 2 n 
D 2 NAG 3 D NAG 3 D NAG 3 n 
# 
loop_
_pdbx_nonpoly_scheme.asym_id 
_pdbx_nonpoly_scheme.entity_id 
_pdbx_nonpoly_scheme.mon_id 
_pdbx_nonpoly_scheme.ndb_seq_num 
_pdbx_nonpoly_scheme.pdb_seq_num 
_pdbx_nonpoly_scheme.auth_seq_num 
_pdbx_nonpoly_scheme.pdb_mon_id 
_pdbx_nonpoly_scheme.auth_mon_id 
_pdbx_nonpoly_scheme.pdb_strand_id 
_pdbx_nonpoly_scheme.pdb_ins_code 
E 3 ACT 1  101 1   ACT ACT C . 
F 4 HOH 1  101 95  HOH HOH A . 
F 4 HOH 2  102 31  HOH HOH A . 
F 4 HOH 3  103 3   HOH HOH A . 
F 4 HOH 4  104 20  HOH HOH A . 
F 4 HOH 5  105 35  HOH HOH A . 
F 4 HOH 6  106 26  HOH HOH A . 
F 4 HOH 7  107 108 HOH HOH A . 
F 4 HOH 8  108 119 HOH HOH A . 
F 4 HOH 9  109 96  HOH HOH A . 
F 4 HOH 10 110 113 HOH HOH A . 
F 4 HOH 11 111 88  HOH HOH A . 
F 4 HOH 12 112 120 HOH HOH A . 
F 4 HOH 13 113 89  HOH HOH A . 
F 4 HOH 14 114 10  HOH HOH A . 
F 4 HOH 15 115 54  HOH HOH A . 
F 4 HOH 16 116 81  HOH HOH A . 
F 4 HOH 17 117 86  HOH HOH A . 
F 4 HOH 18 118 101 HOH HOH A . 
F 4 HOH 19 119 1   HOH HOH A . 
F 4 HOH 20 120 75  HOH HOH A . 
F 4 HOH 21 121 21  HOH HOH A . 
F 4 HOH 22 122 103 HOH HOH A . 
F 4 HOH 23 123 24  HOH HOH A . 
F 4 HOH 24 124 124 HOH HOH A . 
F 4 HOH 25 125 44  HOH HOH A . 
F 4 HOH 26 126 55  HOH HOH A . 
F 4 HOH 27 127 91  HOH HOH A . 
F 4 HOH 28 128 13  HOH HOH A . 
F 4 HOH 29 129 15  HOH HOH A . 
F 4 HOH 30 130 69  HOH HOH A . 
F 4 HOH 31 131 29  HOH HOH A . 
F 4 HOH 32 132 30  HOH HOH A . 
F 4 HOH 33 133 99  HOH HOH A . 
F 4 HOH 34 134 52  HOH HOH A . 
F 4 HOH 35 135 112 HOH HOH A . 
F 4 HOH 36 136 46  HOH HOH A . 
F 4 HOH 37 137 63  HOH HOH A . 
F 4 HOH 38 138 25  HOH HOH A . 
F 4 HOH 39 139 33  HOH HOH A . 
F 4 HOH 40 140 70  HOH HOH A . 
F 4 HOH 41 141 56  HOH HOH A . 
F 4 HOH 42 142 7   HOH HOH A . 
F 4 HOH 43 143 76  HOH HOH A . 
F 4 HOH 44 144 34  HOH HOH A . 
F 4 HOH 45 145 123 HOH HOH A . 
F 4 HOH 46 146 8   HOH HOH A . 
F 4 HOH 47 147 9   HOH HOH A . 
F 4 HOH 48 148 40  HOH HOH A . 
F 4 HOH 49 149 37  HOH HOH A . 
F 4 HOH 50 150 102 HOH HOH A . 
G 4 HOH 1  101 98  HOH HOH B . 
G 4 HOH 2  102 116 HOH HOH B . 
G 4 HOH 3  103 122 HOH HOH B . 
G 4 HOH 4  104 18  HOH HOH B . 
G 4 HOH 5  105 39  HOH HOH B . 
G 4 HOH 6  106 57  HOH HOH B . 
G 4 HOH 7  107 107 HOH HOH B . 
G 4 HOH 8  108 106 HOH HOH B . 
G 4 HOH 9  109 16  HOH HOH B . 
G 4 HOH 10 110 4   HOH HOH B . 
G 4 HOH 11 111 114 HOH HOH B . 
G 4 HOH 12 112 60  HOH HOH B . 
G 4 HOH 13 113 23  HOH HOH B . 
G 4 HOH 14 114 85  HOH HOH B . 
G 4 HOH 15 115 87  HOH HOH B . 
G 4 HOH 16 116 118 HOH HOH B . 
G 4 HOH 17 117 84  HOH HOH B . 
G 4 HOH 18 118 14  HOH HOH B . 
G 4 HOH 19 119 5   HOH HOH B . 
G 4 HOH 20 120 82  HOH HOH B . 
G 4 HOH 21 121 74  HOH HOH B . 
G 4 HOH 22 122 59  HOH HOH B . 
G 4 HOH 23 123 71  HOH HOH B . 
G 4 HOH 24 124 48  HOH HOH B . 
G 4 HOH 25 125 64  HOH HOH B . 
G 4 HOH 26 126 58  HOH HOH B . 
G 4 HOH 27 127 79  HOH HOH B . 
G 4 HOH 28 128 77  HOH HOH B . 
G 4 HOH 29 129 121 HOH HOH B . 
G 4 HOH 30 130 125 HOH HOH B . 
G 4 HOH 31 131 28  HOH HOH B . 
G 4 HOH 32 132 117 HOH HOH B . 
G 4 HOH 33 133 67  HOH HOH B . 
G 4 HOH 34 134 2   HOH HOH B . 
G 4 HOH 35 135 49  HOH HOH B . 
H 4 HOH 1  201 72  HOH HOH C . 
H 4 HOH 2  202 78  HOH HOH C . 
H 4 HOH 3  203 104 HOH HOH C . 
H 4 HOH 4  204 61  HOH HOH C . 
H 4 HOH 5  205 92  HOH HOH C . 
H 4 HOH 6  206 66  HOH HOH C . 
H 4 HOH 7  207 65  HOH HOH C . 
H 4 HOH 8  208 109 HOH HOH C . 
H 4 HOH 9  209 22  HOH HOH C . 
H 4 HOH 10 210 110 HOH HOH C . 
H 4 HOH 11 211 100 HOH HOH C . 
H 4 HOH 12 212 111 HOH HOH C . 
H 4 HOH 13 213 68  HOH HOH C . 
H 4 HOH 14 214 94  HOH HOH C . 
H 4 HOH 15 215 83  HOH HOH C . 
H 4 HOH 16 216 17  HOH HOH C . 
H 4 HOH 17 217 93  HOH HOH C . 
H 4 HOH 18 218 12  HOH HOH C . 
H 4 HOH 19 219 97  HOH HOH C . 
H 4 HOH 20 220 105 HOH HOH C . 
H 4 HOH 21 221 27  HOH HOH C . 
H 4 HOH 22 222 51  HOH HOH C . 
H 4 HOH 23 223 126 HOH HOH C . 
H 4 HOH 24 224 36  HOH HOH C . 
H 4 HOH 25 225 32  HOH HOH C . 
H 4 HOH 26 226 62  HOH HOH C . 
H 4 HOH 27 227 90  HOH HOH C . 
H 4 HOH 28 228 45  HOH HOH C . 
H 4 HOH 29 229 73  HOH HOH C . 
H 4 HOH 30 230 50  HOH HOH C . 
H 4 HOH 31 231 11  HOH HOH C . 
H 4 HOH 32 232 53  HOH HOH C . 
H 4 HOH 33 233 41  HOH HOH C . 
H 4 HOH 34 234 115 HOH HOH C . 
H 4 HOH 35 235 43  HOH HOH C . 
H 4 HOH 36 236 6   HOH HOH C . 
H 4 HOH 37 237 19  HOH HOH C . 
H 4 HOH 38 238 38  HOH HOH C . 
H 4 HOH 39 239 80  HOH HOH C . 
H 4 HOH 40 240 47  HOH HOH C . 
H 4 HOH 41 241 42  HOH HOH C . 
# 
loop_
_software.citation_id 
_software.classification 
_software.compiler_name 
_software.compiler_version 
_software.contact_author 
_software.contact_author_email 
_software.date 
_software.description 
_software.dependencies 
_software.hardware 
_software.language 
_software.location 
_software.mods 
_software.name 
_software.os 
_software.os_version 
_software.type 
_software.version 
_software.pdbx_ordinal 
? refinement        ? ? ? ? ? ? ? ? ? ? ? REFMAC      ? ? ? 5.8.0158 1 
? 'data extraction' ? ? ? ? ? ? ? ? ? ? ? PDB_EXTRACT ? ? ? 3.27     2 
? 'data reduction'  ? ? ? ? ? ? ? ? ? ? ? MOSFLM      ? ? ? .        3 
? 'data scaling'    ? ? ? ? ? ? ? ? ? ? ? SCALA       ? ? ? .        4 
? phasing           ? ? ? ? ? ? ? ? ? ? ? PHASER      ? ? ? .        5 
# 
_cell.angle_alpha                  90.000 
_cell.angle_alpha_esd              ? 
_cell.angle_beta                   96.900 
_cell.angle_beta_esd               ? 
_cell.angle_gamma                  90.000 
_cell.angle_gamma_esd              ? 
_cell.entry_id                     7R1L 
_cell.details                      ? 
_cell.formula_units_Z              ? 
_cell.length_a                     99.390 
_cell.length_a_esd                 ? 
_cell.length_b                     41.770 
_cell.length_b_esd                 ? 
_cell.length_c                     42.870 
_cell.length_c_esd                 ? 
_cell.volume                       ? 
_cell.volume_esd                   ? 
_cell.Z_PDB                        12 
_cell.reciprocal_angle_alpha       ? 
_cell.reciprocal_angle_beta        ? 
_cell.reciprocal_angle_gamma       ? 
_cell.reciprocal_angle_alpha_esd   ? 
_cell.reciprocal_angle_beta_esd    ? 
_cell.reciprocal_angle_gamma_esd   ? 
_cell.reciprocal_length_a          ? 
_cell.reciprocal_length_b          ? 
_cell.reciprocal_length_c          ? 
_cell.reciprocal_length_a_esd      ? 
_cell.reciprocal_length_b_esd      ? 
_cell.reciprocal_length_c_esd      ? 
_cell.pdbx_unique_axis             ? 
# 
_symmetry.entry_id                         7R1L 
_symmetry.cell_setting                     ? 
_symmetry.Int_Tables_number                5 
_symmetry.space_group_name_Hall            ? 
_symmetry.space_group_name_H-M             'C 1 2 1' 
_symmetry.pdbx_full_space_group_name_H-M   ? 
# 
_exptl.absorpt_coefficient_mu     ? 
_exptl.absorpt_correction_T_max   ? 
_exptl.absorpt_correction_T_min   ? 
_exptl.absorpt_correction_type    ? 
_exptl.absorpt_process_details    ? 
_exptl.entry_id                   7R1L 
_exptl.crystals_number            1 
_exptl.details                    ? 
_exptl.method                     'X-RAY DIFFRACTION' 
_exptl.method_details             ? 
# 
_exptl_crystal.colour                      ? 
_exptl_crystal.density_diffrn              ? 
_exptl_crystal.density_Matthews            2.28 
_exptl_crystal.density_method              ? 
_exptl_crystal.density_percent_sol         46.1 
_exptl_crystal.description                 ? 
_exptl_crystal.F_000                       ? 
_exptl_crystal.id                          1 
_exptl_crystal.preparation                 ? 
_exptl_crystal.size_max                    ? 
_exptl_crystal.size_mid                    ? 
_exptl_crystal.size_min                    ? 
_exptl_crystal.size_rad                    ? 
_exptl_crystal.colour_lustre               ? 
_exptl_crystal.colour_modifier             ? 
_exptl_crystal.colour_primary              ? 
_exptl_crystal.density_meas                ? 
_exptl_crystal.density_meas_esd            ? 
_exptl_crystal.density_meas_gt             ? 
_exptl_crystal.density_meas_lt             ? 
_exptl_crystal.density_meas_temp           ? 
_exptl_crystal.density_meas_temp_esd       ? 
_exptl_crystal.density_meas_temp_gt        ? 
_exptl_crystal.density_meas_temp_lt        ? 
_exptl_crystal.pdbx_crystal_image_url      ? 
_exptl_crystal.pdbx_crystal_image_format   ? 
_exptl_crystal.pdbx_mosaicity              ? 
_exptl_crystal.pdbx_mosaicity_esd          ? 
# 
_exptl_crystal_grow.apparatus       ? 
_exptl_crystal_grow.atmosphere      ? 
_exptl_crystal_grow.crystal_id      1 
_exptl_crystal_grow.details         ? 
_exptl_crystal_grow.method          'VAPOR DIFFUSION, SITTING DROP' 
_exptl_crystal_grow.method_ref      ? 
_exptl_crystal_grow.pH              4.6 
_exptl_crystal_grow.pressure        ? 
_exptl_crystal_grow.pressure_esd    ? 
_exptl_crystal_grow.seeding         ? 
_exptl_crystal_grow.seeding_ref     ? 
_exptl_crystal_grow.temp            293.15 
_exptl_crystal_grow.temp_details    ? 
_exptl_crystal_grow.temp_esd        ? 
_exptl_crystal_grow.time            ? 
_exptl_crystal_grow.pdbx_details    '0.1 M sodium acetate buffer pH 4.6, 2 M ammonium sulphate' 
_exptl_crystal_grow.pdbx_pH_range   ? 
# 
_diffrn.ambient_environment              ? 
_diffrn.ambient_temp                     100 
_diffrn.ambient_temp_details             ? 
_diffrn.ambient_temp_esd                 ? 
_diffrn.crystal_id                       1 
_diffrn.crystal_support                  ? 
_diffrn.crystal_treatment                ? 
_diffrn.details                          ? 
_diffrn.id                               1 
_diffrn.ambient_pressure                 ? 
_diffrn.ambient_pressure_esd             ? 
_diffrn.ambient_pressure_gt              ? 
_diffrn.ambient_pressure_lt              ? 
_diffrn.ambient_temp_gt                  ? 
_diffrn.ambient_temp_lt                  ? 
_diffrn.pdbx_serial_crystal_experiment   N 
# 
_diffrn_detector.details                      ? 
_diffrn_detector.detector                     PIXEL 
_diffrn_detector.diffrn_id                    1 
_diffrn_detector.type                         'PSI JUNGFRAU 4M' 
_diffrn_detector.area_resol_mean              ? 
_diffrn_detector.dtime                        ? 
_diffrn_detector.pdbx_frames_total            ? 
_diffrn_detector.pdbx_collection_time_total   ? 
_diffrn_detector.pdbx_collection_date         2017-07-09 
_diffrn_detector.pdbx_frequency               ? 
# 
_diffrn_radiation.collimation                      ? 
_diffrn_radiation.diffrn_id                        1 
_diffrn_radiation.filter_edge                      ? 
_diffrn_radiation.inhomogeneity                    ? 
_diffrn_radiation.monochromator                    ? 
_diffrn_radiation.polarisn_norm                    ? 
_diffrn_radiation.polarisn_ratio                   ? 
_diffrn_radiation.probe                            ? 
_diffrn_radiation.type                             ? 
_diffrn_radiation.xray_symbol                      ? 
_diffrn_radiation.wavelength_id                    1 
_diffrn_radiation.pdbx_monochromatic_or_laue_m_l   M 
_diffrn_radiation.pdbx_wavelength_list             ? 
_diffrn_radiation.pdbx_wavelength                  ? 
_diffrn_radiation.pdbx_diffrn_protocol             'SINGLE WAVELENGTH' 
_diffrn_radiation.pdbx_analyzer                    ? 
_diffrn_radiation.pdbx_scattering_type             x-ray 
# 
_diffrn_radiation_wavelength.id           1 
_diffrn_radiation_wavelength.wavelength   0.96770 
_diffrn_radiation_wavelength.wt           1.0 
# 
_diffrn_source.current                     ? 
_diffrn_source.details                     ? 
_diffrn_source.diffrn_id                   1 
_diffrn_source.power                       ? 
_diffrn_source.size                        ? 
_diffrn_source.source                      SYNCHROTRON 
_diffrn_source.target                      ? 
_diffrn_source.type                        'ESRF BEAMLINE ID29' 
_diffrn_source.voltage                     ? 
_diffrn_source.take-off_angle              ? 
_diffrn_source.pdbx_wavelength_list        0.96770 
_diffrn_source.pdbx_wavelength             ? 
_diffrn_source.pdbx_synchrotron_beamline   ID29 
_diffrn_source.pdbx_synchrotron_site       ESRF 
# 
_reflns.B_iso_Wilson_estimate                          ? 
_reflns.entry_id                                       7R1L 
_reflns.data_reduction_details                         ? 
_reflns.data_reduction_method                          ? 
_reflns.d_resolution_high                              1.45 
_reflns.d_resolution_low                               49.3400 
_reflns.details                                        ? 
_reflns.limit_h_max                                    ? 
_reflns.limit_h_min                                    ? 
_reflns.limit_k_max                                    ? 
_reflns.limit_k_min                                    ? 
_reflns.limit_l_max                                    ? 
_reflns.limit_l_min                                    ? 
_reflns.number_all                                     ? 
_reflns.number_obs                                     30139 
_reflns.observed_criterion                             ? 
_reflns.observed_criterion_F_max                       ? 
_reflns.observed_criterion_F_min                       ? 
_reflns.observed_criterion_I_max                       ? 
_reflns.observed_criterion_I_min                       ? 
_reflns.observed_criterion_sigma_F                     ? 
_reflns.observed_criterion_sigma_I                     ? 
_reflns.percent_possible_obs                           97.1 
_reflns.R_free_details                                 ? 
_reflns.Rmerge_F_all                                   ? 
_reflns.Rmerge_F_obs                                   ? 
_reflns.Friedel_coverage                               ? 
_reflns.number_gt                                      ? 
_reflns.threshold_expression                           ? 
_reflns.pdbx_redundancy                                8.6 
_reflns.pdbx_Rmerge_I_obs                              0.048 
_reflns.pdbx_Rmerge_I_all                              ? 
_reflns.pdbx_Rsym_value                                ? 
_reflns.pdbx_netI_over_av_sigmaI                       ? 
_reflns.pdbx_netI_over_sigmaI                          20.9 
_reflns.pdbx_res_netI_over_av_sigmaI_2                 ? 
_reflns.pdbx_res_netI_over_sigmaI_2                    ? 
_reflns.pdbx_chi_squared                               ? 
_reflns.pdbx_scaling_rejects                           ? 
_reflns.pdbx_d_res_high_opt                            ? 
_reflns.pdbx_d_res_low_opt                             ? 
_reflns.pdbx_d_res_opt_method                          ? 
_reflns.phase_calculation_details                      ? 
_reflns.pdbx_Rrim_I_all                                ? 
_reflns.pdbx_Rpim_I_all                                0.025 
_reflns.pdbx_d_opt                                     ? 
_reflns.pdbx_number_measured_all                       ? 
_reflns.pdbx_diffrn_id                                 1 
_reflns.pdbx_ordinal                                   1 
_reflns.pdbx_CC_half                                   1.00 
_reflns.pdbx_CC_star                                   ? 
_reflns.pdbx_R_split                                   ? 
_reflns.pdbx_aniso_diffraction_limit_axis_1_ortho[1]   ? 
_reflns.pdbx_aniso_diffraction_limit_axis_1_ortho[2]   ? 
_reflns.pdbx_aniso_diffraction_limit_axis_1_ortho[3]   ? 
_reflns.pdbx_aniso_diffraction_limit_axis_2_ortho[1]   ? 
_reflns.pdbx_aniso_diffraction_limit_axis_2_ortho[2]   ? 
_reflns.pdbx_aniso_diffraction_limit_axis_2_ortho[3]   ? 
_reflns.pdbx_aniso_diffraction_limit_axis_3_ortho[1]   ? 
_reflns.pdbx_aniso_diffraction_limit_axis_3_ortho[2]   ? 
_reflns.pdbx_aniso_diffraction_limit_axis_3_ortho[3]   ? 
_reflns.pdbx_aniso_diffraction_limit_1                 ? 
_reflns.pdbx_aniso_diffraction_limit_2                 ? 
_reflns.pdbx_aniso_diffraction_limit_3                 ? 
_reflns.pdbx_aniso_B_tensor_eigenvector_1_ortho[1]     ? 
_reflns.pdbx_aniso_B_tensor_eigenvector_1_ortho[2]     ? 
_reflns.pdbx_aniso_B_tensor_eigenvector_1_ortho[3]     ? 
_reflns.pdbx_aniso_B_tensor_eigenvector_2_ortho[1]     ? 
_reflns.pdbx_aniso_B_tensor_eigenvector_2_ortho[2]     ? 
_reflns.pdbx_aniso_B_tensor_eigenvector_2_ortho[3]     ? 
_reflns.pdbx_aniso_B_tensor_eigenvector_3_ortho[1]     ? 
_reflns.pdbx_aniso_B_tensor_eigenvector_3_ortho[2]     ? 
_reflns.pdbx_aniso_B_tensor_eigenvector_3_ortho[3]     ? 
_reflns.pdbx_aniso_B_tensor_eigenvalue_1               ? 
_reflns.pdbx_aniso_B_tensor_eigenvalue_2               ? 
_reflns.pdbx_aniso_B_tensor_eigenvalue_3               ? 
_reflns.pdbx_orthogonalization_convention              ? 
_reflns.pdbx_percent_possible_ellipsoidal              ? 
_reflns.pdbx_percent_possible_spherical                ? 
_reflns.pdbx_percent_possible_ellipsoidal_anomalous    ? 
_reflns.pdbx_percent_possible_spherical_anomalous      ? 
_reflns.pdbx_redundancy_anomalous                      ? 
_reflns.pdbx_CC_half_anomalous                         ? 
_reflns.pdbx_absDiff_over_sigma_anomalous              ? 
_reflns.pdbx_percent_possible_anomalous                ? 
_reflns.pdbx_observed_signal_threshold                 ? 
_reflns.pdbx_signal_type                               ? 
_reflns.pdbx_signal_details                            ? 
_reflns.pdbx_signal_software_id                        ? 
# 
_reflns_shell.d_res_high                                    1.45 
_reflns_shell.d_res_low                                     1.48 
_reflns_shell.meanI_over_sigI_all                           ? 
_reflns_shell.meanI_over_sigI_obs                           ? 
_reflns_shell.number_measured_all                           ? 
_reflns_shell.number_measured_obs                           ? 
_reflns_shell.number_possible                               ? 
_reflns_shell.number_unique_all                             ? 
_reflns_shell.number_unique_obs                             1427 
_reflns_shell.percent_possible_all                          91.7 
_reflns_shell.percent_possible_obs                          ? 
_reflns_shell.Rmerge_F_all                                  ? 
_reflns_shell.Rmerge_F_obs                                  ? 
_reflns_shell.Rmerge_I_all                                  ? 
_reflns_shell.Rmerge_I_obs                                  0.735 
_reflns_shell.meanI_over_sigI_gt                            ? 
_reflns_shell.meanI_over_uI_all                             ? 
_reflns_shell.meanI_over_uI_gt                              ? 
_reflns_shell.number_measured_gt                            ? 
_reflns_shell.number_unique_gt                              ? 
_reflns_shell.percent_possible_gt                           ? 
_reflns_shell.Rmerge_F_gt                                   ? 
_reflns_shell.Rmerge_I_gt                                   ? 
_reflns_shell.pdbx_redundancy                               6.8 
_reflns_shell.pdbx_Rsym_value                               ? 
_reflns_shell.pdbx_chi_squared                              ? 
_reflns_shell.pdbx_netI_over_sigmaI_all                     ? 
_reflns_shell.pdbx_netI_over_sigmaI_obs                     ? 
_reflns_shell.pdbx_Rrim_I_all                               ? 
_reflns_shell.pdbx_Rpim_I_all                               0.468 
_reflns_shell.pdbx_rejects                                  ? 
_reflns_shell.pdbx_ordinal                                  1 
_reflns_shell.pdbx_diffrn_id                                1 
_reflns_shell.pdbx_CC_half                                  0.81 
_reflns_shell.pdbx_CC_star                                  ? 
_reflns_shell.pdbx_R_split                                  ? 
_reflns_shell.pdbx_percent_possible_ellipsoidal             ? 
_reflns_shell.pdbx_percent_possible_spherical               ? 
_reflns_shell.pdbx_percent_possible_ellipsoidal_anomalous   ? 
_reflns_shell.pdbx_percent_possible_spherical_anomalous     ? 
_reflns_shell.pdbx_redundancy_anomalous                     ? 
_reflns_shell.pdbx_CC_half_anomalous                        ? 
_reflns_shell.pdbx_absDiff_over_sigma_anomalous             ? 
_reflns_shell.pdbx_percent_possible_anomalous               ? 
# 
_refine.aniso_B[1][1]                            -0.7200 
_refine.aniso_B[1][2]                            0.0000 
_refine.aniso_B[1][3]                            -0.5100 
_refine.aniso_B[2][2]                            0.8200 
_refine.aniso_B[2][3]                            0.0000 
_refine.aniso_B[3][3]                            0.0200 
_refine.B_iso_max                                85.440 
_refine.B_iso_mean                               23.3440 
_refine.B_iso_min                                12.400 
_refine.correlation_coeff_Fo_to_Fc               0.9680 
_refine.correlation_coeff_Fo_to_Fc_free          0.9590 
_refine.details                                  'U VALUES      : REFINED INDIVIDUALLY' 
_refine.diff_density_max                         ? 
_refine.diff_density_max_esd                     ? 
_refine.diff_density_min                         ? 
_refine.diff_density_min_esd                     ? 
_refine.diff_density_rms                         ? 
_refine.diff_density_rms_esd                     ? 
_refine.entry_id                                 7R1L 
_refine.pdbx_refine_id                           'X-RAY DIFFRACTION' 
_refine.ls_abs_structure_details                 ? 
_refine.ls_abs_structure_Flack                   ? 
_refine.ls_abs_structure_Flack_esd               ? 
_refine.ls_abs_structure_Rogers                  ? 
_refine.ls_abs_structure_Rogers_esd              ? 
_refine.ls_d_res_high                            1.4500 
_refine.ls_d_res_low                             49.3400 
_refine.ls_extinction_coef                       ? 
_refine.ls_extinction_coef_esd                   ? 
_refine.ls_extinction_expression                 ? 
_refine.ls_extinction_method                     ? 
_refine.ls_goodness_of_fit_all                   ? 
_refine.ls_goodness_of_fit_all_esd               ? 
_refine.ls_goodness_of_fit_obs                   ? 
_refine.ls_goodness_of_fit_obs_esd               ? 
_refine.ls_hydrogen_treatment                    ? 
_refine.ls_matrix_type                           ? 
_refine.ls_number_constraints                    ? 
_refine.ls_number_parameters                     ? 
_refine.ls_number_reflns_all                     ? 
_refine.ls_number_reflns_obs                     28591 
_refine.ls_number_reflns_R_free                  1547 
_refine.ls_number_reflns_R_work                  ? 
_refine.ls_number_restraints                     ? 
_refine.ls_percent_reflns_obs                    97.1300 
_refine.ls_percent_reflns_R_free                 5.1000 
_refine.ls_R_factor_all                          ? 
_refine.ls_R_factor_obs                          0.1775 
_refine.ls_R_factor_R_free                       0.2013 
_refine.ls_R_factor_R_free_error                 ? 
_refine.ls_R_factor_R_free_error_details         ? 
_refine.ls_R_factor_R_work                       0.1762 
_refine.ls_R_Fsqd_factor_obs                     ? 
_refine.ls_R_I_factor_obs                        ? 
_refine.ls_redundancy_reflns_all                 ? 
_refine.ls_redundancy_reflns_obs                 ? 
_refine.ls_restrained_S_all                      ? 
_refine.ls_restrained_S_obs                      ? 
_refine.ls_shift_over_esd_max                    ? 
_refine.ls_shift_over_esd_mean                   ? 
_refine.ls_structure_factor_coef                 ? 
_refine.ls_weighting_details                     ? 
_refine.ls_weighting_scheme                      ? 
_refine.ls_wR_factor_all                         ? 
_refine.ls_wR_factor_obs                         ? 
_refine.ls_wR_factor_R_free                      ? 
_refine.ls_wR_factor_R_work                      ? 
_refine.occupancy_max                            ? 
_refine.occupancy_min                            ? 
_refine.solvent_model_details                    MASK 
_refine.solvent_model_param_bsol                 ? 
_refine.solvent_model_param_ksol                 ? 
_refine.pdbx_R_complete                          ? 
_refine.ls_R_factor_gt                           ? 
_refine.ls_goodness_of_fit_gt                    ? 
_refine.ls_goodness_of_fit_ref                   ? 
_refine.ls_shift_over_su_max                     ? 
_refine.ls_shift_over_su_max_lt                  ? 
_refine.ls_shift_over_su_mean                    ? 
_refine.ls_shift_over_su_mean_lt                 ? 
_refine.pdbx_ls_sigma_I                          ? 
_refine.pdbx_ls_sigma_F                          0.000 
_refine.pdbx_ls_sigma_Fsqd                       ? 
_refine.pdbx_data_cutoff_high_absF               ? 
_refine.pdbx_data_cutoff_high_rms_absF           ? 
_refine.pdbx_data_cutoff_low_absF                ? 
_refine.pdbx_isotropic_thermal_model             ? 
_refine.pdbx_ls_cross_valid_method               THROUGHOUT 
_refine.pdbx_method_to_determine_struct          'MOLECULAR REPLACEMENT' 
_refine.pdbx_starting_model                      5K2L 
_refine.pdbx_stereochemistry_target_values       'MAXIMUM LIKELIHOOD' 
_refine.pdbx_R_Free_selection_details            RANDOM 
_refine.pdbx_stereochem_target_val_spec_case     ? 
_refine.pdbx_overall_ESU_R                       0.0620 
_refine.pdbx_overall_ESU_R_Free                  0.0640 
_refine.pdbx_solvent_vdw_probe_radii             1.2000 
_refine.pdbx_solvent_ion_probe_radii             0.8000 
_refine.pdbx_solvent_shrinkage_radii             0.8000 
_refine.pdbx_real_space_R                        ? 
_refine.pdbx_density_correlation                 ? 
_refine.pdbx_pd_number_of_powder_patterns        ? 
_refine.pdbx_pd_number_of_points                 ? 
_refine.pdbx_pd_meas_number_of_points            ? 
_refine.pdbx_pd_proc_ls_prof_R_factor            ? 
_refine.pdbx_pd_proc_ls_prof_wR_factor           ? 
_refine.pdbx_pd_Marquardt_correlation_coeff      ? 
_refine.pdbx_pd_Fsqrd_R_factor                   ? 
_refine.pdbx_pd_ls_matrix_band_width             ? 
_refine.pdbx_overall_phase_error                 ? 
_refine.pdbx_overall_SU_R_free_Cruickshank_DPI   ? 
_refine.pdbx_overall_SU_R_free_Blow_DPI          ? 
_refine.pdbx_overall_SU_R_Blow_DPI               ? 
_refine.pdbx_TLS_residual_ADP_flag               ? 
_refine.pdbx_diffrn_id                           1 
_refine.overall_SU_B                             1.0350 
_refine.overall_SU_ML                            0.0400 
_refine.overall_SU_R_Cruickshank_DPI             ? 
_refine.overall_SU_R_free                        ? 
_refine.overall_FOM_free_R_set                   ? 
_refine.overall_FOM_work_R_set                   ? 
_refine.pdbx_average_fsc_overall                 ? 
_refine.pdbx_average_fsc_work                    ? 
_refine.pdbx_average_fsc_free                    ? 
# 
_refine_hist.pdbx_refine_id                   'X-RAY DIFFRACTION' 
_refine_hist.cycle_id                         final 
_refine_hist.details                          ? 
_refine_hist.d_res_high                       1.4500 
_refine_hist.d_res_low                        49.3400 
_refine_hist.number_atoms_solvent             126 
_refine_hist.number_atoms_total               1270 
_refine_hist.number_reflns_all                ? 
_refine_hist.number_reflns_obs                ? 
_refine_hist.number_reflns_R_free             ? 
_refine_hist.number_reflns_R_work             ? 
_refine_hist.R_factor_all                     ? 
_refine_hist.R_factor_obs                     ? 
_refine_hist.R_factor_R_free                  ? 
_refine_hist.R_factor_R_work                  ? 
_refine_hist.pdbx_number_residues_total       139 
_refine_hist.pdbx_B_iso_mean_ligand           14.99 
_refine_hist.pdbx_B_iso_mean_solvent          35.74 
_refine_hist.pdbx_number_atoms_protein        1097 
_refine_hist.pdbx_number_atoms_nucleic_acid   0 
_refine_hist.pdbx_number_atoms_ligand         47 
_refine_hist.pdbx_number_atoms_lipid          ? 
_refine_hist.pdbx_number_atoms_carb           ? 
_refine_hist.pdbx_pseudo_atom_details         ? 
# 
loop_
_refine_ls_restr.pdbx_refine_id 
_refine_ls_restr.criterion 
_refine_ls_restr.dev_ideal 
_refine_ls_restr.dev_ideal_target 
_refine_ls_restr.number 
_refine_ls_restr.rejects 
_refine_ls_restr.type 
_refine_ls_restr.weight 
_refine_ls_restr.pdbx_restraint_function 
'X-RAY DIFFRACTION' ? 0.027  0.020  1190 ? r_bond_refined_d       ? ? 
'X-RAY DIFFRACTION' ? 2.726  2.024  1625 ? r_angle_refined_deg    ? ? 
'X-RAY DIFFRACTION' ? 5.150  5.000  142  ? r_dihedral_angle_1_deg ? ? 
'X-RAY DIFFRACTION' ? 42.350 27.000 40   ? r_dihedral_angle_2_deg ? ? 
'X-RAY DIFFRACTION' ? 14.311 15.000 213  ? r_dihedral_angle_3_deg ? ? 
'X-RAY DIFFRACTION' ? 0.181  0.200  191  ? r_chiral_restr         ? ? 
'X-RAY DIFFRACTION' ? 0.014  0.022  849  ? r_gen_planes_refined   ? ? 
# 
_refine_ls_shell.pdbx_refine_id                   'X-RAY DIFFRACTION' 
_refine_ls_shell.d_res_high                       1.4520 
_refine_ls_shell.d_res_low                        1.4900 
_refine_ls_shell.number_reflns_all                2133 
_refine_ls_shell.number_reflns_obs                ? 
_refine_ls_shell.number_reflns_R_free             90 
_refine_ls_shell.number_reflns_R_work             2043 
_refine_ls_shell.percent_reflns_obs               93.2700 
_refine_ls_shell.percent_reflns_R_free            ? 
_refine_ls_shell.R_factor_all                     ? 
_refine_ls_shell.R_factor_obs                     ? 
_refine_ls_shell.R_factor_R_free                  0.3090 
_refine_ls_shell.R_factor_R_free_error            0.0000 
_refine_ls_shell.R_factor_R_work                  0.2620 
_refine_ls_shell.redundancy_reflns_all            ? 
_refine_ls_shell.redundancy_reflns_obs            ? 
_refine_ls_shell.wR_factor_all                    ? 
_refine_ls_shell.wR_factor_obs                    ? 
_refine_ls_shell.wR_factor_R_free                 ? 
_refine_ls_shell.wR_factor_R_work                 ? 
_refine_ls_shell.pdbx_R_complete                  ? 
_refine_ls_shell.pdbx_total_number_of_bins_used   20 
_refine_ls_shell.pdbx_phase_error                 ? 
_refine_ls_shell.pdbx_fsc_work                    ? 
_refine_ls_shell.pdbx_fsc_free                    ? 
# 
_struct.entry_id                     7R1L 
_struct.title                        'Clostridium thermocellum CtCBM50 structure in complex with beta-1,4-GlcNAc trisaccharide' 
_struct.pdbx_model_details           ? 
_struct.pdbx_formula_weight          ? 
_struct.pdbx_formula_weight_method   ? 
_struct.pdbx_model_type_details      ? 
_struct.pdbx_CASP_flag               Y 
# 
_struct_keywords.entry_id        7R1L 
_struct_keywords.text            'CBM50, LysM, carbohydrate-binding, GlcNAc, SUGAR BINDING PROTEIN' 
_struct_keywords.pdbx_keywords   'SUGAR BINDING PROTEIN' 
# 
loop_
_struct_asym.id 
_struct_asym.pdbx_blank_PDB_chainid_flag 
_struct_asym.pdbx_modified 
_struct_asym.entity_id 
_struct_asym.details 
A N N 1 ? 
B N N 1 ? 
C N N 1 ? 
D N N 2 ? 
E N N 3 ? 
F N N 4 ? 
G N N 4 ? 
H N N 4 ? 
# 
_struct_ref.id                         1 
_struct_ref.db_name                    UNP 
_struct_ref.db_code                    A3DC59_ACET2 
_struct_ref.pdbx_db_accession          A3DC59 
_struct_ref.pdbx_db_isoform            ? 
_struct_ref.entity_id                  1 
_struct_ref.pdbx_seq_one_letter_code   YTVKPGDTMWKIAVKYQIGISEIIAANPQIKNPNLIYPGQKINIPNI 
_struct_ref.pdbx_align_begin           29 
# 
loop_
_struct_ref_seq.align_id 
_struct_ref_seq.ref_id 
_struct_ref_seq.pdbx_PDB_id_code 
_struct_ref_seq.pdbx_strand_id 
_struct_ref_seq.seq_align_beg 
_struct_ref_seq.pdbx_seq_align_beg_ins_code 
_struct_ref_seq.seq_align_end 
_struct_ref_seq.pdbx_seq_align_end_ins_code 
_struct_ref_seq.pdbx_db_accession 
_struct_ref_seq.db_align_beg 
_struct_ref_seq.pdbx_db_align_beg_ins_code 
_struct_ref_seq.db_align_end 
_struct_ref_seq.pdbx_db_align_end_ins_code 
_struct_ref_seq.pdbx_auth_seq_align_beg 
_struct_ref_seq.pdbx_auth_seq_align_end 
1 1 7R1L A 2 ? 48 ? A3DC59 29 ? 75 ? 2 48 
2 1 7R1L B 2 ? 48 ? A3DC59 29 ? 75 ? 2 48 
3 1 7R1L C 2 ? 48 ? A3DC59 29 ? 75 ? 2 48 
# 
loop_
_struct_ref_seq_dif.align_id 
_struct_ref_seq_dif.pdbx_pdb_id_code 
_struct_ref_seq_dif.mon_id 
_struct_ref_seq_dif.pdbx_pdb_strand_id 
_struct_ref_seq_dif.seq_num 
_struct_ref_seq_dif.pdbx_pdb_ins_code 
_struct_ref_seq_dif.pdbx_seq_db_name 
_struct_ref_seq_dif.pdbx_seq_db_accession_code 
_struct_ref_seq_dif.db_mon_id 
_struct_ref_seq_dif.pdbx_seq_db_seq_num 
_struct_ref_seq_dif.details 
_struct_ref_seq_dif.pdbx_auth_seq_num 
_struct_ref_seq_dif.pdbx_ordinal 
1 7R1L MET A 1  ? UNP A3DC59 ? ? 'initiating methionine' 1  1  
1 7R1L LEU A 49 ? UNP A3DC59 ? ? 'expression tag'        49 2  
1 7R1L GLU A 50 ? UNP A3DC59 ? ? 'expression tag'        50 3  
1 7R1L HIS A 51 ? UNP A3DC59 ? ? 'expression tag'        51 4  
1 7R1L HIS A 52 ? UNP A3DC59 ? ? 'expression tag'        52 5  
1 7R1L HIS A 53 ? UNP A3DC59 ? ? 'expression tag'        53 6  
1 7R1L HIS A 54 ? UNP A3DC59 ? ? 'expression tag'        54 7  
1 7R1L HIS A 55 ? UNP A3DC59 ? ? 'expression tag'        55 8  
1 7R1L HIS A 56 ? UNP A3DC59 ? ? 'expression tag'        56 9  
2 7R1L MET B 1  ? UNP A3DC59 ? ? 'initiating methionine' 1  10 
2 7R1L LEU B 49 ? UNP A3DC59 ? ? 'expression tag'        49 11 
2 7R1L GLU B 50 ? UNP A3DC59 ? ? 'expression tag'        50 12 
2 7R1L HIS B 51 ? UNP A3DC59 ? ? 'expression tag'        51 13 
2 7R1L HIS B 52 ? UNP A3DC59 ? ? 'expression tag'        52 14 
2 7R1L HIS B 53 ? UNP A3DC59 ? ? 'expression tag'        53 15 
2 7R1L HIS B 54 ? UNP A3DC59 ? ? 'expression tag'        54 16 
2 7R1L HIS B 55 ? UNP A3DC59 ? ? 'expression tag'        55 17 
2 7R1L HIS B 56 ? UNP A3DC59 ? ? 'expression tag'        56 18 
3 7R1L MET C 1  ? UNP A3DC59 ? ? 'initiating methionine' 1  19 
3 7R1L LEU C 49 ? UNP A3DC59 ? ? 'expression tag'        49 20 
3 7R1L GLU C 50 ? UNP A3DC59 ? ? 'expression tag'        50 21 
3 7R1L HIS C 51 ? UNP A3DC59 ? ? 'expression tag'        51 22 
3 7R1L HIS C 52 ? UNP A3DC59 ? ? 'expression tag'        52 23 
3 7R1L HIS C 53 ? UNP A3DC59 ? ? 'expression tag'        53 24 
3 7R1L HIS C 54 ? UNP A3DC59 ? ? 'expression tag'        54 25 
3 7R1L HIS C 55 ? UNP A3DC59 ? ? 'expression tag'        55 26 
3 7R1L HIS C 56 ? UNP A3DC59 ? ? 'expression tag'        56 27 
# 
_pdbx_struct_assembly.id                   1 
_pdbx_struct_assembly.details              author_defined_assembly 
_pdbx_struct_assembly.method_details       ? 
_pdbx_struct_assembly.oligomeric_details   trimeric 
_pdbx_struct_assembly.oligomeric_count     3 
# 
loop_
_pdbx_struct_assembly_prop.biol_id 
_pdbx_struct_assembly_prop.type 
_pdbx_struct_assembly_prop.value 
_pdbx_struct_assembly_prop.details 
1 'ABSA (A^2)' 3480 ? 
1 MORE         3    ? 
1 'SSA (A^2)'  7980 ? 
# 
_pdbx_struct_assembly_gen.assembly_id       1 
_pdbx_struct_assembly_gen.oper_expression   1 
_pdbx_struct_assembly_gen.asym_id_list      A,B,C,D,E,F,G,H 
# 
_pdbx_struct_assembly_auth_evidence.id                     1 
_pdbx_struct_assembly_auth_evidence.assembly_id            1 
_pdbx_struct_assembly_auth_evidence.experimental_support   'isothermal titration calorimetry' 
_pdbx_struct_assembly_auth_evidence.details                ? 
# 
_pdbx_struct_oper_list.id                   1 
_pdbx_struct_oper_list.type                 'identity operation' 
_pdbx_struct_oper_list.name                 1_555 
_pdbx_struct_oper_list.symmetry_operation   x,y,z 
_pdbx_struct_oper_list.matrix[1][1]         1.0000000000 
_pdbx_struct_oper_list.matrix[1][2]         0.0000000000 
_pdbx_struct_oper_list.matrix[1][3]         0.0000000000 
_pdbx_struct_oper_list.vector[1]            0.0000000000 
_pdbx_struct_oper_list.matrix[2][1]         0.0000000000 
_pdbx_struct_oper_list.matrix[2][2]         1.0000000000 
_pdbx_struct_oper_list.matrix[2][3]         0.0000000000 
_pdbx_struct_oper_list.vector[2]            0.0000000000 
_pdbx_struct_oper_list.matrix[3][1]         0.0000000000 
_pdbx_struct_oper_list.matrix[3][2]         0.0000000000 
_pdbx_struct_oper_list.matrix[3][3]         1.0000000000 
_pdbx_struct_oper_list.vector[3]            0.0000000000 
# 
loop_
_struct_conf.conf_type_id 
_struct_conf.id 
_struct_conf.pdbx_PDB_helix_id 
_struct_conf.beg_label_comp_id 
_struct_conf.beg_label_asym_id 
_struct_conf.beg_label_seq_id 
_struct_conf.pdbx_beg_PDB_ins_code 
_struct_conf.end_label_comp_id 
_struct_conf.end_label_asym_id 
_struct_conf.end_label_seq_id 
_struct_conf.pdbx_end_PDB_ins_code 
_struct_conf.beg_auth_comp_id 
_struct_conf.beg_auth_asym_id 
_struct_conf.beg_auth_seq_id 
_struct_conf.end_auth_comp_id 
_struct_conf.end_auth_asym_id 
_struct_conf.end_auth_seq_id 
_struct_conf.pdbx_PDB_helix_class 
_struct_conf.details 
_struct_conf.pdbx_PDB_helix_length 
HELX_P HELX_P1 AA1 THR A 9  ? GLN A 18 ? THR A 9  GLN A 18 1 ? 10 
HELX_P HELX_P2 AA2 GLY A 20 ? ALA A 27 ? GLY A 20 ALA A 27 1 ? 8  
HELX_P HELX_P3 AA3 THR B 9  ? TYR B 17 ? THR B 9  TYR B 17 1 ? 9  
HELX_P HELX_P4 AA4 GLY B 20 ? ALA B 27 ? GLY B 20 ALA B 27 1 ? 8  
HELX_P HELX_P5 AA5 THR C 9  ? GLN C 18 ? THR C 9  GLN C 18 1 ? 10 
HELX_P HELX_P6 AA6 GLY C 20 ? ALA C 27 ? GLY C 20 ALA C 27 1 ? 8  
HELX_P HELX_P7 AA7 ASN C 33 ? ILE C 37 ? ASN C 33 ILE C 37 5 ? 5  
# 
_struct_conf_type.id          HELX_P 
_struct_conf_type.criteria    ? 
_struct_conf_type.reference   ? 
# 
loop_
_struct_conn.id 
_struct_conn.conn_type_id 
_struct_conn.pdbx_leaving_atom_flag 
_struct_conn.pdbx_PDB_id 
_struct_conn.ptnr1_label_asym_id 
_struct_conn.ptnr1_label_comp_id 
_struct_conn.ptnr1_label_seq_id 
_struct_conn.ptnr1_label_atom_id 
_struct_conn.pdbx_ptnr1_label_alt_id 
_struct_conn.pdbx_ptnr1_PDB_ins_code 
_struct_conn.pdbx_ptnr1_standard_comp_id 
_struct_conn.ptnr1_symmetry 
_struct_conn.ptnr2_label_asym_id 
_struct_conn.ptnr2_label_comp_id 
_struct_conn.ptnr2_label_seq_id 
_struct_conn.ptnr2_label_atom_id 
_struct_conn.pdbx_ptnr2_label_alt_id 
_struct_conn.pdbx_ptnr2_PDB_ins_code 
_struct_conn.ptnr1_auth_asym_id 
_struct_conn.ptnr1_auth_comp_id 
_struct_conn.ptnr1_auth_seq_id 
_struct_conn.ptnr2_auth_asym_id 
_struct_conn.ptnr2_auth_comp_id 
_struct_conn.ptnr2_auth_seq_id 
_struct_conn.ptnr2_symmetry 
_struct_conn.pdbx_ptnr3_label_atom_id 
_struct_conn.pdbx_ptnr3_label_seq_id 
_struct_conn.pdbx_ptnr3_label_comp_id 
_struct_conn.pdbx_ptnr3_label_asym_id 
_struct_conn.pdbx_ptnr3_label_alt_id 
_struct_conn.pdbx_ptnr3_PDB_ins_code 
_struct_conn.details 
_struct_conn.pdbx_dist_value 
_struct_conn.pdbx_value_order 
_struct_conn.pdbx_role 
covale1 covale both ? D NAG . O4 ? ? ? 1_555 D NAG . C1 ? ? D NAG 1 D NAG 2 1_555 ? ? ? ? ? ? ? 1.434 ? ? 
covale2 covale both ? D NAG . O4 ? ? ? 1_555 D NAG . C1 ? ? D NAG 2 D NAG 3 1_555 ? ? ? ? ? ? ? 1.443 ? ? 
# 
_struct_conn_type.id          covale 
_struct_conn_type.criteria    ? 
_struct_conn_type.reference   ? 
# 
loop_
_struct_sheet.id 
_struct_sheet.type 
_struct_sheet.number_strands 
_struct_sheet.details 
AA1 ? 2 ? 
AA2 ? 2 ? 
AA3 ? 2 ? 
# 
loop_
_struct_sheet_order.sheet_id 
_struct_sheet_order.range_id_1 
_struct_sheet_order.range_id_2 
_struct_sheet_order.offset 
_struct_sheet_order.sense 
AA1 1 2 ? anti-parallel 
AA2 1 2 ? anti-parallel 
AA3 1 2 ? anti-parallel 
# 
loop_
_struct_sheet_range.sheet_id 
_struct_sheet_range.id 
_struct_sheet_range.beg_label_comp_id 
_struct_sheet_range.beg_label_asym_id 
_struct_sheet_range.beg_label_seq_id 
_struct_sheet_range.pdbx_beg_PDB_ins_code 
_struct_sheet_range.end_label_comp_id 
_struct_sheet_range.end_label_asym_id 
_struct_sheet_range.end_label_seq_id 
_struct_sheet_range.pdbx_end_PDB_ins_code 
_struct_sheet_range.beg_auth_comp_id 
_struct_sheet_range.beg_auth_asym_id 
_struct_sheet_range.beg_auth_seq_id 
_struct_sheet_range.end_auth_comp_id 
_struct_sheet_range.end_auth_asym_id 
_struct_sheet_range.end_auth_seq_id 
AA1 1 TYR A 2  ? THR A 3  ? TYR A 2  THR A 3  
AA1 2 LYS A 42 ? ILE A 43 ? LYS A 42 ILE A 43 
AA2 1 TYR B 2  ? THR B 3  ? TYR B 2  THR B 3  
AA2 2 LYS B 42 ? ILE B 43 ? LYS B 42 ILE B 43 
AA3 1 TYR C 2  ? THR C 3  ? TYR C 2  THR C 3  
AA3 2 LYS C 42 ? ILE C 43 ? LYS C 42 ILE C 43 
# 
loop_
_pdbx_struct_sheet_hbond.sheet_id 
_pdbx_struct_sheet_hbond.range_id_1 
_pdbx_struct_sheet_hbond.range_id_2 
_pdbx_struct_sheet_hbond.range_1_label_atom_id 
_pdbx_struct_sheet_hbond.range_1_label_comp_id 
_pdbx_struct_sheet_hbond.range_1_label_asym_id 
_pdbx_struct_sheet_hbond.range_1_label_seq_id 
_pdbx_struct_sheet_hbond.range_1_PDB_ins_code 
_pdbx_struct_sheet_hbond.range_1_auth_atom_id 
_pdbx_struct_sheet_hbond.range_1_auth_comp_id 
_pdbx_struct_sheet_hbond.range_1_auth_asym_id 
_pdbx_struct_sheet_hbond.range_1_auth_seq_id 
_pdbx_struct_sheet_hbond.range_2_label_atom_id 
_pdbx_struct_sheet_hbond.range_2_label_comp_id 
_pdbx_struct_sheet_hbond.range_2_label_asym_id 
_pdbx_struct_sheet_hbond.range_2_label_seq_id 
_pdbx_struct_sheet_hbond.range_2_PDB_ins_code 
_pdbx_struct_sheet_hbond.range_2_auth_atom_id 
_pdbx_struct_sheet_hbond.range_2_auth_comp_id 
_pdbx_struct_sheet_hbond.range_2_auth_asym_id 
_pdbx_struct_sheet_hbond.range_2_auth_seq_id 
AA1 1 2 N TYR A 2 ? N TYR A 2 O ILE A 43 ? O ILE A 43 
AA2 1 2 N TYR B 2 ? N TYR B 2 O ILE B 43 ? O ILE B 43 
AA3 1 2 N TYR C 2 ? N TYR C 2 O ILE C 43 ? O ILE C 43 
# 
_pdbx_validate_close_contact.id               1 
_pdbx_validate_close_contact.PDB_model_num    1 
_pdbx_validate_close_contact.auth_atom_id_1   OE1 
_pdbx_validate_close_contact.auth_asym_id_1   B 
_pdbx_validate_close_contact.auth_comp_id_1   GLU 
_pdbx_validate_close_contact.auth_seq_id_1    23 
_pdbx_validate_close_contact.PDB_ins_code_1   ? 
_pdbx_validate_close_contact.label_alt_id_1   ? 
_pdbx_validate_close_contact.auth_atom_id_2   O 
_pdbx_validate_close_contact.auth_asym_id_2   B 
_pdbx_validate_close_contact.auth_comp_id_2   HOH 
_pdbx_validate_close_contact.auth_seq_id_2    101 
_pdbx_validate_close_contact.PDB_ins_code_2   ? 
_pdbx_validate_close_contact.label_alt_id_2   ? 
_pdbx_validate_close_contact.dist             2.15 
# 
_pdbx_validate_symm_contact.id                1 
_pdbx_validate_symm_contact.PDB_model_num     1 
_pdbx_validate_symm_contact.auth_atom_id_1    OG 
_pdbx_validate_symm_contact.auth_asym_id_1    A 
_pdbx_validate_symm_contact.auth_comp_id_1    SER 
_pdbx_validate_symm_contact.auth_seq_id_1     22 
_pdbx_validate_symm_contact.PDB_ins_code_1    ? 
_pdbx_validate_symm_contact.label_alt_id_1    ? 
_pdbx_validate_symm_contact.site_symmetry_1   1_555 
_pdbx_validate_symm_contact.auth_atom_id_2    CE 
_pdbx_validate_symm_contact.auth_asym_id_2    C 
_pdbx_validate_symm_contact.auth_comp_id_2    MET 
_pdbx_validate_symm_contact.auth_seq_id_2     1 
_pdbx_validate_symm_contact.PDB_ins_code_2    ? 
_pdbx_validate_symm_contact.label_alt_id_2    ? 
_pdbx_validate_symm_contact.site_symmetry_2   2_656 
_pdbx_validate_symm_contact.dist              1.97 
# 
loop_
_pdbx_validate_rmsd_bond.id 
_pdbx_validate_rmsd_bond.PDB_model_num 
_pdbx_validate_rmsd_bond.auth_atom_id_1 
_pdbx_validate_rmsd_bond.auth_asym_id_1 
_pdbx_validate_rmsd_bond.auth_comp_id_1 
_pdbx_validate_rmsd_bond.auth_seq_id_1 
_pdbx_validate_rmsd_bond.PDB_ins_code_1 
_pdbx_validate_rmsd_bond.label_alt_id_1 
_pdbx_validate_rmsd_bond.auth_atom_id_2 
_pdbx_validate_rmsd_bond.auth_asym_id_2 
_pdbx_validate_rmsd_bond.auth_comp_id_2 
_pdbx_validate_rmsd_bond.auth_seq_id_2 
_pdbx_validate_rmsd_bond.PDB_ins_code_2 
_pdbx_validate_rmsd_bond.label_alt_id_2 
_pdbx_validate_rmsd_bond.bond_value 
_pdbx_validate_rmsd_bond.bond_target_value 
_pdbx_validate_rmsd_bond.bond_deviation 
_pdbx_validate_rmsd_bond.bond_standard_deviation 
_pdbx_validate_rmsd_bond.linker_flag 
1 1 CE1 A TYR 38 ? ? CZ A TYR 38 ? ? 1.460 1.381 0.079 0.013 N 
2 1 N   B GLY 7  ? ? CA B GLY 7  ? ? 1.650 1.456 0.194 0.015 N 
# 
loop_
_pdbx_validate_rmsd_angle.id 
_pdbx_validate_rmsd_angle.PDB_model_num 
_pdbx_validate_rmsd_angle.auth_atom_id_1 
_pdbx_validate_rmsd_angle.auth_asym_id_1 
_pdbx_validate_rmsd_angle.auth_comp_id_1 
_pdbx_validate_rmsd_angle.auth_seq_id_1 
_pdbx_validate_rmsd_angle.PDB_ins_code_1 
_pdbx_validate_rmsd_angle.label_alt_id_1 
_pdbx_validate_rmsd_angle.auth_atom_id_2 
_pdbx_validate_rmsd_angle.auth_asym_id_2 
_pdbx_validate_rmsd_angle.auth_comp_id_2 
_pdbx_validate_rmsd_angle.auth_seq_id_2 
_pdbx_validate_rmsd_angle.PDB_ins_code_2 
_pdbx_validate_rmsd_angle.label_alt_id_2 
_pdbx_validate_rmsd_angle.auth_atom_id_3 
_pdbx_validate_rmsd_angle.auth_asym_id_3 
_pdbx_validate_rmsd_angle.auth_comp_id_3 
_pdbx_validate_rmsd_angle.auth_seq_id_3 
_pdbx_validate_rmsd_angle.PDB_ins_code_3 
_pdbx_validate_rmsd_angle.label_alt_id_3 
_pdbx_validate_rmsd_angle.angle_value 
_pdbx_validate_rmsd_angle.angle_target_value 
_pdbx_validate_rmsd_angle.angle_deviation 
_pdbx_validate_rmsd_angle.angle_standard_deviation 
_pdbx_validate_rmsd_angle.linker_flag 
1 1 CB A TYR 17 ? ? CG  A TYR 17 ? ? CD1 A TYR 17 ? ? 115.60 121.00 -5.40  0.60 N 
2 1 CZ A TYR 17 ? ? CE2 A TYR 17 ? ? CD2 A TYR 17 ? ? 114.02 119.80 -5.78  0.90 N 
3 1 C  B PRO 6  ? ? N   B GLY 7  ? ? CA  B GLY 7  ? ? 100.47 122.30 -21.83 2.10 Y 
# 
_pdbx_molecule_features.prd_id    PRD_900017 
_pdbx_molecule_features.name      triacetyl-beta-chitotriose 
_pdbx_molecule_features.type      Oligosaccharide 
_pdbx_molecule_features.class     Inhibitor 
_pdbx_molecule_features.details   oligosaccharide 
# 
_pdbx_molecule.instance_id   1 
_pdbx_molecule.prd_id        PRD_900017 
_pdbx_molecule.asym_id       D 
# 
_pdbx_struct_special_symmetry.id              1 
_pdbx_struct_special_symmetry.PDB_model_num   1 
_pdbx_struct_special_symmetry.auth_asym_id    C 
_pdbx_struct_special_symmetry.auth_comp_id    HOH 
_pdbx_struct_special_symmetry.auth_seq_id     222 
_pdbx_struct_special_symmetry.PDB_ins_code    ? 
_pdbx_struct_special_symmetry.label_asym_id   H 
_pdbx_struct_special_symmetry.label_comp_id   HOH 
_pdbx_struct_special_symmetry.label_seq_id    . 
# 
_pdbx_entry_details.entry_id                 7R1L 
_pdbx_entry_details.has_ligand_of_interest   Y 
_pdbx_entry_details.compound_details         ? 
_pdbx_entry_details.source_details           ? 
_pdbx_entry_details.nonpolymer_details       ? 
_pdbx_entry_details.sequence_details         ? 
# 
loop_
_pdbx_unobs_or_zero_occ_residues.id 
_pdbx_unobs_or_zero_occ_residues.PDB_model_num 
_pdbx_unobs_or_zero_occ_residues.polymer_flag 
_pdbx_unobs_or_zero_occ_residues.occupancy_flag 
_pdbx_unobs_or_zero_occ_residues.auth_asym_id 
_pdbx_unobs_or_zero_occ_residues.auth_comp_id 
_pdbx_unobs_or_zero_occ_residues.auth_seq_id 
_pdbx_unobs_or_zero_occ_residues.PDB_ins_code 
_pdbx_unobs_or_zero_occ_residues.label_asym_id 
_pdbx_unobs_or_zero_occ_residues.label_comp_id 
_pdbx_unobs_or_zero_occ_residues.label_seq_id 
1  1 Y 1 A ASN 47 ? A ASN 47 
2  1 Y 1 A ILE 48 ? A ILE 48 
3  1 Y 1 A LEU 49 ? A LEU 49 
4  1 Y 1 A GLU 50 ? A GLU 50 
5  1 Y 1 A HIS 51 ? A HIS 51 
6  1 Y 1 A HIS 52 ? A HIS 52 
7  1 Y 1 A HIS 53 ? A HIS 53 
8  1 Y 1 A HIS 54 ? A HIS 54 
9  1 Y 1 A HIS 55 ? A HIS 55 
10 1 Y 1 A HIS 56 ? A HIS 56 
11 1 Y 1 B ASN 47 ? B ASN 47 
12 1 Y 1 B ILE 48 ? B ILE 48 
13 1 Y 1 B LEU 49 ? B LEU 49 
14 1 Y 1 B GLU 50 ? B GLU 50 
15 1 Y 1 B HIS 51 ? B HIS 51 
16 1 Y 1 B HIS 52 ? B HIS 52 
17 1 Y 1 B HIS 53 ? B HIS 53 
18 1 Y 1 B HIS 54 ? B HIS 54 
19 1 Y 1 B HIS 55 ? B HIS 55 
20 1 Y 1 B HIS 56 ? B HIS 56 
21 1 Y 1 C ILE 48 ? C ILE 48 
22 1 Y 1 C LEU 49 ? C LEU 49 
23 1 Y 1 C GLU 50 ? C GLU 50 
24 1 Y 1 C HIS 51 ? C HIS 51 
25 1 Y 1 C HIS 52 ? C HIS 52 
26 1 Y 1 C HIS 53 ? C HIS 53 
27 1 Y 1 C HIS 54 ? C HIS 54 
28 1 Y 1 C HIS 55 ? C HIS 55 
29 1 Y 1 C HIS 56 ? C HIS 56 
# 
loop_
_chem_comp_atom.comp_id 
_chem_comp_atom.atom_id 
_chem_comp_atom.type_symbol 
_chem_comp_atom.pdbx_aromatic_flag 
_chem_comp_atom.pdbx_stereo_config 
_chem_comp_atom.pdbx_ordinal 
ACT C    C N N 1   
ACT O    O N N 2   
ACT OXT  O N N 3   
ACT CH3  C N N 4   
ACT H1   H N N 5   
ACT H2   H N N 6   
ACT H3   H N N 7   
ALA N    N N N 8   
ALA CA   C N S 9   
ALA C    C N N 10  
ALA O    O N N 11  
ALA CB   C N N 12  
ALA OXT  O N N 13  
ALA H    H N N 14  
ALA H2   H N N 15  
ALA HA   H N N 16  
ALA HB1  H N N 17  
ALA HB2  H N N 18  
ALA HB3  H N N 19  
ALA HXT  H N N 20  
ASN N    N N N 21  
ASN CA   C N S 22  
ASN C    C N N 23  
ASN O    O N N 24  
ASN CB   C N N 25  
ASN CG   C N N 26  
ASN OD1  O N N 27  
ASN ND2  N N N 28  
ASN OXT  O N N 29  
ASN H    H N N 30  
ASN H2   H N N 31  
ASN HA   H N N 32  
ASN HB2  H N N 33  
ASN HB3  H N N 34  
ASN HD21 H N N 35  
ASN HD22 H N N 36  
ASN HXT  H N N 37  
ASP N    N N N 38  
ASP CA   C N S 39  
ASP C    C N N 40  
ASP O    O N N 41  
ASP CB   C N N 42  
ASP CG   C N N 43  
ASP OD1  O N N 44  
ASP OD2  O N N 45  
ASP OXT  O N N 46  
ASP H    H N N 47  
ASP H2   H N N 48  
ASP HA   H N N 49  
ASP HB2  H N N 50  
ASP HB3  H N N 51  
ASP HD2  H N N 52  
ASP HXT  H N N 53  
GLN N    N N N 54  
GLN CA   C N S 55  
GLN C    C N N 56  
GLN O    O N N 57  
GLN CB   C N N 58  
GLN CG   C N N 59  
GLN CD   C N N 60  
GLN OE1  O N N 61  
GLN NE2  N N N 62  
GLN OXT  O N N 63  
GLN H    H N N 64  
GLN H2   H N N 65  
GLN HA   H N N 66  
GLN HB2  H N N 67  
GLN HB3  H N N 68  
GLN HG2  H N N 69  
GLN HG3  H N N 70  
GLN HE21 H N N 71  
GLN HE22 H N N 72  
GLN HXT  H N N 73  
GLU N    N N N 74  
GLU CA   C N S 75  
GLU C    C N N 76  
GLU O    O N N 77  
GLU CB   C N N 78  
GLU CG   C N N 79  
GLU CD   C N N 80  
GLU OE1  O N N 81  
GLU OE2  O N N 82  
GLU OXT  O N N 83  
GLU H    H N N 84  
GLU H2   H N N 85  
GLU HA   H N N 86  
GLU HB2  H N N 87  
GLU HB3  H N N 88  
GLU HG2  H N N 89  
GLU HG3  H N N 90  
GLU HE2  H N N 91  
GLU HXT  H N N 92  
GLY N    N N N 93  
GLY CA   C N N 94  
GLY C    C N N 95  
GLY O    O N N 96  
GLY OXT  O N N 97  
GLY H    H N N 98  
GLY H2   H N N 99  
GLY HA2  H N N 100 
GLY HA3  H N N 101 
GLY HXT  H N N 102 
HIS N    N N N 103 
HIS CA   C N S 104 
HIS C    C N N 105 
HIS O    O N N 106 
HIS CB   C N N 107 
HIS CG   C Y N 108 
HIS ND1  N Y N 109 
HIS CD2  C Y N 110 
HIS CE1  C Y N 111 
HIS NE2  N Y N 112 
HIS OXT  O N N 113 
HIS H    H N N 114 
HIS H2   H N N 115 
HIS HA   H N N 116 
HIS HB2  H N N 117 
HIS HB3  H N N 118 
HIS HD1  H N N 119 
HIS HD2  H N N 120 
HIS HE1  H N N 121 
HIS HE2  H N N 122 
HIS HXT  H N N 123 
HOH O    O N N 124 
HOH H1   H N N 125 
HOH H2   H N N 126 
ILE N    N N N 127 
ILE CA   C N S 128 
ILE C    C N N 129 
ILE O    O N N 130 
ILE CB   C N S 131 
ILE CG1  C N N 132 
ILE CG2  C N N 133 
ILE CD1  C N N 134 
ILE OXT  O N N 135 
ILE H    H N N 136 
ILE H2   H N N 137 
ILE HA   H N N 138 
ILE HB   H N N 139 
ILE HG12 H N N 140 
ILE HG13 H N N 141 
ILE HG21 H N N 142 
ILE HG22 H N N 143 
ILE HG23 H N N 144 
ILE HD11 H N N 145 
ILE HD12 H N N 146 
ILE HD13 H N N 147 
ILE HXT  H N N 148 
LEU N    N N N 149 
LEU CA   C N S 150 
LEU C    C N N 151 
LEU O    O N N 152 
LEU CB   C N N 153 
LEU CG   C N N 154 
LEU CD1  C N N 155 
LEU CD2  C N N 156 
LEU OXT  O N N 157 
LEU H    H N N 158 
LEU H2   H N N 159 
LEU HA   H N N 160 
LEU HB2  H N N 161 
LEU HB3  H N N 162 
LEU HG   H N N 163 
LEU HD11 H N N 164 
LEU HD12 H N N 165 
LEU HD13 H N N 166 
LEU HD21 H N N 167 
LEU HD22 H N N 168 
LEU HD23 H N N 169 
LEU HXT  H N N 170 
LYS N    N N N 171 
LYS CA   C N S 172 
LYS C    C N N 173 
LYS O    O N N 174 
LYS CB   C N N 175 
LYS CG   C N N 176 
LYS CD   C N N 177 
LYS CE   C N N 178 
LYS NZ   N N N 179 
LYS OXT  O N N 180 
LYS H    H N N 181 
LYS H2   H N N 182 
LYS HA   H N N 183 
LYS HB2  H N N 184 
LYS HB3  H N N 185 
LYS HG2  H N N 186 
LYS HG3  H N N 187 
LYS HD2  H N N 188 
LYS HD3  H N N 189 
LYS HE2  H N N 190 
LYS HE3  H N N 191 
LYS HZ1  H N N 192 
LYS HZ2  H N N 193 
LYS HZ3  H N N 194 
LYS HXT  H N N 195 
MET N    N N N 196 
MET CA   C N S 197 
MET C    C N N 198 
MET O    O N N 199 
MET CB   C N N 200 
MET CG   C N N 201 
MET SD   S N N 202 
MET CE   C N N 203 
MET OXT  O N N 204 
MET H    H N N 205 
MET H2   H N N 206 
MET HA   H N N 207 
MET HB2  H N N 208 
MET HB3  H N N 209 
MET HG2  H N N 210 
MET HG3  H N N 211 
MET HE1  H N N 212 
MET HE2  H N N 213 
MET HE3  H N N 214 
MET HXT  H N N 215 
NAG C1   C N R 216 
NAG C2   C N R 217 
NAG C3   C N R 218 
NAG C4   C N S 219 
NAG C5   C N R 220 
NAG C6   C N N 221 
NAG C7   C N N 222 
NAG C8   C N N 223 
NAG N2   N N N 224 
NAG O1   O N N 225 
NAG O3   O N N 226 
NAG O4   O N N 227 
NAG O5   O N N 228 
NAG O6   O N N 229 
NAG O7   O N N 230 
NAG H1   H N N 231 
NAG H2   H N N 232 
NAG H3   H N N 233 
NAG H4   H N N 234 
NAG H5   H N N 235 
NAG H61  H N N 236 
NAG H62  H N N 237 
NAG H81  H N N 238 
NAG H82  H N N 239 
NAG H83  H N N 240 
NAG HN2  H N N 241 
NAG HO1  H N N 242 
NAG HO3  H N N 243 
NAG HO4  H N N 244 
NAG HO6  H N N 245 
PRO N    N N N 246 
PRO CA   C N S 247 
PRO C    C N N 248 
PRO O    O N N 249 
PRO CB   C N N 250 
PRO CG   C N N 251 
PRO CD   C N N 252 
PRO OXT  O N N 253 
PRO H    H N N 254 
PRO HA   H N N 255 
PRO HB2  H N N 256 
PRO HB3  H N N 257 
PRO HG2  H N N 258 
PRO HG3  H N N 259 
PRO HD2  H N N 260 
PRO HD3  H N N 261 
PRO HXT  H N N 262 
SER N    N N N 263 
SER CA   C N S 264 
SER C    C N N 265 
SER O    O N N 266 
SER CB   C N N 267 
SER OG   O N N 268 
SER OXT  O N N 269 
SER H    H N N 270 
SER H2   H N N 271 
SER HA   H N N 272 
SER HB2  H N N 273 
SER HB3  H N N 274 
SER HG   H N N 275 
SER HXT  H N N 276 
THR N    N N N 277 
THR CA   C N S 278 
THR C    C N N 279 
THR O    O N N 280 
THR CB   C N R 281 
THR OG1  O N N 282 
THR CG2  C N N 283 
THR OXT  O N N 284 
THR H    H N N 285 
THR H2   H N N 286 
THR HA   H N N 287 
THR HB   H N N 288 
THR HG1  H N N 289 
THR HG21 H N N 290 
THR HG22 H N N 291 
THR HG23 H N N 292 
THR HXT  H N N 293 
TRP N    N N N 294 
TRP CA   C N S 295 
TRP C    C N N 296 
TRP O    O N N 297 
TRP CB   C N N 298 
TRP CG   C Y N 299 
TRP CD1  C Y N 300 
TRP CD2  C Y N 301 
TRP NE1  N Y N 302 
TRP CE2  C Y N 303 
TRP CE3  C Y N 304 
TRP CZ2  C Y N 305 
TRP CZ3  C Y N 306 
TRP CH2  C Y N 307 
TRP OXT  O N N 308 
TRP H    H N N 309 
TRP H2   H N N 310 
TRP HA   H N N 311 
TRP HB2  H N N 312 
TRP HB3  H N N 313 
TRP HD1  H N N 314 
TRP HE1  H N N 315 
TRP HE3  H N N 316 
TRP HZ2  H N N 317 
TRP HZ3  H N N 318 
TRP HH2  H N N 319 
TRP HXT  H N N 320 
TYR N    N N N 321 
TYR CA   C N S 322 
TYR C    C N N 323 
TYR O    O N N 324 
TYR CB   C N N 325 
TYR CG   C Y N 326 
TYR CD1  C Y N 327 
TYR CD2  C Y N 328 
TYR CE1  C Y N 329 
TYR CE2  C Y N 330 
TYR CZ   C Y N 331 
TYR OH   O N N 332 
TYR OXT  O N N 333 
TYR H    H N N 334 
TYR H2   H N N 335 
TYR HA   H N N 336 
TYR HB2  H N N 337 
TYR HB3  H N N 338 
TYR HD1  H N N 339 
TYR HD2  H N N 340 
TYR HE1  H N N 341 
TYR HE2  H N N 342 
TYR HH   H N N 343 
TYR HXT  H N N 344 
VAL N    N N N 345 
VAL CA   C N S 346 
VAL C    C N N 347 
VAL O    O N N 348 
VAL CB   C N N 349 
VAL CG1  C N N 350 
VAL CG2  C N N 351 
VAL OXT  O N N 352 
VAL H    H N N 353 
VAL H2   H N N 354 
VAL HA   H N N 355 
VAL HB   H N N 356 
VAL HG11 H N N 357 
VAL HG12 H N N 358 
VAL HG13 H N N 359 
VAL HG21 H N N 360 
VAL HG22 H N N 361 
VAL HG23 H N N 362 
VAL HXT  H N N 363 
# 
loop_
_chem_comp_bond.comp_id 
_chem_comp_bond.atom_id_1 
_chem_comp_bond.atom_id_2 
_chem_comp_bond.value_order 
_chem_comp_bond.pdbx_aromatic_flag 
_chem_comp_bond.pdbx_stereo_config 
_chem_comp_bond.pdbx_ordinal 
ACT C   O    doub N N 1   
ACT C   OXT  sing N N 2   
ACT C   CH3  sing N N 3   
ACT CH3 H1   sing N N 4   
ACT CH3 H2   sing N N 5   
ACT CH3 H3   sing N N 6   
ALA N   CA   sing N N 7   
ALA N   H    sing N N 8   
ALA N   H2   sing N N 9   
ALA CA  C    sing N N 10  
ALA CA  CB   sing N N 11  
ALA CA  HA   sing N N 12  
ALA C   O    doub N N 13  
ALA C   OXT  sing N N 14  
ALA CB  HB1  sing N N 15  
ALA CB  HB2  sing N N 16  
ALA CB  HB3  sing N N 17  
ALA OXT HXT  sing N N 18  
ASN N   CA   sing N N 19  
ASN N   H    sing N N 20  
ASN N   H2   sing N N 21  
ASN CA  C    sing N N 22  
ASN CA  CB   sing N N 23  
ASN CA  HA   sing N N 24  
ASN C   O    doub N N 25  
ASN C   OXT  sing N N 26  
ASN CB  CG   sing N N 27  
ASN CB  HB2  sing N N 28  
ASN CB  HB3  sing N N 29  
ASN CG  OD1  doub N N 30  
ASN CG  ND2  sing N N 31  
ASN ND2 HD21 sing N N 32  
ASN ND2 HD22 sing N N 33  
ASN OXT HXT  sing N N 34  
ASP N   CA   sing N N 35  
ASP N   H    sing N N 36  
ASP N   H2   sing N N 37  
ASP CA  C    sing N N 38  
ASP CA  CB   sing N N 39  
ASP CA  HA   sing N N 40  
ASP C   O    doub N N 41  
ASP C   OXT  sing N N 42  
ASP CB  CG   sing N N 43  
ASP CB  HB2  sing N N 44  
ASP CB  HB3  sing N N 45  
ASP CG  OD1  doub N N 46  
ASP CG  OD2  sing N N 47  
ASP OD2 HD2  sing N N 48  
ASP OXT HXT  sing N N 49  
GLN N   CA   sing N N 50  
GLN N   H    sing N N 51  
GLN N   H2   sing N N 52  
GLN CA  C    sing N N 53  
GLN CA  CB   sing N N 54  
GLN CA  HA   sing N N 55  
GLN C   O    doub N N 56  
GLN C   OXT  sing N N 57  
GLN CB  CG   sing N N 58  
GLN CB  HB2  sing N N 59  
GLN CB  HB3  sing N N 60  
GLN CG  CD   sing N N 61  
GLN CG  HG2  sing N N 62  
GLN CG  HG3  sing N N 63  
GLN CD  OE1  doub N N 64  
GLN CD  NE2  sing N N 65  
GLN NE2 HE21 sing N N 66  
GLN NE2 HE22 sing N N 67  
GLN OXT HXT  sing N N 68  
GLU N   CA   sing N N 69  
GLU N   H    sing N N 70  
GLU N   H2   sing N N 71  
GLU CA  C    sing N N 72  
GLU CA  CB   sing N N 73  
GLU CA  HA   sing N N 74  
GLU C   O    doub N N 75  
GLU C   OXT  sing N N 76  
GLU CB  CG   sing N N 77  
GLU CB  HB2  sing N N 78  
GLU CB  HB3  sing N N 79  
GLU CG  CD   sing N N 80  
GLU CG  HG2  sing N N 81  
GLU CG  HG3  sing N N 82  
GLU CD  OE1  doub N N 83  
GLU CD  OE2  sing N N 84  
GLU OE2 HE2  sing N N 85  
GLU OXT HXT  sing N N 86  
GLY N   CA   sing N N 87  
GLY N   H    sing N N 88  
GLY N   H2   sing N N 89  
GLY CA  C    sing N N 90  
GLY CA  HA2  sing N N 91  
GLY CA  HA3  sing N N 92  
GLY C   O    doub N N 93  
GLY C   OXT  sing N N 94  
GLY OXT HXT  sing N N 95  
HIS N   CA   sing N N 96  
HIS N   H    sing N N 97  
HIS N   H2   sing N N 98  
HIS CA  C    sing N N 99  
HIS CA  CB   sing N N 100 
HIS CA  HA   sing N N 101 
HIS C   O    doub N N 102 
HIS C   OXT  sing N N 103 
HIS CB  CG   sing N N 104 
HIS CB  HB2  sing N N 105 
HIS CB  HB3  sing N N 106 
HIS CG  ND1  sing Y N 107 
HIS CG  CD2  doub Y N 108 
HIS ND1 CE1  doub Y N 109 
HIS ND1 HD1  sing N N 110 
HIS CD2 NE2  sing Y N 111 
HIS CD2 HD2  sing N N 112 
HIS CE1 NE2  sing Y N 113 
HIS CE1 HE1  sing N N 114 
HIS NE2 HE2  sing N N 115 
HIS OXT HXT  sing N N 116 
HOH O   H1   sing N N 117 
HOH O   H2   sing N N 118 
ILE N   CA   sing N N 119 
ILE N   H    sing N N 120 
ILE N   H2   sing N N 121 
ILE CA  C    sing N N 122 
ILE CA  CB   sing N N 123 
ILE CA  HA   sing N N 124 
ILE C   O    doub N N 125 
ILE C   OXT  sing N N 126 
ILE CB  CG1  sing N N 127 
ILE CB  CG2  sing N N 128 
ILE CB  HB   sing N N 129 
ILE CG1 CD1  sing N N 130 
ILE CG1 HG12 sing N N 131 
ILE CG1 HG13 sing N N 132 
ILE CG2 HG21 sing N N 133 
ILE CG2 HG22 sing N N 134 
ILE CG2 HG23 sing N N 135 
ILE CD1 HD11 sing N N 136 
ILE CD1 HD12 sing N N 137 
ILE CD1 HD13 sing N N 138 
ILE OXT HXT  sing N N 139 
LEU N   CA   sing N N 140 
LEU N   H    sing N N 141 
LEU N   H2   sing N N 142 
LEU CA  C    sing N N 143 
LEU CA  CB   sing N N 144 
LEU CA  HA   sing N N 145 
LEU C   O    doub N N 146 
LEU C   OXT  sing N N 147 
LEU CB  CG   sing N N 148 
LEU CB  HB2  sing N N 149 
LEU CB  HB3  sing N N 150 
LEU CG  CD1  sing N N 151 
LEU CG  CD2  sing N N 152 
LEU CG  HG   sing N N 153 
LEU CD1 HD11 sing N N 154 
LEU CD1 HD12 sing N N 155 
LEU CD1 HD13 sing N N 156 
LEU CD2 HD21 sing N N 157 
LEU CD2 HD22 sing N N 158 
LEU CD2 HD23 sing N N 159 
LEU OXT HXT  sing N N 160 
LYS N   CA   sing N N 161 
LYS N   H    sing N N 162 
LYS N   H2   sing N N 163 
LYS CA  C    sing N N 164 
LYS CA  CB   sing N N 165 
LYS CA  HA   sing N N 166 
LYS C   O    doub N N 167 
LYS C   OXT  sing N N 168 
LYS CB  CG   sing N N 169 
LYS CB  HB2  sing N N 170 
LYS CB  HB3  sing N N 171 
LYS CG  CD   sing N N 172 
LYS CG  HG2  sing N N 173 
LYS CG  HG3  sing N N 174 
LYS CD  CE   sing N N 175 
LYS CD  HD2  sing N N 176 
LYS CD  HD3  sing N N 177 
LYS CE  NZ   sing N N 178 
LYS CE  HE2  sing N N 179 
LYS CE  HE3  sing N N 180 
LYS NZ  HZ1  sing N N 181 
LYS NZ  HZ2  sing N N 182 
LYS NZ  HZ3  sing N N 183 
LYS OXT HXT  sing N N 184 
MET N   CA   sing N N 185 
MET N   H    sing N N 186 
MET N   H2   sing N N 187 
MET CA  C    sing N N 188 
MET CA  CB   sing N N 189 
MET CA  HA   sing N N 190 
MET C   O    doub N N 191 
MET C   OXT  sing N N 192 
MET CB  CG   sing N N 193 
MET CB  HB2  sing N N 194 
MET CB  HB3  sing N N 195 
MET CG  SD   sing N N 196 
MET CG  HG2  sing N N 197 
MET CG  HG3  sing N N 198 
MET SD  CE   sing N N 199 
MET CE  HE1  sing N N 200 
MET CE  HE2  sing N N 201 
MET CE  HE3  sing N N 202 
MET OXT HXT  sing N N 203 
NAG C1  C2   sing N N 204 
NAG C1  O1   sing N N 205 
NAG C1  O5   sing N N 206 
NAG C1  H1   sing N N 207 
NAG C2  C3   sing N N 208 
NAG C2  N2   sing N N 209 
NAG C2  H2   sing N N 210 
NAG C3  C4   sing N N 211 
NAG C3  O3   sing N N 212 
NAG C3  H3   sing N N 213 
NAG C4  C5   sing N N 214 
NAG C4  O4   sing N N 215 
NAG C4  H4   sing N N 216 
NAG C5  C6   sing N N 217 
NAG C5  O5   sing N N 218 
NAG C5  H5   sing N N 219 
NAG C6  O6   sing N N 220 
NAG C6  H61  sing N N 221 
NAG C6  H62  sing N N 222 
NAG C7  C8   sing N N 223 
NAG C7  N2   sing N N 224 
NAG C7  O7   doub N N 225 
NAG C8  H81  sing N N 226 
NAG C8  H82  sing N N 227 
NAG C8  H83  sing N N 228 
NAG N2  HN2  sing N N 229 
NAG O1  HO1  sing N N 230 
NAG O3  HO3  sing N N 231 
NAG O4  HO4  sing N N 232 
NAG O6  HO6  sing N N 233 
PRO N   CA   sing N N 234 
PRO N   CD   sing N N 235 
PRO N   H    sing N N 236 
PRO CA  C    sing N N 237 
PRO CA  CB   sing N N 238 
PRO CA  HA   sing N N 239 
PRO C   O    doub N N 240 
PRO C   OXT  sing N N 241 
PRO CB  CG   sing N N 242 
PRO CB  HB2  sing N N 243 
PRO CB  HB3  sing N N 244 
PRO CG  CD   sing N N 245 
PRO CG  HG2  sing N N 246 
PRO CG  HG3  sing N N 247 
PRO CD  HD2  sing N N 248 
PRO CD  HD3  sing N N 249 
PRO OXT HXT  sing N N 250 
SER N   CA   sing N N 251 
SER N   H    sing N N 252 
SER N   H2   sing N N 253 
SER CA  C    sing N N 254 
SER CA  CB   sing N N 255 
SER CA  HA   sing N N 256 
SER C   O    doub N N 257 
SER C   OXT  sing N N 258 
SER CB  OG   sing N N 259 
SER CB  HB2  sing N N 260 
SER CB  HB3  sing N N 261 
SER OG  HG   sing N N 262 
SER OXT HXT  sing N N 263 
THR N   CA   sing N N 264 
THR N   H    sing N N 265 
THR N   H2   sing N N 266 
THR CA  C    sing N N 267 
THR CA  CB   sing N N 268 
THR CA  HA   sing N N 269 
THR C   O    doub N N 270 
THR C   OXT  sing N N 271 
THR CB  OG1  sing N N 272 
THR CB  CG2  sing N N 273 
THR CB  HB   sing N N 274 
THR OG1 HG1  sing N N 275 
THR CG2 HG21 sing N N 276 
THR CG2 HG22 sing N N 277 
THR CG2 HG23 sing N N 278 
THR OXT HXT  sing N N 279 
TRP N   CA   sing N N 280 
TRP N   H    sing N N 281 
TRP N   H2   sing N N 282 
TRP CA  C    sing N N 283 
TRP CA  CB   sing N N 284 
TRP CA  HA   sing N N 285 
TRP C   O    doub N N 286 
TRP C   OXT  sing N N 287 
TRP CB  CG   sing N N 288 
TRP CB  HB2  sing N N 289 
TRP CB  HB3  sing N N 290 
TRP CG  CD1  doub Y N 291 
TRP CG  CD2  sing Y N 292 
TRP CD1 NE1  sing Y N 293 
TRP CD1 HD1  sing N N 294 
TRP CD2 CE2  doub Y N 295 
TRP CD2 CE3  sing Y N 296 
TRP NE1 CE2  sing Y N 297 
TRP NE1 HE1  sing N N 298 
TRP CE2 CZ2  sing Y N 299 
TRP CE3 CZ3  doub Y N 300 
TRP CE3 HE3  sing N N 301 
TRP CZ2 CH2  doub Y N 302 
TRP CZ2 HZ2  sing N N 303 
TRP CZ3 CH2  sing Y N 304 
TRP CZ3 HZ3  sing N N 305 
TRP CH2 HH2  sing N N 306 
TRP OXT HXT  sing N N 307 
TYR N   CA   sing N N 308 
TYR N   H    sing N N 309 
TYR N   H2   sing N N 310 
TYR CA  C    sing N N 311 
TYR CA  CB   sing N N 312 
TYR CA  HA   sing N N 313 
TYR C   O    doub N N 314 
TYR C   OXT  sing N N 315 
TYR CB  CG   sing N N 316 
TYR CB  HB2  sing N N 317 
TYR CB  HB3  sing N N 318 
TYR CG  CD1  doub Y N 319 
TYR CG  CD2  sing Y N 320 
TYR CD1 CE1  sing Y N 321 
TYR CD1 HD1  sing N N 322 
TYR CD2 CE2  doub Y N 323 
TYR CD2 HD2  sing N N 324 
TYR CE1 CZ   doub Y N 325 
TYR CE1 HE1  sing N N 326 
TYR CE2 CZ   sing Y N 327 
TYR CE2 HE2  sing N N 328 
TYR CZ  OH   sing N N 329 
TYR OH  HH   sing N N 330 
TYR OXT HXT  sing N N 331 
VAL N   CA   sing N N 332 
VAL N   H    sing N N 333 
VAL N   H2   sing N N 334 
VAL CA  C    sing N N 335 
VAL CA  CB   sing N N 336 
VAL CA  HA   sing N N 337 
VAL C   O    doub N N 338 
VAL C   OXT  sing N N 339 
VAL CB  CG1  sing N N 340 
VAL CB  CG2  sing N N 341 
VAL CB  HB   sing N N 342 
VAL CG1 HG11 sing N N 343 
VAL CG1 HG12 sing N N 344 
VAL CG1 HG13 sing N N 345 
VAL CG2 HG21 sing N N 346 
VAL CG2 HG22 sing N N 347 
VAL CG2 HG23 sing N N 348 
VAL OXT HXT  sing N N 349 
# 
_pdbx_audit_support.funding_organization   'Fundacao para a Ciencia e a Tecnologia' 
_pdbx_audit_support.country                Portugal 
_pdbx_audit_support.grant_number           ? 
_pdbx_audit_support.ordinal                1 
# 
loop_
_pdbx_entity_branch_list.entity_id 
_pdbx_entity_branch_list.comp_id 
_pdbx_entity_branch_list.num 
_pdbx_entity_branch_list.hetero 
2 NAG 1 n 
2 NAG 2 n 
2 NAG 3 n 
# 
_pdbx_entity_instance_feature.ordinal        1 
_pdbx_entity_instance_feature.comp_id        NAG 
_pdbx_entity_instance_feature.asym_id        ? 
_pdbx_entity_instance_feature.seq_num        ? 
_pdbx_entity_instance_feature.auth_comp_id   NAG 
_pdbx_entity_instance_feature.auth_asym_id   ? 
_pdbx_entity_instance_feature.auth_seq_num   ? 
_pdbx_entity_instance_feature.feature_type   'SUBJECT OF INVESTIGATION' 
_pdbx_entity_instance_feature.details        ? 
# 
_pdbx_initial_refinement_model.id               1 
_pdbx_initial_refinement_model.entity_id_list   ? 
_pdbx_initial_refinement_model.type             'experimental model' 
_pdbx_initial_refinement_model.source_name      PDB 
_pdbx_initial_refinement_model.accession_code   5K2L 
_pdbx_initial_refinement_model.details          ? 
# 
_atom_sites.entry_id                    7R1L 
_atom_sites.Cartn_transf_matrix[1][1]   ? 
_atom_sites.Cartn_transf_matrix[1][2]   ? 
_atom_sites.Cartn_transf_matrix[1][3]   ? 
_atom_sites.Cartn_transf_matrix[2][1]   ? 
_atom_sites.Cartn_transf_matrix[2][2]   ? 
_atom_sites.Cartn_transf_matrix[2][3]   ? 
_atom_sites.Cartn_transf_matrix[3][1]   ? 
_atom_sites.Cartn_transf_matrix[3][2]   ? 
_atom_sites.Cartn_transf_matrix[3][3]   ? 
_atom_sites.Cartn_transf_vector[1]      ? 
_atom_sites.Cartn_transf_vector[2]      ? 
_atom_sites.Cartn_transf_vector[3]      ? 
_atom_sites.fract_transf_matrix[1][1]   -0.00528482 
_atom_sites.fract_transf_matrix[1][2]   0.00705915 
_atom_sites.fract_transf_matrix[1][3]   -0.00499439 
_atom_sites.fract_transf_matrix[2][1]   0.01777966 
_atom_sites.fract_transf_matrix[2][2]   0.00206145 
_atom_sites.fract_transf_matrix[2][3]   -0.01589986 
_atom_sites.fract_transf_matrix[3][1]   -0.01127220 
_atom_sites.fract_transf_matrix[3][2]   -0.01465007 
_atom_sites.fract_transf_matrix[3][3]   -0.01450430 
_atom_sites.fract_transf_vector[1]      0.381325 
_atom_sites.fract_transf_vector[2]      0.100753 
_atom_sites.fract_transf_vector[3]      0.669026 
_atom_sites.solution_primary            ? 
_atom_sites.solution_secondary          ? 
_atom_sites.solution_hydrogens          ? 
_atom_sites.special_details             ? 
# 
loop_
_atom_type.symbol 
C 
N 
O 
S 
# 
loop_
_atom_site.group_PDB 
_atom_site.id 
_atom_site.type_symbol 
_atom_site.label_atom_id 
_atom_site.label_alt_id 
_atom_site.label_comp_id 
_atom_site.label_asym_id 
_atom_site.label_entity_id 
_atom_site.label_seq_id 
_atom_site.pdbx_PDB_ins_code 
_atom_site.Cartn_x 
_atom_site.Cartn_y 
_atom_site.Cartn_z 
_atom_site.occupancy 
_atom_site.B_iso_or_equiv 
_atom_site.pdbx_formal_charge 
_atom_site.auth_seq_id 
_atom_site.auth_comp_id 
_atom_site.auth_asym_id 
_atom_site.auth_atom_id 
_atom_site.pdbx_PDB_model_num 
ATOM   1    N N   . MET A 1 1  ? 13.281  3.813   17.277  1.00 46.57 ? 1   MET A N   1 
ATOM   2    C CA  . MET A 1 1  ? 14.232  2.790   17.796  1.00 31.47 ? 1   MET A CA  1 
ATOM   3    C C   . MET A 1 1  ? 13.573  1.404   17.765  1.00 26.81 ? 1   MET A C   1 
ATOM   4    O O   . MET A 1 1  ? 13.512  0.724   18.775  1.00 26.33 ? 1   MET A O   1 
ATOM   5    C CB  . MET A 1 1  ? 14.728  3.188   19.210  1.00 33.64 ? 1   MET A CB  1 
ATOM   6    C CG  . MET A 1 1  ? 15.718  4.363   19.329  1.00 58.59 ? 1   MET A CG  1 
ATOM   7    S SD  . MET A 1 1  ? 17.526  4.068   19.236  1.00 85.44 ? 1   MET A SD  1 
ATOM   8    C CE  . MET A 1 1  ? 17.811  2.747   20.420  1.00 70.48 ? 1   MET A CE  1 
ATOM   9    N N   . TYR A 1 2  ? 13.037  1.000   16.582  1.00 23.02 ? 2   TYR A N   1 
ATOM   10   C CA  . TYR A 1 2  ? 12.402  -0.301  16.418  1.00 19.91 ? 2   TYR A CA  1 
ATOM   11   C C   . TYR A 1 2  ? 12.968  -0.856  15.060  1.00 20.29 ? 2   TYR A C   1 
ATOM   12   O O   . TYR A 1 2  ? 13.053  -0.120  14.028  1.00 21.38 ? 2   TYR A O   1 
ATOM   13   C CB  . TYR A 1 2  ? 10.876  -0.224  16.342  1.00 19.68 ? 2   TYR A CB  1 
ATOM   14   C CG  . TYR A 1 2  ? 10.194  -1.465  15.875  1.00 18.24 ? 2   TYR A CG  1 
ATOM   15   C CD1 . TYR A 1 2  ? 10.059  -2.557  16.709  1.00 19.24 ? 2   TYR A CD1 1 
ATOM   16   C CD2 . TYR A 1 2  ? 9.743   -1.581  14.516  1.00 18.03 ? 2   TYR A CD2 1 
ATOM   17   C CE1 . TYR A 1 2  ? 9.421   -3.712  16.273  1.00 19.69 ? 2   TYR A CE1 1 
ATOM   18   C CE2 . TYR A 1 2  ? 9.137   -2.729  14.066  1.00 16.77 ? 2   TYR A CE2 1 
ATOM   19   C CZ  . TYR A 1 2  ? 8.975   -3.845  14.937  1.00 17.41 ? 2   TYR A CZ  1 
ATOM   20   O OH  . TYR A 1 2  ? 8.346   -4.988  14.550  1.00 19.92 ? 2   TYR A OH  1 
ATOM   21   N N   . THR A 1 3  ? 13.431  -2.093  15.037  1.00 17.64 ? 3   THR A N   1 
ATOM   22   C CA  . THR A 1 3  ? 13.905  -2.730  13.791  1.00 17.68 ? 3   THR A CA  1 
ATOM   23   C C   . THR A 1 3  ? 12.754  -3.528  13.146  1.00 17.07 ? 3   THR A C   1 
ATOM   24   O O   . THR A 1 3  ? 12.137  -4.409  13.748  1.00 16.85 ? 3   THR A O   1 
ATOM   25   C CB  . THR A 1 3  ? 15.045  -3.698  14.108  1.00 18.70 ? 3   THR A CB  1 
ATOM   26   O OG1 . THR A 1 3  ? 16.133  -2.905  14.679  1.00 22.71 ? 3   THR A OG1 1 
ATOM   27   C CG2 . THR A 1 3  ? 15.548  -4.303  12.801  1.00 19.33 ? 3   THR A CG2 1 
ATOM   28   N N   . VAL A 1 4  ? 12.435  -3.115  11.906  1.00 15.24 ? 4   VAL A N   1 
ATOM   29   C CA  . VAL A 1 4  ? 11.336  -3.814  11.154  1.00 14.29 ? 4   VAL A CA  1 
ATOM   30   C C   . VAL A 1 4  ? 11.618  -5.325  11.036  1.00 15.18 ? 4   VAL A C   1 
ATOM   31   O O   . VAL A 1 4  ? 12.784  -5.713  10.779  1.00 15.56 ? 4   VAL A O   1 
ATOM   32   C CB  . VAL A 1 4  ? 11.206  -3.130  9.804   1.00 13.83 ? 4   VAL A CB  1 
ATOM   33   C CG1 . VAL A 1 4  ? 10.187  -3.849  8.923   1.00 14.10 ? 4   VAL A CG1 1 
ATOM   34   C CG2 . VAL A 1 4  ? 10.794  -1.675  10.000  1.00 15.53 ? 4   VAL A CG2 1 
ATOM   35   N N   . LYS A 1 5  ? 10.562  -6.106  11.211  1.00 15.93 ? 5   LYS A N   1 
ATOM   36   C CA  . LYS A 1 5  ? 10.665  -7.538  11.100  1.00 17.32 ? 5   LYS A CA  1 
ATOM   37   C C   . LYS A 1 5  ? 9.879   -8.012  9.901   1.00 15.55 ? 5   LYS A C   1 
ATOM   38   O O   . LYS A 1 5  ? 8.952   -7.321  9.420   1.00 15.32 ? 5   LYS A O   1 
ATOM   39   C CB  . LYS A 1 5  ? 9.957   -8.183  12.331  1.00 20.01 ? 5   LYS A CB  1 
ATOM   40   C CG  . LYS A 1 5  ? 10.562  -7.730  13.694  1.00 25.82 ? 5   LYS A CG  1 
ATOM   41   C CD  . LYS A 1 5  ? 9.512   -8.100  14.779  1.00 34.21 ? 5   LYS A CD  1 
ATOM   42   C CE  . LYS A 1 5  ? 9.684   -7.496  16.193  1.00 39.38 ? 5   LYS A CE  1 
ATOM   43   N NZ  . LYS A 1 5  ? 10.900  -8.028  16.852  1.00 40.30 ? 5   LYS A NZ  1 
ATOM   44   N N   . PRO A 1 6  ? 10.205  -9.166  9.309   1.00 16.03 ? 6   PRO A N   1 
ATOM   45   C CA  . PRO A 1 6  ? 9.377   -9.706  8.264   1.00 15.58 ? 6   PRO A CA  1 
ATOM   46   C C   . PRO A 1 6  ? 7.904   -9.762  8.574   1.00 16.06 ? 6   PRO A C   1 
ATOM   47   O O   . PRO A 1 6  ? 7.476   -10.137 9.690   1.00 18.92 ? 6   PRO A O   1 
ATOM   48   C CB  . PRO A 1 6  ? 9.953   -11.129 8.053   1.00 17.52 ? 6   PRO A CB  1 
ATOM   49   C CG  . PRO A 1 6  ? 11.368  -10.984 8.533   1.00 18.45 ? 6   PRO A CG  1 
ATOM   50   C CD  . PRO A 1 6  ? 11.325  -10.047 9.727   1.00 17.96 ? 6   PRO A CD  1 
ATOM   51   N N   . GLY A 1 7  ? 7.122   -9.248  7.623   1.00 15.76 ? 7   GLY A N   1 
ATOM   52   C CA  . GLY A 1 7  ? 5.676   -9.266  7.846   1.00 17.46 ? 7   GLY A CA  1 
ATOM   53   C C   . GLY A 1 7  ? 5.150   -7.943  8.359   1.00 15.76 ? 7   GLY A C   1 
ATOM   54   O O   . GLY A 1 7  ? 3.895   -7.761  8.362   1.00 18.77 ? 7   GLY A O   1 
ATOM   55   N N   . ASP A 1 8  ? 6.011   -7.052  8.832   1.00 15.31 ? 8   ASP A N   1 
ATOM   56   C CA  . ASP A 1 8  ? 5.511   -5.771  9.340   1.00 15.08 ? 8   ASP A CA  1 
ATOM   57   C C   . ASP A 1 8  ? 5.001   -4.861  8.221   1.00 13.94 ? 8   ASP A C   1 
ATOM   58   O O   . ASP A 1 8  ? 5.348   -4.956  7.019   1.00 14.81 ? 8   ASP A O   1 
ATOM   59   C CB  . ASP A 1 8  ? 6.661   -5.031  10.069  1.00 16.41 ? 8   ASP A CB  1 
ATOM   60   C CG  . ASP A 1 8  ? 7.004   -5.529  11.451  1.00 16.68 ? 8   ASP A CG  1 
ATOM   61   O OD1 . ASP A 1 8  ? 6.200   -6.317  12.026  1.00 20.72 ? 8   ASP A OD1 1 
ATOM   62   O OD2 . ASP A 1 8  ? 8.018   -5.022  11.959  1.00 16.87 ? 8   ASP A OD2 1 
ATOM   63   N N   . THR A 1 9  ? 4.066   -4.033  8.667   1.00 13.35 ? 9   THR A N   1 
ATOM   64   C CA  . THR A 1 9  ? 3.645   -2.861  7.853   1.00 13.48 ? 9   THR A CA  1 
ATOM   65   C C   . THR A 1 9  ? 3.635   -1.699  8.836   1.00 12.98 ? 9   THR A C   1 
ATOM   66   O O   . THR A 1 9  ? 3.618   -1.900  10.064  1.00 13.68 ? 9   THR A O   1 
ATOM   67   C CB  . THR A 1 9  ? 2.257   -3.004  7.238   1.00 13.70 ? 9   THR A CB  1 
ATOM   68   O OG1 . THR A 1 9  ? 1.287   -3.042  8.304   1.00 14.09 ? 9   THR A OG1 1 
ATOM   69   C CG2 . THR A 1 9  ? 2.119   -4.269  6.425   1.00 14.02 ? 9   THR A CG2 1 
ATOM   70   N N   . MET A 1 10 ? 3.659   -0.445  8.380   1.00 13.69 ? 10  MET A N   1 
ATOM   71   C CA  A MET A 1 10 ? 3.650   0.663   9.281   0.50 12.90 ? 10  MET A CA  1 
ATOM   72   C CA  B MET A 1 10 ? 3.655   0.649   9.291   0.50 13.72 ? 10  MET A CA  1 
ATOM   73   C C   . MET A 1 10 ? 2.345   0.657   10.096  1.00 13.21 ? 10  MET A C   1 
ATOM   74   O O   . MET A 1 10 ? 2.368   1.017   11.304  1.00 13.36 ? 10  MET A O   1 
ATOM   75   C CB  A MET A 1 10 ? 3.828   2.015   8.532   0.50 13.03 ? 10  MET A CB  1 
ATOM   76   C CB  B MET A 1 10 ? 3.922   1.982   8.558   0.50 15.42 ? 10  MET A CB  1 
ATOM   77   C CG  A MET A 1 10 ? 5.236   2.205   8.006   0.50 13.07 ? 10  MET A CG  1 
ATOM   78   C CG  B MET A 1 10 ? 5.327   1.949   7.973   0.50 17.66 ? 10  MET A CG  1 
ATOM   79   S SD  A MET A 1 10 ? 6.549   2.248   9.236   0.50 12.40 ? 10  MET A SD  1 
ATOM   80   S SD  B MET A 1 10 ? 5.994   3.582   7.602   0.50 26.36 ? 10  MET A SD  1 
ATOM   81   C CE  A MET A 1 10 ? 6.456   3.867   9.938   0.50 18.00 ? 10  MET A CE  1 
ATOM   82   C CE  B MET A 1 10 ? 6.580   4.182   9.195   0.50 19.42 ? 10  MET A CE  1 
ATOM   83   N N   . TRP A 1 11 ? 1.217   0.298   9.456   1.00 12.64 ? 11  TRP A N   1 
ATOM   84   C CA  . TRP A 1 11 ? -0.056  0.243   10.229  1.00 14.06 ? 11  TRP A CA  1 
ATOM   85   C C   . TRP A 1 11 ? 0.054   -0.846  11.307  1.00 13.57 ? 11  TRP A C   1 
ATOM   86   O O   . TRP A 1 11 ? -0.376  -0.555  12.432  1.00 14.19 ? 11  TRP A O   1 
ATOM   87   C CB  . TRP A 1 11 ? -1.181  -0.122  9.231   1.00 15.31 ? 11  TRP A CB  1 
ATOM   88   C CG  . TRP A 1 11 ? -2.523  -0.370  9.973   1.00 15.34 ? 11  TRP A CG  1 
ATOM   89   C CD1 . TRP A 1 11 ? -3.062  -1.569  10.308  1.00 17.02 ? 11  TRP A CD1 1 
ATOM   90   C CD2 . TRP A 1 11 ? -3.414  0.638   10.368  1.00 19.76 ? 11  TRP A CD2 1 
ATOM   91   N NE1 . TRP A 1 11 ? -4.270  -1.358  10.948  1.00 20.50 ? 11  TRP A NE1 1 
ATOM   92   C CE2 . TRP A 1 11 ? -4.507  0.001   10.991  1.00 19.08 ? 11  TRP A CE2 1 
ATOM   93   C CE3 . TRP A 1 11 ? -3.423  2.036   10.210  1.00 21.90 ? 11  TRP A CE3 1 
ATOM   94   C CZ2 . TRP A 1 11 ? -5.606  0.719   11.498  1.00 24.50 ? 11  TRP A CZ2 1 
ATOM   95   C CZ3 . TRP A 1 11 ? -4.504  2.763   10.750  1.00 27.76 ? 11  TRP A CZ3 1 
ATOM   96   C CH2 . TRP A 1 11 ? -5.596  2.099   11.333  1.00 25.18 ? 11  TRP A CH2 1 
ATOM   97   N N   . LYS A 1 12 ? 0.612   -2.026  10.961  1.00 13.28 ? 12  LYS A N   1 
ATOM   98   C CA  . LYS A 1 12 ? 0.685   -3.073  12.021  1.00 14.10 ? 12  LYS A CA  1 
ATOM   99   C C   . LYS A 1 12 ? 1.579   -2.654  13.125  1.00 13.81 ? 12  LYS A C   1 
ATOM   100  O O   . LYS A 1 12 ? 1.260   -2.952  14.314  1.00 14.21 ? 12  LYS A O   1 
ATOM   101  C CB  . LYS A 1 12 ? 1.177   -4.377  11.390  1.00 16.80 ? 12  LYS A CB  1 
ATOM   102  C CG  . LYS A 1 12 ? 0.110   -5.078  10.543  1.00 24.67 ? 12  LYS A CG  1 
ATOM   103  C CD  . LYS A 1 12 ? 0.735   -6.384  9.910   1.00 31.01 ? 12  LYS A CD  1 
ATOM   104  C CE  . LYS A 1 12 ? 1.725   -7.087  10.876  1.00 41.64 ? 12  LYS A CE  1 
ATOM   105  N NZ  . LYS A 1 12 ? 2.242   -8.457  10.495  1.00 47.15 ? 12  LYS A NZ  1 
ATOM   106  N N   . ILE A 1 13 ? 2.700   -1.981  12.887  1.00 13.02 ? 13  ILE A N   1 
ATOM   107  C CA  . ILE A 1 13 ? 3.624   -1.566  13.990  1.00 13.46 ? 13  ILE A CA  1 
ATOM   108  C C   . ILE A 1 13 ? 2.861   -0.522  14.787  1.00 13.17 ? 13  ILE A C   1 
ATOM   109  O O   . ILE A 1 13 ? 2.875   -0.606  16.042  1.00 13.86 ? 13  ILE A O   1 
ATOM   110  C CB  . ILE A 1 13 ? 4.907   -0.917  13.337  1.00 14.13 ? 13  ILE A CB  1 
ATOM   111  C CG1 . ILE A 1 13 ? 5.702   -2.026  12.606  1.00 14.84 ? 13  ILE A CG1 1 
ATOM   112  C CG2 . ILE A 1 13 ? 5.767   -0.281  14.445  1.00 14.83 ? 13  ILE A CG2 1 
ATOM   113  C CD1 . ILE A 1 13 ? 6.773   -1.412  11.651  1.00 15.81 ? 13  ILE A CD1 1 
ATOM   114  N N   . ALA A 1 14 ? 2.154   0.427   14.200  1.00 13.85 ? 14  ALA A N   1 
ATOM   115  C CA  . ALA A 1 14 ? 1.403   1.443   14.956  1.00 13.90 ? 14  ALA A CA  1 
ATOM   116  C C   . ALA A 1 14 ? 0.344   0.799   15.811  1.00 13.21 ? 14  ALA A C   1 
ATOM   117  O O   . ALA A 1 14 ? 0.257   1.135   17.036  1.00 15.10 ? 14  ALA A O   1 
ATOM   118  C CB  . ALA A 1 14 ? 0.728   2.384   13.929  1.00 14.31 ? 14  ALA A CB  1 
ATOM   119  N N   . VAL A 1 15 ? -0.430  -0.162  15.282  1.00 13.44 ? 15  VAL A N   1 
ATOM   120  C CA  . VAL A 1 15 ? -1.531  -0.787  16.081  1.00 13.34 ? 15  VAL A CA  1 
ATOM   121  C C   . VAL A 1 15 ? -0.871  -1.639  17.161  1.00 14.95 ? 15  VAL A C   1 
ATOM   122  O O   . VAL A 1 15 ? -1.332  -1.542  18.362  1.00 14.78 ? 15  VAL A O   1 
ATOM   123  C CB  . VAL A 1 15 ? -2.356  -1.620  15.170  1.00 14.34 ? 15  VAL A CB  1 
ATOM   124  C CG1 . VAL A 1 15 ? -3.378  -2.465  15.981  1.00 15.74 ? 15  VAL A CG1 1 
ATOM   125  C CG2 . VAL A 1 15 ? -3.177  -0.701  14.203  1.00 15.75 ? 15  VAL A CG2 1 
ATOM   126  N N   . LYS A 1 16 ? 0.162   -2.434  16.864  1.00 13.32 ? 16  LYS A N   1 
ATOM   127  C CA  . LYS A 1 16 ? 0.693   -3.397  17.904  1.00 13.82 ? 16  LYS A CA  1 
ATOM   128  C C   . LYS A 1 16 ? 1.231   -2.618  19.045  1.00 14.10 ? 16  LYS A C   1 
ATOM   129  O O   . LYS A 1 16 ? 1.049   -3.095  20.225  1.00 14.42 ? 16  LYS A O   1 
ATOM   130  C CB  . LYS A 1 16 ? 1.841   -4.190  17.228  1.00 16.08 ? 16  LYS A CB  1 
ATOM   131  C CG  . LYS A 1 16 ? 2.554   -5.182  18.123  1.00 20.22 ? 16  LYS A CG  1 
ATOM   132  C CD  . LYS A 1 16 ? 3.442   -6.210  17.370  1.00 19.81 ? 16  LYS A CD  1 
ATOM   133  C CE  . LYS A 1 16 ? 4.094   -6.988  18.509  1.00 29.09 ? 16  LYS A CE  1 
ATOM   134  N NZ  . LYS A 1 16 ? 5.006   -7.915  17.786  1.00 36.27 ? 16  LYS A NZ  1 
ATOM   135  N N   . TYR A 1 17 ? 1.932   -1.518  18.828  1.00 13.65 ? 17  TYR A N   1 
ATOM   136  C CA  . TYR A 1 17 ? 2.620   -0.855  19.931  1.00 14.78 ? 17  TYR A CA  1 
ATOM   137  C C   . TYR A 1 17 ? 1.891   0.342   20.433  1.00 15.94 ? 17  TYR A C   1 
ATOM   138  O O   . TYR A 1 17 ? 2.427   1.079   21.306  1.00 16.56 ? 17  TYR A O   1 
ATOM   139  C CB  . TYR A 1 17 ? 4.107   -0.552  19.434  1.00 16.09 ? 17  TYR A CB  1 
ATOM   140  C CG  . TYR A 1 17 ? 4.888   -1.746  19.170  1.00 16.42 ? 17  TYR A CG  1 
ATOM   141  C CD1 . TYR A 1 17 ? 5.137   -2.569  20.284  1.00 20.23 ? 17  TYR A CD1 1 
ATOM   142  C CD2 . TYR A 1 17 ? 5.357   -2.084  17.938  1.00 18.68 ? 17  TYR A CD2 1 
ATOM   143  C CE1 . TYR A 1 17 ? 5.838   -3.710  20.145  1.00 23.59 ? 17  TYR A CE1 1 
ATOM   144  C CE2 . TYR A 1 17 ? 6.106   -3.287  17.754  1.00 21.26 ? 17  TYR A CE2 1 
ATOM   145  C CZ  . TYR A 1 17 ? 6.258   -4.078  18.960  1.00 22.34 ? 17  TYR A CZ  1 
ATOM   146  O OH  . TYR A 1 17 ? 7.063   -5.192  18.973  1.00 30.01 ? 17  TYR A OH  1 
ATOM   147  N N   . GLN A 1 18 ? 0.727   0.631   19.878  1.00 14.57 ? 18  GLN A N   1 
ATOM   148  C CA  . GLN A 1 18 ? -0.107  1.714   20.357  1.00 14.14 ? 18  GLN A CA  1 
ATOM   149  C C   . GLN A 1 18 ? 0.481   3.087   20.072  1.00 17.30 ? 18  GLN A C   1 
ATOM   150  O O   . GLN A 1 18 ? 0.521   3.957   20.959  1.00 20.29 ? 18  GLN A O   1 
ATOM   151  C CB  . GLN A 1 18 ? -0.551  1.557   21.841  1.00 16.04 ? 18  GLN A CB  1 
ATOM   152  C CG  . GLN A 1 18 ? -1.295  0.240   21.989  1.00 16.54 ? 18  GLN A CG  1 
ATOM   153  C CD  . GLN A 1 18 ? -1.819  0.118   23.402  1.00 18.40 ? 18  GLN A CD  1 
ATOM   154  O OE1 . GLN A 1 18 ? -2.431  1.018   23.951  1.00 20.79 ? 18  GLN A OE1 1 
ATOM   155  N NE2 . GLN A 1 18 ? -1.480  -1.026  24.025  1.00 17.91 ? 18  GLN A NE2 1 
ATOM   156  N N   . ILE A 1 19 ? 0.990   3.257   18.881  1.00 17.57 ? 19  ILE A N   1 
ATOM   157  C CA  . ILE A 1 19 ? 1.516   4.574   18.390  1.00 18.06 ? 19  ILE A CA  1 
ATOM   158  C C   . ILE A 1 19 ? 0.491   5.054   17.344  1.00 17.99 ? 19  ILE A C   1 
ATOM   159  O O   . ILE A 1 19 ? 0.031   4.260   16.534  1.00 21.57 ? 19  ILE A O   1 
ATOM   160  C CB  . ILE A 1 19 ? 2.894   4.288   17.774  1.00 17.92 ? 19  ILE A CB  1 
ATOM   161  C CG1 . ILE A 1 19 ? 3.833   3.637   18.801  1.00 23.19 ? 19  ILE A CG1 1 
ATOM   162  C CG2 . ILE A 1 19 ? 3.485   5.643   17.270  1.00 21.36 ? 19  ILE A CG2 1 
ATOM   163  C CD1 . ILE A 1 19 ? 4.898   2.884   18.056  1.00 27.97 ? 19  ILE A CD1 1 
ATOM   164  N N   . GLY A 1 20 ? 0.045   6.302   17.347  1.00 22.77 ? 20  GLY A N   1 
ATOM   165  C CA  . GLY A 1 20 ? -0.829  6.704   16.227  1.00 23.15 ? 20  GLY A CA  1 
ATOM   166  C C   . GLY A 1 20 ? -0.081  6.576   14.859  1.00 18.60 ? 20  GLY A C   1 
ATOM   167  O O   . GLY A 1 20 ? 1.120   6.778   14.764  1.00 20.87 ? 20  GLY A O   1 
ATOM   168  N N   . ILE A 1 21 ? -0.886  6.225   13.843  1.00 18.91 ? 21  ILE A N   1 
ATOM   169  C CA  . ILE A 1 21 ? -0.332  6.020   12.509  1.00 17.58 ? 21  ILE A CA  1 
ATOM   170  C C   . ILE A 1 21 ? 0.239   7.405   11.978  1.00 16.30 ? 21  ILE A C   1 
ATOM   171  O O   . ILE A 1 21 ? 1.335   7.335   11.437  1.00 16.28 ? 21  ILE A O   1 
ATOM   172  C CB  . ILE A 1 21 ? -1.418  5.419   11.558  1.00 17.91 ? 21  ILE A CB  1 
ATOM   173  C CG1 . ILE A 1 21 ? -0.786  5.109   10.267  1.00 18.36 ? 21  ILE A CG1 1 
ATOM   174  C CG2 . ILE A 1 21 ? -2.661  6.328   11.429  1.00 21.47 ? 21  ILE A CG2 1 
ATOM   175  C CD1 . ILE A 1 21 ? 0.378   4.131   10.245  1.00 20.08 ? 21  ILE A CD1 1 
ATOM   176  N N   . SER A 1 22 ? -0.471  8.508   12.198  1.00 17.77 ? 22  SER A N   1 
ATOM   177  C CA  . SER A 1 22 ? 0.150   9.763   11.705  1.00 18.04 ? 22  SER A CA  1 
ATOM   178  C C   . SER A 1 22 ? 1.417   10.138  12.445  1.00 16.00 ? 22  SER A C   1 
ATOM   179  O O   . SER A 1 22 ? 2.347   10.647  11.812  1.00 17.54 ? 22  SER A O   1 
ATOM   180  C CB  . SER A 1 22 ? -0.797  10.915  11.927  1.00 20.07 ? 22  SER A CB  1 
ATOM   181  O OG  . SER A 1 22 ? -1.964  10.623  11.171  1.00 28.57 ? 22  SER A OG  1 
ATOM   182  N N   . GLU A 1 23 ? 1.506   9.724   13.740  1.00 17.78 ? 23  GLU A N   1 
ATOM   183  C CA  . GLU A 1 23 ? 2.692   10.003  14.500  1.00 17.43 ? 23  GLU A CA  1 
ATOM   184  C C   . GLU A 1 23 ? 3.852   9.153   14.072  1.00 17.34 ? 23  GLU A C   1 
ATOM   185  O O   . GLU A 1 23 ? 4.971   9.646   13.926  1.00 17.95 ? 23  GLU A O   1 
ATOM   186  C CB  . GLU A 1 23 ? 2.407   9.758   16.018  1.00 20.82 ? 23  GLU A CB  1 
ATOM   187  C CG  . GLU A 1 23 ? 1.435   10.822  16.606  1.00 23.94 ? 23  GLU A CG  1 
ATOM   188  C CD  . GLU A 1 23 ? -0.054  10.658  16.202  1.00 26.23 ? 23  GLU A CD  1 
ATOM   189  O OE1 . GLU A 1 23 ? -0.781  11.729  16.336  1.00 32.45 ? 23  GLU A OE1 1 
ATOM   190  O OE2 . GLU A 1 23 ? -0.532  9.608   15.715  1.00 29.75 ? 23  GLU A OE2 1 
ATOM   191  N N   . ILE A 1 24 ? 3.600   7.866   13.788  1.00 16.18 ? 24  ILE A N   1 
ATOM   192  C CA  . ILE A 1 24 ? 4.749   7.031   13.411  1.00 16.76 ? 24  ILE A CA  1 
ATOM   193  C C   . ILE A 1 24 ? 5.235   7.453   12.004  1.00 16.09 ? 24  ILE A C   1 
ATOM   194  O O   . ILE A 1 24 ? 6.428   7.413   11.704  1.00 17.18 ? 24  ILE A O   1 
ATOM   195  C CB  . ILE A 1 24 ? 4.403   5.520   13.554  1.00 17.76 ? 24  ILE A CB  1 
ATOM   196  C CG1 . ILE A 1 24 ? 5.672   4.705   13.590  1.00 19.31 ? 24  ILE A CG1 1 
ATOM   197  C CG2 . ILE A 1 24 ? 3.622   4.966   12.421  1.00 17.97 ? 24  ILE A CG2 1 
ATOM   198  C CD1 . ILE A 1 24 ? 5.367   3.261   14.098  1.00 23.62 ? 24  ILE A CD1 1 
ATOM   199  N N   . ILE A 1 25 ? 4.281   7.854   11.137  1.00 15.72 ? 25  ILE A N   1 
ATOM   200  C CA  . ILE A 1 25 ? 4.704   8.261   9.784   1.00 15.35 ? 25  ILE A CA  1 
ATOM   201  C C   . ILE A 1 25 ? 5.513   9.600   9.911   1.00 15.17 ? 25  ILE A C   1 
ATOM   202  O O   . ILE A 1 25 ? 6.566   9.710   9.287   1.00 15.97 ? 25  ILE A O   1 
ATOM   203  C CB  . ILE A 1 25 ? 3.458   8.457   8.850   1.00 15.98 ? 25  ILE A CB  1 
ATOM   204  C CG1 . ILE A 1 25 ? 2.749   7.123   8.599   1.00 22.58 ? 25  ILE A CG1 1 
ATOM   205  C CG2 . ILE A 1 25 ? 3.872   9.046   7.503   1.00 15.80 ? 25  ILE A CG2 1 
ATOM   206  C CD1 . ILE A 1 25 ? 3.746   6.098   8.222   1.00 23.15 ? 25  ILE A CD1 1 
ATOM   207  N N   . ALA A 1 26 ? 5.007   10.525  10.677  1.00 16.36 ? 26  ALA A N   1 
ATOM   208  C CA  . ALA A 1 26 ? 5.714   11.846  10.779  1.00 16.40 ? 26  ALA A CA  1 
ATOM   209  C C   . ALA A 1 26 ? 7.070   11.702  11.490  1.00 17.22 ? 26  ALA A C   1 
ATOM   210  O O   . ALA A 1 26 ? 7.956   12.488  11.134  1.00 19.08 ? 26  ALA A O   1 
ATOM   211  C CB  . ALA A 1 26 ? 4.819   12.808  11.539  1.00 18.47 ? 26  ALA A CB  1 
ATOM   212  N N   . ALA A 1 27 ? 7.247   10.704  12.335  1.00 15.97 ? 27  ALA A N   1 
ATOM   213  C CA  . ALA A 1 27 ? 8.505   10.465  12.964  1.00 16.34 ? 27  ALA A CA  1 
ATOM   214  C C   . ALA A 1 27 ? 9.536   9.859   12.037  1.00 15.45 ? 27  ALA A C   1 
ATOM   215  O O   . ALA A 1 27 ? 10.693  9.734   12.402  1.00 18.39 ? 27  ALA A O   1 
ATOM   216  C CB  . ALA A 1 27 ? 8.287   9.624   14.245  1.00 18.07 ? 27  ALA A CB  1 
ATOM   217  N N   . ASN A 1 28 ? 9.116   9.400   10.822  1.00 15.66 ? 28  ASN A N   1 
ATOM   218  C CA  . ASN A 1 28 ? 9.914   8.671   9.913   1.00 17.75 ? 28  ASN A CA  1 
ATOM   219  C C   . ASN A 1 28 ? 9.897   9.237   8.502   1.00 17.07 ? 28  ASN A C   1 
ATOM   220  O O   . ASN A 1 28 ? 9.659   8.502   7.520   1.00 17.41 ? 28  ASN A O   1 
ATOM   221  C CB  . ASN A 1 28 ? 9.551   7.179   9.943   1.00 16.21 ? 28  ASN A CB  1 
ATOM   222  C CG  . ASN A 1 28 ? 9.953   6.539   11.259  1.00 17.22 ? 28  ASN A CG  1 
ATOM   223  O OD1 . ASN A 1 28 ? 11.158  6.282   11.391  1.00 17.49 ? 28  ASN A OD1 1 
ATOM   224  N ND2 . ASN A 1 28 ? 9.039   6.375   12.174  1.00 16.40 ? 28  ASN A ND2 1 
ATOM   225  N N   . PRO A 1 29 ? 10.313  10.522  8.384   1.00 18.80 ? 29  PRO A N   1 
ATOM   226  C CA  . PRO A 1 29 ? 10.285  11.125  7.080   1.00 20.17 ? 29  PRO A CA  1 
ATOM   227  C C   . PRO A 1 29 ? 11.308  10.569  6.121   1.00 22.22 ? 29  PRO A C   1 
ATOM   228  O O   . PRO A 1 29 ? 11.160  10.767  4.919   1.00 23.11 ? 29  PRO A O   1 
ATOM   229  C CB  . PRO A 1 29 ? 10.539  12.594  7.374   1.00 21.08 ? 29  PRO A CB  1 
ATOM   230  C CG  . PRO A 1 29 ? 11.428  12.572  8.570   1.00 24.16 ? 29  PRO A CG  1 
ATOM   231  C CD  . PRO A 1 29 ? 10.798  11.446  9.443   1.00 20.08 ? 29  PRO A CD  1 
ATOM   232  N N   . GLN A 1 30 ? 12.289  9.843   6.611   1.00 21.51 ? 30  GLN A N   1 
ATOM   233  C CA  . GLN A 1 30 ? 13.272  9.167   5.766   1.00 21.92 ? 30  GLN A CA  1 
ATOM   234  C C   . GLN A 1 30 ? 12.704  7.962   4.982   1.00 23.57 ? 30  GLN A C   1 
ATOM   235  O O   . GLN A 1 30 ? 13.318  7.504   4.044   1.00 25.89 ? 30  GLN A O   1 
ATOM   236  C CB  . GLN A 1 30 ? 14.478  8.708   6.603   1.00 21.94 ? 30  GLN A CB  1 
ATOM   237  C CG  . GLN A 1 30 ? 14.296  7.370   7.384   1.00 20.56 ? 30  GLN A CG  1 
ATOM   238  C CD  . GLN A 1 30 ? 13.403  7.498   8.609   1.00 18.98 ? 30  GLN A CD  1 
ATOM   239  O OE1 . GLN A 1 30 ? 13.011  8.618   9.000   1.00 20.03 ? 30  GLN A OE1 1 
ATOM   240  N NE2 . GLN A 1 30 ? 13.091  6.363   9.259   1.00 18.17 ? 30  GLN A NE2 1 
ATOM   241  N N   . ILE A 1 31 ? 11.519  7.456   5.391   1.00 20.10 ? 31  ILE A N   1 
ATOM   242  C CA  . ILE A 1 31 ? 10.724  6.466   4.603   1.00 19.60 ? 31  ILE A CA  1 
ATOM   243  C C   . ILE A 1 31 ? 9.930   7.223   3.512   1.00 21.11 ? 31  ILE A C   1 
ATOM   244  O O   . ILE A 1 31 ? 8.987   7.914   3.793   1.00 25.04 ? 31  ILE A O   1 
ATOM   245  C CB  . ILE A 1 31 ? 9.788   5.695   5.553   1.00 19.10 ? 31  ILE A CB  1 
ATOM   246  C CG1 . ILE A 1 31 ? 10.607  5.104   6.646   1.00 21.09 ? 31  ILE A CG1 1 
ATOM   247  C CG2 . ILE A 1 31 ? 8.982   4.679   4.724   1.00 20.22 ? 31  ILE A CG2 1 
ATOM   248  C CD1 . ILE A 1 31 ? 9.786   4.351   7.638   1.00 22.83 ? 31  ILE A CD1 1 
ATOM   249  N N   . LYS A 1 32 ? 10.383  7.046   2.292   1.00 23.79 ? 32  LYS A N   1 
ATOM   250  C CA  . LYS A 1 32 ? 9.824   7.723   1.155   1.00 23.76 ? 32  LYS A CA  1 
ATOM   251  C C   . LYS A 1 32 ? 8.377   7.306   0.906   1.00 22.76 ? 32  LYS A C   1 
ATOM   252  O O   . LYS A 1 32 ? 7.564   8.115   0.701   1.00 23.79 ? 32  LYS A O   1 
ATOM   253  C CB  . LYS A 1 32 ? 10.715  7.416   -0.080  1.00 27.54 ? 32  LYS A CB  1 
ATOM   254  C CG  . LYS A 1 32 ? 12.162  7.955   0.019   1.00 36.82 ? 32  LYS A CG  1 
ATOM   255  C CD  . LYS A 1 32 ? 13.020  7.395   -1.124  1.00 40.42 ? 32  LYS A CD  1 
ATOM   256  C CE  . LYS A 1 32 ? 14.418  8.009   -1.105  1.00 51.47 ? 32  LYS A CE  1 
ATOM   257  N NZ  . LYS A 1 32 ? 15.300  7.255   -0.163  1.00 59.66 ? 32  LYS A NZ  1 
ATOM   258  N N   . ASN A 1 33 ? 8.078   6.020   1.099   1.00 17.46 ? 33  ASN A N   1 
ATOM   259  C CA  . ASN A 1 33 ? 6.721   5.603   0.838   1.00 16.14 ? 33  ASN A CA  1 
ATOM   260  C C   . ASN A 1 33 ? 6.314   4.751   2.062   1.00 14.54 ? 33  ASN A C   1 
ATOM   261  O O   . ASN A 1 33 ? 6.899   3.652   2.261   1.00 15.25 ? 33  ASN A O   1 
ATOM   262  C CB  . ASN A 1 33 ? 6.678   4.688   -0.411  1.00 14.76 ? 33  ASN A CB  1 
ATOM   263  C CG  . ASN A 1 33 ? 5.274   4.232   -0.735  1.00 14.68 ? 33  ASN A CG  1 
ATOM   264  O OD1 . ASN A 1 33 ? 4.434   4.165   0.132   1.00 15.88 ? 33  ASN A OD1 1 
ATOM   265  N ND2 . ASN A 1 33 ? 5.015   3.960   -2.023  1.00 18.15 ? 33  ASN A ND2 1 
ATOM   266  N N   . PRO A 1 34 ? 5.361   5.145   2.858   1.00 13.15 ? 34  PRO A N   1 
ATOM   267  C CA  . PRO A 1 34 ? 5.032   4.402   4.071   1.00 14.95 ? 34  PRO A CA  1 
ATOM   268  C C   . PRO A 1 34 ? 4.535   3.017   3.817   1.00 14.79 ? 34  PRO A C   1 
ATOM   269  O O   . PRO A 1 34 ? 4.578   2.177   4.756   1.00 14.57 ? 34  PRO A O   1 
ATOM   270  C CB  . PRO A 1 34 ? 3.838   5.183   4.702   1.00 18.48 ? 34  PRO A CB  1 
ATOM   271  C CG  . PRO A 1 34 ? 3.602   6.321   3.851   1.00 21.00 ? 34  PRO A CG  1 
ATOM   272  C CD  . PRO A 1 34 ? 4.617   6.411   2.729   1.00 15.94 ? 34  PRO A CD  1 
ATOM   273  N N   . ASN A 1 35 ? 4.150   2.674   2.581   1.00 13.63 ? 35  ASN A N   1 
ATOM   274  C CA  . ASN A 1 35 ? 3.675   1.345   2.244   1.00 12.48 ? 35  ASN A CA  1 
ATOM   275  C C   . ASN A 1 35 ? 4.797   0.396   1.957   1.00 13.31 ? 35  ASN A C   1 
ATOM   276  O O   . ASN A 1 35 ? 4.514   -0.778  1.732   1.00 13.57 ? 35  ASN A O   1 
ATOM   277  C CB  . ASN A 1 35 ? 2.700   1.413   1.014   1.00 13.52 ? 35  ASN A CB  1 
ATOM   278  C CG  . ASN A 1 35 ? 1.510   2.279   1.348   1.00 14.33 ? 35  ASN A CG  1 
ATOM   279  O OD1 . ASN A 1 35 ? 0.701   1.954   2.167   1.00 15.74 ? 35  ASN A OD1 1 
ATOM   280  N ND2 . ASN A 1 35 ? 1.432   3.473   0.767   1.00 13.95 ? 35  ASN A ND2 1 
ATOM   281  N N   . LEU A 1 36 ? 6.051   0.889   1.906   1.00 14.10 ? 36  LEU A N   1 
ATOM   282  C CA  . LEU A 1 36 ? 7.226   0.004   1.534   1.00 13.87 ? 36  LEU A CA  1 
ATOM   283  C C   . LEU A 1 36 ? 8.277   0.122   2.634   1.00 13.90 ? 36  LEU A C   1 
ATOM   284  O O   . LEU A 1 36 ? 8.975   1.130   2.729   1.00 15.50 ? 36  LEU A O   1 
ATOM   285  C CB  . LEU A 1 36 ? 7.801   0.547   0.213   1.00 14.30 ? 36  LEU A CB  1 
ATOM   286  C CG  . LEU A 1 36 ? 6.861   0.702   -0.990  1.00 20.72 ? 36  LEU A CG  1 
ATOM   287  C CD1 . LEU A 1 36 ? 7.561   1.378   -2.171  1.00 22.12 ? 36  LEU A CD1 1 
ATOM   288  C CD2 . LEU A 1 36 ? 6.278   -0.701  -1.367  1.00 24.53 ? 36  LEU A CD2 1 
ATOM   289  N N   . ILE A 1 37 ? 8.337   -0.913  3.462   1.00 13.28 ? 37  ILE A N   1 
ATOM   290  C CA  . ILE A 1 37 ? 9.334   -1.027  4.509   1.00 13.45 ? 37  ILE A CA  1 
ATOM   291  C C   . ILE A 1 37 ? 9.874   -2.462  4.435   1.00 13.24 ? 37  ILE A C   1 
ATOM   292  O O   . ILE A 1 37 ? 9.274   -3.379  3.860   1.00 14.07 ? 37  ILE A O   1 
ATOM   293  C CB  . ILE A 1 37 ? 8.776   -0.740  5.927   1.00 12.90 ? 37  ILE A CB  1 
ATOM   294  C CG1 . ILE A 1 37 ? 7.640   -1.663  6.315   1.00 14.52 ? 37  ILE A CG1 1 
ATOM   295  C CG2 . ILE A 1 37 ? 8.357   0.786   6.010   1.00 15.33 ? 37  ILE A CG2 1 
ATOM   296  C CD1 . ILE A 1 37 ? 7.234   -1.530  7.794   1.00 14.88 ? 37  ILE A CD1 1 
ATOM   297  N N   . TYR A 1 38 ? 11.105  -2.575  4.977   1.00 14.04 ? 38  TYR A N   1 
ATOM   298  C CA  . TYR A 1 38 ? 11.901  -3.824  4.774   1.00 14.55 ? 38  TYR A CA  1 
ATOM   299  C C   . TYR A 1 38 ? 12.443  -4.305  6.129   1.00 13.01 ? 38  TYR A C   1 
ATOM   300  O O   . TYR A 1 38 ? 12.822  -3.449  6.950   1.00 14.76 ? 38  TYR A O   1 
ATOM   301  C CB  . TYR A 1 38 ? 13.103  -3.505  3.822   1.00 15.62 ? 38  TYR A CB  1 
ATOM   302  C CG  . TYR A 1 38 ? 12.567  -3.176  2.483   1.00 19.91 ? 38  TYR A CG  1 
ATOM   303  C CD1 . TYR A 1 38 ? 12.293  -4.191  1.525   1.00 21.83 ? 38  TYR A CD1 1 
ATOM   304  C CD2 . TYR A 1 38 ? 12.155  -1.835  2.212   1.00 22.38 ? 38  TYR A CD2 1 
ATOM   305  C CE1 . TYR A 1 38 ? 11.598  -3.830  0.296   1.00 29.27 ? 38  TYR A CE1 1 
ATOM   306  C CE2 . TYR A 1 38 ? 11.410  -1.515  1.037   1.00 25.55 ? 38  TYR A CE2 1 
ATOM   307  C CZ  . TYR A 1 38 ? 11.111  -2.466  0.110   1.00 28.13 ? 38  TYR A CZ  1 
ATOM   308  O OH  . TYR A 1 38 ? 10.414  -2.005  -1.101  1.00 27.94 ? 38  TYR A OH  1 
ATOM   309  N N   . PRO A 1 39 ? 12.607  -5.586  6.262   1.00 13.47 ? 39  PRO A N   1 
ATOM   310  C CA  . PRO A 1 39 ? 13.228  -6.096  7.476   1.00 14.59 ? 39  PRO A CA  1 
ATOM   311  C C   . PRO A 1 39 ? 14.603  -5.499  7.652   1.00 15.22 ? 39  PRO A C   1 
ATOM   312  O O   . PRO A 1 39 ? 15.359  -5.273  6.682   1.00 16.11 ? 39  PRO A O   1 
ATOM   313  C CB  . PRO A 1 39 ? 13.352  -7.601  7.200   1.00 14.90 ? 39  PRO A CB  1 
ATOM   314  C CG  . PRO A 1 39 ? 12.166  -7.903  6.282   1.00 15.63 ? 39  PRO A CG  1 
ATOM   315  C CD  . PRO A 1 39 ? 12.216  -6.704  5.335   1.00 14.12 ? 39  PRO A CD  1 
ATOM   316  N N   . GLY A 1 40 ? 14.907  -5.222  8.911   1.00 15.14 ? 40  GLY A N   1 
ATOM   317  C CA  . GLY A 1 40 ? 16.244  -4.663  9.214   1.00 16.79 ? 40  GLY A CA  1 
ATOM   318  C C   . GLY A 1 40 ? 16.264  -3.156  9.218   1.00 17.93 ? 40  GLY A C   1 
ATOM   319  O O   . GLY A 1 40 ? 17.207  -2.565  9.830   1.00 20.94 ? 40  GLY A O   1 
ATOM   320  N N   . GLN A 1 41 ? 15.309  -2.487  8.606   1.00 16.71 ? 41  GLN A N   1 
ATOM   321  C CA  . GLN A 1 41 ? 15.218  -1.010  8.655   1.00 17.85 ? 41  GLN A CA  1 
ATOM   322  C C   . GLN A 1 41 ? 14.926  -0.513  10.037  1.00 18.39 ? 41  GLN A C   1 
ATOM   323  O O   . GLN A 1 41 ? 14.130  -1.123  10.749  1.00 18.55 ? 41  GLN A O   1 
ATOM   324  C CB  . GLN A 1 41 ? 14.080  -0.712  7.701   1.00 23.68 ? 41  GLN A CB  1 
ATOM   325  C CG  . GLN A 1 41 ? 13.855  0.687   7.434   1.00 28.79 ? 41  GLN A CG  1 
ATOM   326  C CD  . GLN A 1 41 ? 12.832  0.892   6.335   1.00 25.05 ? 41  GLN A CD  1 
ATOM   327  O OE1 . GLN A 1 41 ? 12.380  0.023   5.525   1.00 18.54 ? 41  GLN A OE1 1 
ATOM   328  N NE2 . GLN A 1 41 ? 12.519  2.168   6.223   1.00 29.20 ? 41  GLN A NE2 1 
ATOM   329  N N   . LYS A 1 42 ? 15.504  0.630   10.408  1.00 22.09 ? 42  LYS A N   1 
ATOM   330  C CA  . LYS A 1 42 ? 15.259  1.134   11.753  1.00 24.21 ? 42  LYS A CA  1 
ATOM   331  C C   . LYS A 1 42 ? 14.293  2.215   11.649  1.00 23.46 ? 42  LYS A C   1 
ATOM   332  O O   . LYS A 1 42 ? 14.404  3.083   10.749  1.00 34.73 ? 42  LYS A O   1 
ATOM   333  C CB  . LYS A 1 42 ? 16.535  1.775   12.369  1.00 30.10 ? 42  LYS A CB  1 
ATOM   334  C CG  . LYS A 1 42 ? 17.764  0.945   12.286  1.00 40.05 ? 42  LYS A CG  1 
ATOM   335  C CD  . LYS A 1 42 ? 17.631  -0.251  13.204  1.00 42.42 ? 42  LYS A CD  1 
ATOM   336  C CE  . LYS A 1 42 ? 18.981  -0.905  13.518  1.00 50.50 ? 42  LYS A CE  1 
ATOM   337  N NZ  . LYS A 1 42 ? 19.612  -0.358  14.768  1.00 60.56 ? 42  LYS A NZ  1 
ATOM   338  N N   . ILE A 1 43 ? 13.297  2.157   12.436  1.00 21.06 ? 43  ILE A N   1 
ATOM   339  C CA  . ILE A 1 43 ? 12.482  3.314   12.434  1.00 24.76 ? 43  ILE A CA  1 
ATOM   340  C C   . ILE A 1 43 ? 12.384  3.972   13.820  1.00 26.60 ? 43  ILE A C   1 
ATOM   341  O O   . ILE A 1 43 ? 12.579  3.370   14.901  1.00 26.17 ? 43  ILE A O   1 
ATOM   342  C CB  . ILE A 1 43 ? 11.176  3.019   11.937  1.00 23.36 ? 43  ILE A CB  1 
ATOM   343  C CG1 . ILE A 1 43 ? 10.513  2.086   12.903  1.00 21.04 ? 43  ILE A CG1 1 
ATOM   344  C CG2 . ILE A 1 43 ? 11.151  2.369   10.501  1.00 26.57 ? 43  ILE A CG2 1 
ATOM   345  C CD1 . ILE A 1 43 ? 9.041   2.303   12.831  1.00 31.71 ? 43  ILE A CD1 1 
ATOM   346  N N   . ASN A 1 44 ? 12.055  5.209   13.766  1.00 17.92 ? 44  ASN A N   1 
ATOM   347  C CA  . ASN A 1 44 ? 12.009  6.001   14.995  1.00 18.62 ? 44  ASN A CA  1 
ATOM   348  C C   . ASN A 1 44 ? 10.679  5.910   15.629  1.00 20.55 ? 44  ASN A C   1 
ATOM   349  O O   . ASN A 1 44 ? 9.594   5.884   15.000  1.00 20.31 ? 44  ASN A O   1 
ATOM   350  C CB  . ASN A 1 44 ? 12.225  7.465   14.598  1.00 19.42 ? 44  ASN A CB  1 
ATOM   351  C CG  . ASN A 1 44 ? 13.452  7.690   13.816  1.00 22.71 ? 44  ASN A CG  1 
ATOM   352  O OD1 . ASN A 1 44 ? 13.457  8.283   12.651  1.00 26.69 ? 44  ASN A OD1 1 
ATOM   353  N ND2 . ASN A 1 44 ? 14.567  7.295   14.395  1.00 24.19 ? 44  ASN A ND2 1 
ATOM   354  N N   . ILE A 1 45 ? 10.669  5.851   16.948  1.00 21.33 ? 45  ILE A N   1 
ATOM   355  C CA  . ILE A 1 45 ? 9.427   5.772   17.706  1.00 22.16 ? 45  ILE A CA  1 
ATOM   356  C C   . ILE A 1 45 ? 9.294   7.158   18.358  1.00 26.43 ? 45  ILE A C   1 
ATOM   357  O O   . ILE A 1 45 ? 10.234  7.561   19.042  1.00 31.85 ? 45  ILE A O   1 
ATOM   358  C CB  . ILE A 1 45 ? 9.454   4.605   18.729  1.00 27.89 ? 45  ILE A CB  1 
ATOM   359  C CG1 . ILE A 1 45 ? 9.740   3.230   18.073  1.00 33.28 ? 45  ILE A CG1 1 
ATOM   360  C CG2 . ILE A 1 45 ? 8.198   4.599   19.593  1.00 31.85 ? 45  ILE A CG2 1 
ATOM   361  C CD1 . ILE A 1 45 ? 8.677   2.769   17.134  1.00 34.65 ? 45  ILE A CD1 1 
ATOM   362  N N   . PRO A 1 46 ? 8.189   7.881   18.130  1.00 26.94 ? 46  PRO A N   1 
ATOM   363  C CA  . PRO A 1 46 ? 8.052   9.274   18.573  1.00 31.94 ? 46  PRO A CA  1 
ATOM   364  C C   . PRO A 1 46 ? 8.167   9.443   20.122  1.00 37.57 ? 46  PRO A C   1 
ATOM   365  O O   . PRO A 1 46 ? 7.601   8.595   20.844  1.00 40.18 ? 46  PRO A O   1 
ATOM   366  C CB  . PRO A 1 46 ? 6.668   9.704   18.030  1.00 31.62 ? 46  PRO A CB  1 
ATOM   367  C CG  . PRO A 1 46 ? 6.072   8.562   17.290  1.00 29.01 ? 46  PRO A CG  1 
ATOM   368  C CD  . PRO A 1 46 ? 7.044   7.395   17.330  1.00 25.89 ? 46  PRO A CD  1 
ATOM   369  N N   . MET B 1 1  ? 3.984   -11.771 -17.105 1.00 47.72 ? 1   MET B N   1 
ATOM   370  C CA  . MET B 1 1  ? 3.965   -10.678 -18.094 1.00 40.13 ? 1   MET B CA  1 
ATOM   371  C C   . MET B 1 1  ? 4.447   -9.386  -17.445 1.00 37.46 ? 1   MET B C   1 
ATOM   372  O O   . MET B 1 1  ? 4.468   -8.318  -18.083 1.00 36.21 ? 1   MET B O   1 
ATOM   373  C CB  . MET B 1 1  ? 2.551   -10.572 -18.702 1.00 34.08 ? 1   MET B CB  1 
ATOM   374  C CG  . MET B 1 1  ? 1.412   -10.305 -17.673 1.00 38.77 ? 1   MET B CG  1 
ATOM   375  S SD  . MET B 1 1  ? 0.052   -9.851  -18.761 1.00 71.76 ? 1   MET B SD  1 
ATOM   376  C CE  . MET B 1 1  ? 0.688   -8.298  -19.482 1.00 46.79 ? 1   MET B CE  1 
ATOM   377  N N   . TYR B 1 2  ? 4.854   -9.471  -16.165 1.00 27.43 ? 2   TYR B N   1 
ATOM   378  C CA  . TYR B 1 2  ? 5.461   -8.310  -15.510 1.00 24.26 ? 2   TYR B CA  1 
ATOM   379  C C   . TYR B 1 2  ? 6.652   -8.764  -14.588 1.00 23.28 ? 2   TYR B C   1 
ATOM   380  O O   . TYR B 1 2  ? 6.545   -9.757  -13.891 1.00 24.27 ? 2   TYR B O   1 
ATOM   381  C CB  . TYR B 1 2  ? 4.368   -7.617  -14.643 1.00 26.58 ? 2   TYR B CB  1 
ATOM   382  C CG  . TYR B 1 2  ? 4.877   -6.505  -13.800 1.00 23.04 ? 2   TYR B CG  1 
ATOM   383  C CD1 . TYR B 1 2  ? 4.966   -5.211  -14.272 1.00 23.74 ? 2   TYR B CD1 1 
ATOM   384  C CD2 . TYR B 1 2  ? 5.303   -6.761  -12.487 1.00 21.20 ? 2   TYR B CD2 1 
ATOM   385  C CE1 . TYR B 1 2  ? 5.513   -4.154  -13.547 1.00 23.05 ? 2   TYR B CE1 1 
ATOM   386  C CE2 . TYR B 1 2  ? 5.847   -5.731  -11.712 1.00 21.93 ? 2   TYR B CE2 1 
ATOM   387  C CZ  . TYR B 1 2  ? 5.941   -4.409  -12.211 1.00 21.88 ? 2   TYR B CZ  1 
ATOM   388  O OH  . TYR B 1 2  ? 6.446   -3.324  -11.566 1.00 24.87 ? 2   TYR B OH  1 
ATOM   389  N N   . THR B 1 3  ? 7.757   -7.996  -14.678 1.00 23.21 ? 3   THR B N   1 
ATOM   390  C CA  . THR B 1 3  ? 8.922   -8.376  -13.877 1.00 22.61 ? 3   THR B CA  1 
ATOM   391  C C   . THR B 1 3  ? 8.905   -7.499  -12.610 1.00 20.25 ? 3   THR B C   1 
ATOM   392  O O   . THR B 1 3  ? 8.937   -6.250  -12.699 1.00 21.78 ? 3   THR B O   1 
ATOM   393  C CB  . THR B 1 3  ? 10.194  -8.112  -14.678 1.00 27.87 ? 3   THR B CB  1 
ATOM   394  O OG1 . THR B 1 3  ? 10.143  -8.960  -15.847 1.00 27.57 ? 3   THR B OG1 1 
ATOM   395  C CG2 . THR B 1 3  ? 11.411  -8.479  -13.857 1.00 27.25 ? 3   THR B CG2 1 
ATOM   396  N N   . VAL B 1 4  ? 8.897   -8.201  -11.473 1.00 18.53 ? 4   VAL B N   1 
ATOM   397  C CA  . VAL B 1 4  ? 8.904   -7.464  -10.150 1.00 18.55 ? 4   VAL B CA  1 
ATOM   398  C C   . VAL B 1 4  ? 10.195  -6.644  -10.033 1.00 19.80 ? 4   VAL B C   1 
ATOM   399  O O   . VAL B 1 4  ? 11.316  -7.179  -10.252 1.00 21.82 ? 4   VAL B O   1 
ATOM   400  C CB  . VAL B 1 4  ? 8.800   -8.504  -9.045  1.00 17.54 ? 4   VAL B CB  1 
ATOM   401  C CG1 . VAL B 1 4  ? 8.988   -7.859  -7.701  1.00 18.70 ? 4   VAL B CG1 1 
ATOM   402  C CG2 . VAL B 1 4  ? 7.436   -9.208  -9.140  1.00 18.58 ? 4   VAL B CG2 1 
ATOM   403  N N   . LYS B 1 5  ? 10.059  -5.381  -9.739  1.00 18.61 ? 5   LYS B N   1 
ATOM   404  C CA  . LYS B 1 5  ? 11.136  -4.399  -9.569  1.00 20.81 ? 5   LYS B CA  1 
ATOM   405  C C   . LYS B 1 5  ? 11.562  -4.468  -8.103  1.00 19.88 ? 5   LYS B C   1 
ATOM   406  O O   . LYS B 1 5  ? 10.813  -4.937  -7.233  1.00 18.62 ? 5   LYS B O   1 
ATOM   407  C CB  . LYS B 1 5  ? 10.643  -3.001  -9.901  1.00 23.03 ? 5   LYS B CB  1 
ATOM   408  C CG  . LYS B 1 5  ? 10.266  -2.833  -11.399 1.00 25.29 ? 5   LYS B CG  1 
ATOM   409  C CD  . LYS B 1 5  ? 9.834   -1.352  -11.484 1.00 30.52 ? 5   LYS B CD  1 
ATOM   410  C CE  . LYS B 1 5  ? 9.597   -0.898  -12.906 1.00 38.83 ? 5   LYS B CE  1 
ATOM   411  N NZ  . LYS B 1 5  ? 8.356   -1.523  -13.423 1.00 35.76 ? 5   LYS B NZ  1 
ATOM   412  N N   . PRO B 1 6  ? 12.768  -4.043  -7.809  1.00 21.04 ? 6   PRO B N   1 
ATOM   413  C CA  . PRO B 1 6  ? 13.200  -4.141  -6.442  1.00 20.36 ? 6   PRO B CA  1 
ATOM   414  C C   . PRO B 1 6  ? 12.379  -3.170  -5.622  1.00 22.61 ? 6   PRO B C   1 
ATOM   415  O O   . PRO B 1 6  ? 11.979  -2.161  -6.140  1.00 26.41 ? 6   PRO B O   1 
ATOM   416  C CB  . PRO B 1 6  ? 14.690  -3.625  -6.507  1.00 23.42 ? 6   PRO B CB  1 
ATOM   417  C CG  . PRO B 1 6  ? 14.969  -3.328  -7.896  1.00 31.55 ? 6   PRO B CG  1 
ATOM   418  C CD  . PRO B 1 6  ? 13.775  -3.546  -8.776  1.00 25.62 ? 6   PRO B CD  1 
ATOM   419  N N   . GLY B 1 7  ? 11.990  -3.372  -4.399  1.00 25.07 ? 7   GLY B N   1 
ATOM   420  C CA  . GLY B 1 7  ? 10.882  -2.160  -4.233  1.00 26.75 ? 7   GLY B CA  1 
ATOM   421  C C   . GLY B 1 7  ? 9.359   -2.160  -4.743  1.00 22.03 ? 7   GLY B C   1 
ATOM   422  O O   . GLY B 1 7  ? 8.501   -1.359  -4.313  1.00 21.72 ? 7   GLY B O   1 
ATOM   423  N N   . ASP B 1 8  ? 9.012   -3.194  -5.476  1.00 16.85 ? 8   ASP B N   1 
ATOM   424  C CA  . ASP B 1 8  ? 7.626   -3.549  -5.671  1.00 14.82 ? 8   ASP B CA  1 
ATOM   425  C C   . ASP B 1 8  ? 7.064   -4.396  -4.529  1.00 17.29 ? 8   ASP B C   1 
ATOM   426  O O   . ASP B 1 8  ? 7.771   -5.158  -3.837  1.00 18.12 ? 8   ASP B O   1 
ATOM   427  C CB  . ASP B 1 8  ? 7.461   -4.361  -6.964  1.00 16.77 ? 8   ASP B CB  1 
ATOM   428  C CG  . ASP B 1 8  ? 7.369   -3.511  -8.212  1.00 20.81 ? 8   ASP B CG  1 
ATOM   429  O OD1 . ASP B 1 8  ? 7.036   -2.327  -8.172  1.00 24.71 ? 8   ASP B OD1 1 
ATOM   430  O OD2 . ASP B 1 8  ? 7.469   -4.127  -9.303  1.00 22.14 ? 8   ASP B OD2 1 
ATOM   431  N N   . THR B 1 9  ? 5.748   -4.211  -4.349  1.00 15.17 ? 9   THR B N   1 
ATOM   432  C CA  . THR B 1 9  ? 4.931   -5.143  -3.577  1.00 14.23 ? 9   THR B CA  1 
ATOM   433  C C   . THR B 1 9  ? 3.691   -5.415  -4.413  1.00 14.25 ? 9   THR B C   1 
ATOM   434  O O   . THR B 1 9  ? 3.411   -4.699  -5.374  1.00 14.34 ? 9   THR B O   1 
ATOM   435  C CB  . THR B 1 9  ? 4.499   -4.563  -2.228  1.00 14.31 ? 9   THR B CB  1 
ATOM   436  O OG1 . THR B 1 9  ? 3.658   -3.408  -2.502  1.00 13.43 ? 9   THR B OG1 1 
ATOM   437  C CG2 . THR B 1 9  ? 5.727   -4.130  -1.322  1.00 14.90 ? 9   THR B CG2 1 
ATOM   438  N N   . MET B 1 10 ? 2.978   -6.491  -4.104  1.00 14.80 ? 10  MET B N   1 
ATOM   439  C CA  A MET B 1 10 ? 1.762   -6.771  -4.867  0.50 14.74 ? 10  MET B CA  1 
ATOM   440  C CA  B MET B 1 10 ? 1.792   -6.762  -4.844  0.50 15.35 ? 10  MET B CA  1 
ATOM   441  C C   . MET B 1 10 ? 0.779   -5.625  -4.784  1.00 14.85 ? 10  MET B C   1 
ATOM   442  O O   . MET B 1 10 ? 0.117   -5.339  -5.787  1.00 15.39 ? 10  MET B O   1 
ATOM   443  C CB  A MET B 1 10 ? 1.133   -8.097  -4.447  0.50 15.72 ? 10  MET B CB  1 
ATOM   444  C CB  B MET B 1 10 ? 1.190   -8.024  -4.323  0.50 17.06 ? 10  MET B CB  1 
ATOM   445  C CG  A MET B 1 10 ? 2.027   -9.257  -4.788  0.50 14.89 ? 10  MET B CG  1 
ATOM   446  C CG  B MET B 1 10 ? 0.105   -8.400  -5.250  0.50 19.63 ? 10  MET B CG  1 
ATOM   447  S SD  A MET B 1 10 ? 1.992   -9.780  -6.507  0.50 22.77 ? 10  MET B SD  1 
ATOM   448  S SD  B MET B 1 10 ? -0.523  -10.034 -4.832  0.50 25.19 ? 10  MET B SD  1 
ATOM   449  C CE  A MET B 1 10 ? 0.558   -10.896 -6.389  0.50 22.79 ? 10  MET B CE  1 
ATOM   450  C CE  B MET B 1 10 ? 1.065   -10.911 -4.879  0.50 13.66 ? 10  MET B CE  1 
ATOM   451  N N   . TRP B 1 11 ? 0.684   -5.009  -3.609  1.00 13.38 ? 11  TRP B N   1 
ATOM   452  C CA  . TRP B 1 11 ? -0.240  -3.882  -3.446  1.00 14.24 ? 11  TRP B CA  1 
ATOM   453  C C   . TRP B 1 11 ? 0.236   -2.760  -4.324  1.00 14.69 ? 11  TRP B C   1 
ATOM   454  O O   . TRP B 1 11 ? -0.610  -2.123  -5.021  1.00 15.35 ? 11  TRP B O   1 
ATOM   455  C CB  . TRP B 1 11 ? -0.209  -3.497  -1.970  1.00 13.41 ? 11  TRP B CB  1 
ATOM   456  C CG  . TRP B 1 11 ? -1.085  -2.276  -1.667  1.00 13.23 ? 11  TRP B CG  1 
ATOM   457  C CD1 . TRP B 1 11 ? -2.412  -2.356  -1.365  1.00 15.94 ? 11  TRP B CD1 1 
ATOM   458  C CD2 . TRP B 1 11 ? -0.709  -0.900  -1.652  1.00 13.79 ? 11  TRP B CD2 1 
ATOM   459  N NE1 . TRP B 1 11 ? -2.895  -1.032  -1.181  1.00 16.35 ? 11  TRP B NE1 1 
ATOM   460  C CE2 . TRP B 1 11 ? -1.887  -0.142  -1.339  1.00 13.20 ? 11  TRP B CE2 1 
ATOM   461  C CE3 . TRP B 1 11 ? 0.539   -0.211  -1.866  1.00 14.27 ? 11  TRP B CE3 1 
ATOM   462  C CZ2 . TRP B 1 11 ? -1.854  1.269   -1.204  1.00 14.21 ? 11  TRP B CZ2 1 
ATOM   463  C CZ3 . TRP B 1 11 ? 0.536   1.223   -1.780  1.00 14.95 ? 11  TRP B CZ3 1 
ATOM   464  C CH2 . TRP B 1 11 ? -0.651  1.924   -1.450  1.00 14.88 ? 11  TRP B CH2 1 
ATOM   465  N N   . LYS B 1 12 ? 1.551   -2.397  -4.406  1.00 14.29 ? 12  LYS B N   1 
ATOM   466  C CA  . LYS B 1 12 ? 1.992   -1.268  -5.263  1.00 14.09 ? 12  LYS B CA  1 
ATOM   467  C C   . LYS B 1 12 ? 1.690   -1.641  -6.719  1.00 15.10 ? 12  LYS B C   1 
ATOM   468  O O   . LYS B 1 12 ? 1.326   -0.731  -7.472  1.00 15.32 ? 12  LYS B O   1 
ATOM   469  C CB  . LYS B 1 12 ? 3.505   -1.108  -5.038  1.00 16.77 ? 12  LYS B CB  1 
ATOM   470  C CG  . LYS B 1 12 ? 4.150   0.081   -5.632  1.00 21.77 ? 12  LYS B CG  1 
ATOM   471  C CD  . LYS B 1 12 ? 5.673   0.234   -5.267  1.00 24.08 ? 12  LYS B CD  1 
ATOM   472  C CE  . LYS B 1 12 ? 6.218   1.410   -6.018  1.00 27.76 ? 12  LYS B CE  1 
ATOM   473  N NZ  . LYS B 1 12 ? 7.693   1.318   -5.711  1.00 30.81 ? 12  LYS B NZ  1 
ATOM   474  N N   . ILE B 1 13 ? 1.880   -2.916  -7.105  1.00 15.12 ? 13  ILE B N   1 
ATOM   475  C CA  . ILE B 1 13 ? 1.669   -3.270  -8.517  1.00 16.31 ? 13  ILE B CA  1 
ATOM   476  C C   . ILE B 1 13 ? 0.152   -3.160  -8.779  1.00 16.39 ? 13  ILE B C   1 
ATOM   477  O O   . ILE B 1 13 ? -0.202  -2.591  -9.863  1.00 16.94 ? 13  ILE B O   1 
ATOM   478  C CB  . ILE B 1 13 ? 2.189   -4.659  -8.769  1.00 15.33 ? 13  ILE B CB  1 
ATOM   479  C CG1 . ILE B 1 13 ? 3.703   -4.658  -8.601  1.00 17.04 ? 13  ILE B CG1 1 
ATOM   480  C CG2 . ILE B 1 13 ? 1.796   -5.106  -10.174 1.00 18.02 ? 13  ILE B CG2 1 
ATOM   481  C CD1 . ILE B 1 13 ? 4.210   -6.090  -8.482  1.00 17.08 ? 13  ILE B CD1 1 
ATOM   482  N N   . ALA B 1 14 ? -0.733  -3.598  -7.905  1.00 15.69 ? 14  ALA B N   1 
ATOM   483  C CA  . ALA B 1 14 ? -2.174  -3.456  -8.118  1.00 13.81 ? 14  ALA B CA  1 
ATOM   484  C C   . ALA B 1 14 ? -2.514  -1.984  -8.270  1.00 15.32 ? 14  ALA B C   1 
ATOM   485  O O   . ALA B 1 14 ? -3.333  -1.587  -9.152  1.00 17.63 ? 14  ALA B O   1 
ATOM   486  C CB  . ALA B 1 14 ? -2.917  -4.046  -6.900  1.00 15.59 ? 14  ALA B CB  1 
ATOM   487  N N   . VAL B 1 15 ? -1.966  -1.130  -7.392  1.00 14.39 ? 15  VAL B N   1 
ATOM   488  C CA  . VAL B 1 15 ? -2.353  0.317   -7.481  1.00 15.05 ? 15  VAL B CA  1 
ATOM   489  C C   . VAL B 1 15 ? -1.816  0.882   -8.825  1.00 16.43 ? 15  VAL B C   1 
ATOM   490  O O   . VAL B 1 15 ? -2.531  1.675   -9.504  1.00 18.75 ? 15  VAL B O   1 
ATOM   491  C CB  . VAL B 1 15 ? -1.727  1.079   -6.305  1.00 14.70 ? 15  VAL B CB  1 
ATOM   492  C CG1 . VAL B 1 15 ? -1.917  2.605   -6.509  1.00 18.03 ? 15  VAL B CG1 1 
ATOM   493  C CG2 . VAL B 1 15 ? -2.399  0.639   -5.005  1.00 16.80 ? 15  VAL B CG2 1 
ATOM   494  N N   . LYS B 1 16 ? -0.648  0.468   -9.294  1.00 16.78 ? 16  LYS B N   1 
ATOM   495  C CA  . LYS B 1 16 ? -0.135  1.000   -10.606 1.00 18.15 ? 16  LYS B CA  1 
ATOM   496  C C   . LYS B 1 16 ? -1.079  0.588   -11.716 1.00 18.20 ? 16  LYS B C   1 
ATOM   497  O O   . LYS B 1 16 ? -1.374  1.476   -12.591 1.00 20.69 ? 16  LYS B O   1 
ATOM   498  C CB  . LYS B 1 16 ? 1.212   0.330   -10.857 1.00 20.79 ? 16  LYS B CB  1 
ATOM   499  C CG  . LYS B 1 16 ? 1.774   0.788   -12.209 1.00 25.55 ? 16  LYS B CG  1 
ATOM   500  C CD  . LYS B 1 16 ? 3.276   0.699   -12.246 1.00 35.30 ? 16  LYS B CD  1 
ATOM   501  C CE  . LYS B 1 16 ? 3.746   -0.738  -12.299 1.00 46.58 ? 16  LYS B CE  1 
ATOM   502  N NZ  . LYS B 1 16 ? 5.250   -0.866  -12.352 1.00 47.07 ? 16  LYS B NZ  1 
ATOM   503  N N   . TYR B 1 17 ? -1.626  -0.607  -11.680 1.00 16.19 ? 17  TYR B N   1 
ATOM   504  C CA  . TYR B 1 17 ? -2.430  -1.129  -12.813 1.00 17.85 ? 17  TYR B CA  1 
ATOM   505  C C   . TYR B 1 17 ? -3.930  -0.884  -12.629 1.00 20.57 ? 17  TYR B C   1 
ATOM   506  O O   . TYR B 1 17 ? -4.734  -1.416  -13.371 1.00 20.79 ? 17  TYR B O   1 
ATOM   507  C CB  . TYR B 1 17 ? -2.072  -2.581  -13.106 1.00 18.34 ? 17  TYR B CB  1 
ATOM   508  C CG  . TYR B 1 17 ? -0.771  -2.650  -13.798 1.00 20.15 ? 17  TYR B CG  1 
ATOM   509  C CD1 . TYR B 1 17 ? -0.683  -2.304  -15.127 1.00 25.68 ? 17  TYR B CD1 1 
ATOM   510  C CD2 . TYR B 1 17 ? 0.397   -3.053  -13.129 1.00 21.75 ? 17  TYR B CD2 1 
ATOM   511  C CE1 . TYR B 1 17 ? 0.534   -2.376  -15.793 1.00 27.28 ? 17  TYR B CE1 1 
ATOM   512  C CE2 . TYR B 1 17 ? 1.671   -3.030  -13.786 1.00 27.66 ? 17  TYR B CE2 1 
ATOM   513  C CZ  . TYR B 1 17 ? 1.706   -2.680  -15.092 1.00 31.51 ? 17  TYR B CZ  1 
ATOM   514  O OH  . TYR B 1 17 ? 2.948   -2.704  -15.748 1.00 33.61 ? 17  TYR B OH  1 
ATOM   515  N N   . GLN B 1 18 ? -4.286  -0.204  -11.542 1.00 19.02 ? 18  GLN B N   1 
ATOM   516  C CA  . GLN B 1 18 ? -5.709  0.220   -11.322 1.00 20.19 ? 18  GLN B CA  1 
ATOM   517  C C   . GLN B 1 18 ? -6.575  -0.949  -11.084 1.00 22.30 ? 18  GLN B C   1 
ATOM   518  O O   . GLN B 1 18 ? -7.781  -0.996  -11.453 1.00 23.20 ? 18  GLN B O   1 
ATOM   519  C CB  . GLN B 1 18 ? -6.204  1.118   -12.482 1.00 22.63 ? 18  GLN B CB  1 
ATOM   520  C CG  . GLN B 1 18 ? -5.206  2.266   -12.671 1.00 29.10 ? 18  GLN B CG  1 
ATOM   521  C CD  . GLN B 1 18 ? -5.844  3.614   -12.701 1.00 42.38 ? 18  GLN B CD  1 
ATOM   522  O OE1 . GLN B 1 18 ? -6.827  3.798   -13.399 1.00 53.24 ? 18  GLN B OE1 1 
ATOM   523  N NE2 . GLN B 1 18 ? -5.309  4.548   -11.975 1.00 47.60 ? 18  GLN B NE2 1 
ATOM   524  N N   . ILE B 1 19 ? -6.043  -1.980  -10.391 1.00 19.28 ? 19  ILE B N   1 
ATOM   525  C CA  . ILE B 1 19 ? -6.783  -3.118  -10.005 1.00 19.75 ? 19  ILE B CA  1 
ATOM   526  C C   . ILE B 1 19 ? -6.662  -3.392  -8.477  1.00 19.47 ? 19  ILE B C   1 
ATOM   527  O O   . ILE B 1 19 ? -5.898  -2.651  -7.782  1.00 19.12 ? 19  ILE B O   1 
ATOM   528  C CB  . ILE B 1 19 ? -6.340  -4.351  -10.821 1.00 21.19 ? 19  ILE B CB  1 
ATOM   529  C CG1 . ILE B 1 19 ? -4.825  -4.695  -10.620 1.00 20.03 ? 19  ILE B CG1 1 
ATOM   530  C CG2 . ILE B 1 19 ? -6.627  -4.170  -12.344 1.00 22.90 ? 19  ILE B CG2 1 
ATOM   531  C CD1 . ILE B 1 19 ? -4.362  -6.037  -11.254 1.00 21.35 ? 19  ILE B CD1 1 
ATOM   532  N N   . GLY B 1 20 ? -7.404  -4.398  -8.070  1.00 24.25 ? 20  GLY B N   1 
ATOM   533  C CA  . GLY B 1 20 ? -7.481  -4.726  -6.590  1.00 22.85 ? 20  GLY B CA  1 
ATOM   534  C C   . GLY B 1 20 ? -6.471  -5.854  -6.289  1.00 22.12 ? 20  GLY B C   1 
ATOM   535  O O   . GLY B 1 20 ? -6.011  -6.535  -7.146  1.00 23.53 ? 20  GLY B O   1 
ATOM   536  N N   . ILE B 1 21 ? -6.171  -5.903  -4.974  1.00 24.14 ? 21  ILE B N   1 
ATOM   537  C CA  . ILE B 1 21 ? -5.251  -6.952  -4.505  1.00 27.89 ? 21  ILE B CA  1 
ATOM   538  C C   . ILE B 1 21 ? -5.791  -8.387  -4.807  1.00 26.61 ? 21  ILE B C   1 
ATOM   539  O O   . ILE B 1 21 ? -5.069  -9.260  -5.335  1.00 25.42 ? 21  ILE B O   1 
ATOM   540  C CB  . ILE B 1 21 ? -4.890  -6.683  -3.038  1.00 31.14 ? 21  ILE B CB  1 
ATOM   541  C CG1 . ILE B 1 21 ? -3.693  -7.531  -2.647  1.00 36.73 ? 21  ILE B CG1 1 
ATOM   542  C CG2 . ILE B 1 21 ? -6.080  -6.882  -2.083  1.00 34.85 ? 21  ILE B CG2 1 
ATOM   543  C CD1 . ILE B 1 21 ? -2.356  -7.000  -3.127  1.00 35.11 ? 21  ILE B CD1 1 
ATOM   544  N N   . SER B 1 22 ? -7.113  -8.574  -4.645  1.00 26.49 ? 22  SER B N   1 
ATOM   545  C CA  . SER B 1 22 ? -7.626  -9.959  -4.908  1.00 25.39 ? 22  SER B CA  1 
ATOM   546  C C   . SER B 1 22 ? -7.465  -10.347 -6.363  1.00 24.21 ? 22  SER B C   1 
ATOM   547  O O   . SER B 1 22 ? -7.199  -11.521 -6.792  1.00 26.57 ? 22  SER B O   1 
ATOM   548  C CB  . SER B 1 22 ? -9.139  -10.025 -4.533  1.00 28.22 ? 22  SER B CB  1 
ATOM   549  O OG  . SER B 1 22 ? -9.196  -9.824  -3.136  1.00 32.22 ? 22  SER B OG  1 
ATOM   550  N N   . GLU B 1 23 ? -7.627  -9.365  -7.249  1.00 24.53 ? 23  GLU B N   1 
ATOM   551  C CA  . GLU B 1 23 ? -7.485  -9.645  -8.661  1.00 23.30 ? 23  GLU B CA  1 
ATOM   552  C C   . GLU B 1 23 ? -6.068  -10.024 -9.066  1.00 27.98 ? 23  GLU B C   1 
ATOM   553  O O   . GLU B 1 23 ? -5.785  -10.938 -9.841  1.00 27.37 ? 23  GLU B O   1 
ATOM   554  C CB  . GLU B 1 23 ? -8.078  -8.440  -9.498  1.00 23.82 ? 23  GLU B CB  1 
ATOM   555  C CG  . GLU B 1 23 ? -7.942  -8.576  -11.005 1.00 26.53 ? 23  GLU B CG  1 
ATOM   556  C CD  . GLU B 1 23 ? -8.802  -7.556  -11.741 1.00 23.10 ? 23  GLU B CD  1 
ATOM   557  O OE1 . GLU B 1 23 ? -9.184  -6.508  -11.079 1.00 27.43 ? 23  GLU B OE1 1 
ATOM   558  O OE2 . GLU B 1 23 ? -8.983  -7.822  -12.948 1.00 27.84 ? 23  GLU B OE2 1 
ATOM   559  N N   . ILE B 1 24 ? -5.120  -9.266  -8.505  1.00 24.68 ? 24  ILE B N   1 
ATOM   560  C CA  . ILE B 1 24 ? -3.784  -9.689  -8.780  1.00 25.76 ? 24  ILE B CA  1 
ATOM   561  C C   . ILE B 1 24 ? -3.352  -11.001 -8.114  1.00 28.22 ? 24  ILE B C   1 
ATOM   562  O O   . ILE B 1 24 ? -2.604  -11.756 -8.701  1.00 26.81 ? 24  ILE B O   1 
ATOM   563  C CB  . ILE B 1 24 ? -2.821  -8.469  -8.481  1.00 25.90 ? 24  ILE B CB  1 
ATOM   564  C CG1 . ILE B 1 24 ? -1.515  -8.625  -9.140  1.00 30.38 ? 24  ILE B CG1 1 
ATOM   565  C CG2 . ILE B 1 24 ? -2.583  -8.178  -6.980  1.00 26.01 ? 24  ILE B CG2 1 
ATOM   566  C CD1 . ILE B 1 24 ? -0.710  -7.338  -8.900  1.00 27.60 ? 24  ILE B CD1 1 
ATOM   567  N N   . ILE B 1 25 ? -3.816  -11.283 -6.893  1.00 24.41 ? 25  ILE B N   1 
ATOM   568  C CA  . ILE B 1 25 ? -3.638  -12.563 -6.275  1.00 27.99 ? 25  ILE B CA  1 
ATOM   569  C C   . ILE B 1 25 ? -4.226  -13.694 -7.088  1.00 27.95 ? 25  ILE B C   1 
ATOM   570  O O   . ILE B 1 25 ? -3.563  -14.721 -7.325  1.00 32.00 ? 25  ILE B O   1 
ATOM   571  C CB  . ILE B 1 25 ? -4.159  -12.529 -4.843  1.00 26.18 ? 25  ILE B CB  1 
ATOM   572  C CG1 . ILE B 1 25 ? -3.206  -11.686 -3.989  1.00 28.41 ? 25  ILE B CG1 1 
ATOM   573  C CG2 . ILE B 1 25 ? -4.289  -13.955 -4.296  1.00 30.09 ? 25  ILE B CG2 1 
ATOM   574  C CD1 . ILE B 1 25 ? -3.714  -11.280 -2.616  1.00 35.75 ? 25  ILE B CD1 1 
ATOM   575  N N   . ALA B 1 26 ? -5.480  -13.541 -7.571  1.00 26.67 ? 26  ALA B N   1 
ATOM   576  C CA  . ALA B 1 26 ? -6.168  -14.574 -8.388  1.00 27.21 ? 26  ALA B CA  1 
ATOM   577  C C   . ALA B 1 26 ? -5.415  -14.947 -9.630  1.00 29.99 ? 26  ALA B C   1 
ATOM   578  O O   . ALA B 1 26 ? -5.381  -16.089 -10.035 1.00 33.81 ? 26  ALA B O   1 
ATOM   579  C CB  . ALA B 1 26 ? -7.592  -14.102 -8.793  1.00 27.21 ? 26  ALA B CB  1 
ATOM   580  N N   . ALA B 1 27 ? -4.742  -13.963 -10.205 1.00 27.01 ? 27  ALA B N   1 
ATOM   581  C CA  . ALA B 1 27 ? -3.991  -14.131 -11.412 1.00 27.54 ? 27  ALA B CA  1 
ATOM   582  C C   . ALA B 1 27 ? -2.659  -14.872 -11.157 1.00 28.35 ? 27  ALA B C   1 
ATOM   583  O O   . ALA B 1 27 ? -1.982  -15.260 -12.113 1.00 28.81 ? 27  ALA B O   1 
ATOM   584  C CB  . ALA B 1 27 ? -3.776  -12.785 -12.063 1.00 26.35 ? 27  ALA B CB  1 
ATOM   585  N N   . ASN B 1 28 ? -2.305  -15.023 -9.877  1.00 25.75 ? 28  ASN B N   1 
ATOM   586  C CA  . ASN B 1 28 ? -0.938  -15.563 -9.595  1.00 25.26 ? 28  ASN B CA  1 
ATOM   587  C C   . ASN B 1 28 ? -1.004  -16.652 -8.570  1.00 26.52 ? 28  ASN B C   1 
ATOM   588  O O   . ASN B 1 28 ? -0.563  -16.536 -7.410  1.00 25.08 ? 28  ASN B O   1 
ATOM   589  C CB  . ASN B 1 28 ? -0.022  -14.411 -9.110  1.00 24.97 ? 28  ASN B CB  1 
ATOM   590  C CG  . ASN B 1 28 ? 0.346   -13.519 -10.225 1.00 25.50 ? 28  ASN B CG  1 
ATOM   591  O OD1 . ASN B 1 28 ? 1.192   -13.869 -11.052 1.00 26.27 ? 28  ASN B OD1 1 
ATOM   592  N ND2 . ASN B 1 28 ? -0.339  -12.379 -10.321 1.00 25.13 ? 28  ASN B ND2 1 
ATOM   593  N N   . PRO B 1 29 ? -1.640  -17.809 -8.929  1.00 26.90 ? 29  PRO B N   1 
ATOM   594  C CA  . PRO B 1 29 ? -1.775  -18.743 -7.826  1.00 27.90 ? 29  PRO B CA  1 
ATOM   595  C C   . PRO B 1 29 ? -0.460  -19.486 -7.476  1.00 25.37 ? 29  PRO B C   1 
ATOM   596  O O   . PRO B 1 29 ? -0.383  -20.145 -6.432  1.00 30.05 ? 29  PRO B O   1 
ATOM   597  C CB  . PRO B 1 29 ? -2.916  -19.701 -8.305  1.00 29.86 ? 29  PRO B CB  1 
ATOM   598  C CG  . PRO B 1 29 ? -2.930  -19.505 -9.756  1.00 29.43 ? 29  PRO B CG  1 
ATOM   599  C CD  . PRO B 1 29 ? -2.325  -18.240 -10.173 1.00 30.27 ? 29  PRO B CD  1 
ATOM   600  N N   . GLN B 1 30 ? 0.603   -19.271 -8.227  1.00 26.38 ? 30  GLN B N   1 
ATOM   601  C CA  . GLN B 1 30 ? 1.910   -19.838 -7.853  1.00 26.54 ? 30  GLN B CA  1 
ATOM   602  C C   . GLN B 1 30 ? 2.550   -19.086 -6.682  1.00 29.27 ? 30  GLN B C   1 
ATOM   603  O O   . GLN B 1 30 ? 3.566   -19.514 -6.149  1.00 29.97 ? 30  GLN B O   1 
ATOM   604  C CB  . GLN B 1 30 ? 2.853   -19.775 -9.031  1.00 29.71 ? 30  GLN B CB  1 
ATOM   605  C CG  . GLN B 1 30 ? 3.397   -18.425 -9.487  1.00 28.99 ? 30  GLN B CG  1 
ATOM   606  C CD  . GLN B 1 30 ? 2.405   -17.477 -10.161 1.00 32.29 ? 30  GLN B CD  1 
ATOM   607  O OE1 . GLN B 1 30 ? 1.200   -17.796 -10.323 1.00 32.44 ? 30  GLN B OE1 1 
ATOM   608  N NE2 . GLN B 1 30 ? 2.882   -16.238 -10.467 1.00 26.15 ? 30  GLN B NE2 1 
ATOM   609  N N   . ILE B 1 31 ? 2.009   -17.919 -6.349  1.00 25.67 ? 31  ILE B N   1 
ATOM   610  C CA  . ILE B 1 31 ? 2.614   -17.111 -5.277  1.00 25.28 ? 31  ILE B CA  1 
ATOM   611  C C   . ILE B 1 31 ? 2.029   -17.599 -3.977  1.00 26.30 ? 31  ILE B C   1 
ATOM   612  O O   . ILE B 1 31 ? 0.863   -17.406 -3.722  1.00 29.65 ? 31  ILE B O   1 
ATOM   613  C CB  . ILE B 1 31 ? 2.443   -15.593 -5.561  1.00 22.75 ? 31  ILE B CB  1 
ATOM   614  C CG1 . ILE B 1 31 ? 3.133   -15.191 -6.850  1.00 22.68 ? 31  ILE B CG1 1 
ATOM   615  C CG2 . ILE B 1 31 ? 2.970   -14.801 -4.327  1.00 25.23 ? 31  ILE B CG2 1 
ATOM   616  C CD1 . ILE B 1 31 ? 2.963   -13.680 -7.173  1.00 23.26 ? 31  ILE B CD1 1 
ATOM   617  N N   . LYS B 1 32 ? 2.872   -18.233 -3.164  1.00 28.92 ? 32  LYS B N   1 
ATOM   618  C CA  . LYS B 1 32 ? 2.469   -18.854 -1.892  1.00 34.31 ? 32  LYS B CA  1 
ATOM   619  C C   . LYS B 1 32 ? 1.949   -17.804 -0.878  1.00 28.86 ? 32  LYS B C   1 
ATOM   620  O O   . LYS B 1 32 ? 0.904   -17.910 -0.228  1.00 31.71 ? 32  LYS B O   1 
ATOM   621  C CB  . LYS B 1 32 ? 3.756   -19.509 -1.368  1.00 40.73 ? 32  LYS B CB  1 
ATOM   622  C CG  . LYS B 1 32 ? 3.745   -20.811 -0.640  1.00 54.86 ? 32  LYS B CG  1 
ATOM   623  C CD  . LYS B 1 32 ? 5.210   -21.283 -0.592  1.00 54.07 ? 32  LYS B CD  1 
ATOM   624  C CE  . LYS B 1 32 ? 5.669   -21.610 0.823   1.00 59.21 ? 32  LYS B CE  1 
ATOM   625  N NZ  . LYS B 1 32 ? 4.846   -22.757 1.335   1.00 58.81 ? 32  LYS B NZ  1 
ATOM   626  N N   . ASN B 1 33 ? 2.688   -16.709 -0.762  1.00 25.42 ? 33  ASN B N   1 
ATOM   627  C CA  . ASN B 1 33 ? 2.343   -15.727 0.220   1.00 23.07 ? 33  ASN B CA  1 
ATOM   628  C C   . ASN B 1 33 ? 2.393   -14.367 -0.550  1.00 21.62 ? 33  ASN B C   1 
ATOM   629  O O   . ASN B 1 33 ? 3.452   -13.929 -0.942  1.00 21.74 ? 33  ASN B O   1 
ATOM   630  C CB  . ASN B 1 33 ? 3.430   -15.694 1.290   1.00 24.41 ? 33  ASN B CB  1 
ATOM   631  C CG  . ASN B 1 33 ? 3.251   -14.580 2.272   1.00 28.99 ? 33  ASN B CG  1 
ATOM   632  O OD1 . ASN B 1 33 ? 2.384   -13.700 2.161   1.00 23.74 ? 33  ASN B OD1 1 
ATOM   633  N ND2 . ASN B 1 33 ? 4.052   -14.634 3.301   1.00 36.22 ? 33  ASN B ND2 1 
ATOM   634  N N   . PRO B 1 34 ? 1.257   -13.709 -0.740  1.00 20.70 ? 34  PRO B N   1 
ATOM   635  C CA  . PRO B 1 34 ? 1.212   -12.488 -1.542  1.00 18.93 ? 34  PRO B CA  1 
ATOM   636  C C   . PRO B 1 34 ? 2.088   -11.342 -0.973  1.00 17.35 ? 34  PRO B C   1 
ATOM   637  O O   . PRO B 1 34 ? 2.424   -10.441 -1.758  1.00 17.59 ? 34  PRO B O   1 
ATOM   638  C CB  . PRO B 1 34 ? -0.246  -12.085 -1.448  1.00 22.96 ? 34  PRO B CB  1 
ATOM   639  C CG  . PRO B 1 34 ? -0.934  -13.426 -1.493  1.00 27.89 ? 34  PRO B CG  1 
ATOM   640  C CD  . PRO B 1 34 ? -0.117  -14.127 -0.383  1.00 23.25 ? 34  PRO B CD  1 
ATOM   641  N N   . ASN B 1 35 ? 2.444   -11.409 0.321   1.00 19.08 ? 35  ASN B N   1 
ATOM   642  C CA  . ASN B 1 35 ? 3.370   -10.401 0.937   1.00 17.06 ? 35  ASN B CA  1 
ATOM   643  C C   . ASN B 1 35 ? 4.809   -10.596 0.536   1.00 15.77 ? 35  ASN B C   1 
ATOM   644  O O   . ASN B 1 35 ? 5.632   -9.781  0.931   1.00 16.91 ? 35  ASN B O   1 
ATOM   645  C CB  . ASN B 1 35 ? 3.185   -10.464 2.427   1.00 16.61 ? 35  ASN B CB  1 
ATOM   646  C CG  . ASN B 1 35 ? 1.776   -10.126 2.833   1.00 20.42 ? 35  ASN B CG  1 
ATOM   647  O OD1 . ASN B 1 35 ? 1.229   -9.098  2.498   1.00 19.54 ? 35  ASN B OD1 1 
ATOM   648  N ND2 . ASN B 1 35 ? 1.259   -10.896 3.725   1.00 25.90 ? 35  ASN B ND2 1 
ATOM   649  N N   . LEU B 1 36 ? 5.124   -11.730 -0.106  1.00 16.51 ? 36  LEU B N   1 
ATOM   650  C CA  A LEU B 1 36 ? 6.528   -12.060 -0.423  0.50 17.16 ? 36  LEU B CA  1 
ATOM   651  C CA  B LEU B 1 36 ? 6.555   -12.019 -0.394  0.50 16.57 ? 36  LEU B CA  1 
ATOM   652  C C   . LEU B 1 36 ? 6.719   -12.331 -1.885  1.00 17.89 ? 36  LEU B C   1 
ATOM   653  O O   . LEU B 1 36 ? 6.342   -13.452 -2.393  1.00 20.77 ? 36  LEU B O   1 
ATOM   654  C CB  A LEU B 1 36 ? 6.939   -13.328 0.320   0.50 20.37 ? 36  LEU B CB  1 
ATOM   655  C CB  B LEU B 1 36 ? 7.145   -13.133 0.544   0.50 18.31 ? 36  LEU B CB  1 
ATOM   656  C CG  A LEU B 1 36 ? 7.242   -13.107 1.758   0.50 20.22 ? 36  LEU B CG  1 
ATOM   657  C CG  B LEU B 1 36 ? 8.671   -13.288 0.498   0.50 19.04 ? 36  LEU B CG  1 
ATOM   658  C CD1 A LEU B 1 36 ? 6.028   -13.033 2.608   0.50 28.88 ? 36  LEU B CD1 1 
ATOM   659  C CD1 B LEU B 1 36 ? 9.388   -11.972 0.617   0.50 19.45 ? 36  LEU B CD1 1 
ATOM   660  C CD2 A LEU B 1 36 ? 7.927   -14.421 2.133   0.50 26.29 ? 36  LEU B CD2 1 
ATOM   661  C CD2 B LEU B 1 36 ? 9.103   -14.211 1.655   0.50 23.62 ? 36  LEU B CD2 1 
ATOM   662  N N   . ILE B 1 37 ? 7.207   -11.363 -2.602  1.00 15.38 ? 37  ILE B N   1 
ATOM   663  C CA  . ILE B 1 37 ? 7.590   -11.446 -4.027  1.00 16.24 ? 37  ILE B CA  1 
ATOM   664  C C   . ILE B 1 37 ? 9.062   -10.974 -4.063  1.00 16.79 ? 37  ILE B C   1 
ATOM   665  O O   . ILE B 1 37 ? 9.548   -10.249 -3.167  1.00 17.69 ? 37  ILE B O   1 
ATOM   666  C CB  . ILE B 1 37 ? 6.739   -10.635 -5.012  1.00 15.34 ? 37  ILE B CB  1 
ATOM   667  C CG1 . ILE B 1 37 ? 6.663   -9.164  -4.611  1.00 15.15 ? 37  ILE B CG1 1 
ATOM   668  C CG2 . ILE B 1 37 ? 5.356   -11.230 -5.020  1.00 17.65 ? 37  ILE B CG2 1 
ATOM   669  C CD1 . ILE B 1 37 ? 5.872   -8.307  -5.597  1.00 16.05 ? 37  ILE B CD1 1 
ATOM   670  N N   . TYR B 1 38 ? 9.803   -11.430 -5.082  1.00 17.29 ? 38  TYR B N   1 
ATOM   671  C CA  . TYR B 1 38 ? 11.272  -11.197 -5.078  1.00 17.28 ? 38  TYR B CA  1 
ATOM   672  C C   . TYR B 1 38 ? 11.695  -10.417 -6.260  1.00 18.98 ? 38  TYR B C   1 
ATOM   673  O O   . TYR B 1 38 ? 11.101  -10.486 -7.343  1.00 18.35 ? 38  TYR B O   1 
ATOM   674  C CB  . TYR B 1 38 ? 11.965  -12.566 -5.101  1.00 17.56 ? 38  TYR B CB  1 
ATOM   675  C CG  . TYR B 1 38 ? 11.648  -13.349 -3.954  1.00 19.46 ? 38  TYR B CG  1 
ATOM   676  C CD1 . TYR B 1 38 ? 12.267  -13.175 -2.689  1.00 20.07 ? 38  TYR B CD1 1 
ATOM   677  C CD2 . TYR B 1 38 ? 10.543  -14.224 -4.038  1.00 24.23 ? 38  TYR B CD2 1 
ATOM   678  C CE1 . TYR B 1 38 ? 11.875  -13.952 -1.611  1.00 21.91 ? 38  TYR B CE1 1 
ATOM   679  C CE2 . TYR B 1 38 ? 10.095  -14.982 -2.923  1.00 28.57 ? 38  TYR B CE2 1 
ATOM   680  C CZ  . TYR B 1 38 ? 10.788  -14.889 -1.740  1.00 29.33 ? 38  TYR B CZ  1 
ATOM   681  O OH  . TYR B 1 38 ? 10.366  -15.699 -0.672  1.00 33.69 ? 38  TYR B OH  1 
ATOM   682  N N   . PRO B 1 39 ? 12.795  -9.631  -6.154  1.00 19.64 ? 39  PRO B N   1 
ATOM   683  C CA  . PRO B 1 39 ? 13.288  -8.920  -7.335  1.00 19.33 ? 39  PRO B CA  1 
ATOM   684  C C   . PRO B 1 39 ? 13.540  -9.800  -8.503  1.00 21.18 ? 39  PRO B C   1 
ATOM   685  O O   . PRO B 1 39 ? 14.198  -10.840 -8.373  1.00 20.93 ? 39  PRO B O   1 
ATOM   686  C CB  . PRO B 1 39 ? 14.614  -8.288  -6.878  1.00 22.30 ? 39  PRO B CB  1 
ATOM   687  C CG  . PRO B 1 39 ? 14.396  -8.130  -5.408  1.00 22.24 ? 39  PRO B CG  1 
ATOM   688  C CD  . PRO B 1 39 ? 13.606  -9.351  -4.935  1.00 20.75 ? 39  PRO B CD  1 
ATOM   689  N N   . GLY B 1 40 ? 12.996  -9.405  -9.673  1.00 20.13 ? 40  GLY B N   1 
ATOM   690  C CA  . GLY B 1 40 ? 13.181  -10.117 -10.885 1.00 22.45 ? 40  GLY B CA  1 
ATOM   691  C C   . GLY B 1 40 ? 12.150  -11.183 -11.089 1.00 23.65 ? 40  GLY B C   1 
ATOM   692  O O   . GLY B 1 40 ? 12.191  -11.785 -12.186 1.00 25.61 ? 40  GLY B O   1 
ATOM   693  N N   . GLN B 1 41 ? 11.275  -11.523 -10.108 1.00 20.73 ? 41  GLN B N   1 
ATOM   694  C CA  . GLN B 1 41 ? 10.264  -12.551 -10.308 1.00 19.72 ? 41  GLN B CA  1 
ATOM   695  C C   . GLN B 1 41 ? 9.259   -12.161 -11.408 1.00 19.72 ? 41  GLN B C   1 
ATOM   696  O O   . GLN B 1 41 ? 8.928   -10.965 -11.552 1.00 20.59 ? 41  GLN B O   1 
ATOM   697  C CB  . GLN B 1 41 ? 9.529   -12.727 -8.968  1.00 18.44 ? 41  GLN B CB  1 
ATOM   698  C CG  . GLN B 1 41 ? 8.395   -13.746 -8.975  1.00 20.23 ? 41  GLN B CG  1 
ATOM   699  C CD  . GLN B 1 41 ? 7.822   -13.942 -7.608  1.00 21.00 ? 41  GLN B CD  1 
ATOM   700  O OE1 . GLN B 1 41 ? 8.380   -13.508 -6.561  1.00 19.30 ? 41  GLN B OE1 1 
ATOM   701  N NE2 . GLN B 1 41 ? 6.695   -14.607 -7.533  1.00 22.85 ? 41  GLN B NE2 1 
ATOM   702  N N   . LYS B 1 42 ? 8.800   -13.142 -12.213 1.00 21.97 ? 42  LYS B N   1 
ATOM   703  C CA  . LYS B 1 42 ? 7.859   -12.791 -13.275 1.00 23.59 ? 42  LYS B CA  1 
ATOM   704  C C   . LYS B 1 42 ? 6.444   -13.173 -12.766 1.00 22.70 ? 42  LYS B C   1 
ATOM   705  O O   . LYS B 1 42 ? 6.268   -14.272 -12.210 1.00 23.64 ? 42  LYS B O   1 
ATOM   706  C CB  . LYS B 1 42 ? 8.175   -13.615 -14.540 1.00 28.61 ? 42  LYS B CB  1 
ATOM   707  C CG  . LYS B 1 42 ? 9.621   -13.574 -15.030 1.00 37.94 ? 42  LYS B CG  1 
ATOM   708  C CD  . LYS B 1 42 ? 10.265  -12.222 -15.309 1.00 44.40 ? 42  LYS B CD  1 
ATOM   709  C CE  . LYS B 1 42 ? 11.779  -12.524 -15.404 1.00 51.89 ? 42  LYS B CE  1 
ATOM   710  N NZ  . LYS B 1 42 ? 12.876  -11.510 -15.141 1.00 58.13 ? 42  LYS B NZ  1 
ATOM   711  N N   . ILE B 1 43 ? 5.540   -12.207 -12.860 1.00 21.81 ? 43  ILE B N   1 
ATOM   712  C CA  . ILE B 1 43 ? 4.171   -12.449 -12.484 1.00 24.87 ? 43  ILE B CA  1 
ATOM   713  C C   . ILE B 1 43 ? 3.209   -12.112 -13.632 1.00 22.91 ? 43  ILE B C   1 
ATOM   714  O O   . ILE B 1 43 ? 3.587   -11.531 -14.647 1.00 24.98 ? 43  ILE B O   1 
ATOM   715  C CB  . ILE B 1 43 ? 3.819   -11.717 -11.223 1.00 24.74 ? 43  ILE B CB  1 
ATOM   716  C CG1 . ILE B 1 43 ? 3.913   -10.233 -11.410 1.00 24.73 ? 43  ILE B CG1 1 
ATOM   717  C CG2 . ILE B 1 43 ? 4.756   -12.144 -10.032 1.00 24.36 ? 43  ILE B CG2 1 
ATOM   718  C CD1 . ILE B 1 43 ? 3.174   -9.456  -10.310 1.00 29.74 ? 43  ILE B CD1 1 
ATOM   719  N N   . ASN B 1 44 ? 1.966   -12.493 -13.414 1.00 26.76 ? 44  ASN B N   1 
ATOM   720  C CA  . ASN B 1 44 ? 0.880   -12.162 -14.403 1.00 25.11 ? 44  ASN B CA  1 
ATOM   721  C C   . ASN B 1 44 ? 0.099   -10.946 -13.955 1.00 25.18 ? 44  ASN B C   1 
ATOM   722  O O   . ASN B 1 44 ? -0.312  -10.893 -12.772 1.00 27.56 ? 44  ASN B O   1 
ATOM   723  C CB  . ASN B 1 44 ? -0.076  -13.344 -14.383 1.00 26.90 ? 44  ASN B CB  1 
ATOM   724  C CG  . ASN B 1 44 ? 0.612   -14.673 -14.707 1.00 31.38 ? 44  ASN B CG  1 
ATOM   725  O OD1 . ASN B 1 44 ? 1.416   -14.748 -15.667 1.00 38.12 ? 44  ASN B OD1 1 
ATOM   726  N ND2 . ASN B 1 44 ? 0.351   -15.702 -13.898 1.00 31.25 ? 44  ASN B ND2 1 
ATOM   727  N N   . ILE B 1 45 ? -0.144  -10.047 -14.910 1.00 24.61 ? 45  ILE B N   1 
ATOM   728  C CA  . ILE B 1 45 ? -0.992  -8.889  -14.672 1.00 30.67 ? 45  ILE B CA  1 
ATOM   729  C C   . ILE B 1 45 ? -2.152  -9.058  -15.625 1.00 30.27 ? 45  ILE B C   1 
ATOM   730  O O   . ILE B 1 45 ? -1.956  -9.067  -16.836 1.00 34.61 ? 45  ILE B O   1 
ATOM   731  C CB  . ILE B 1 45 ? -0.321  -7.536  -14.904 1.00 31.85 ? 45  ILE B CB  1 
ATOM   732  C CG1 . ILE B 1 45 ? 0.909   -7.371  -14.026 1.00 38.02 ? 45  ILE B CG1 1 
ATOM   733  C CG2 . ILE B 1 45 ? -1.287  -6.370  -14.538 1.00 33.45 ? 45  ILE B CG2 1 
ATOM   734  C CD1 . ILE B 1 45 ? 0.645   -7.609  -12.567 1.00 36.75 ? 45  ILE B CD1 1 
ATOM   735  N N   . PRO B 1 46 ? -3.351  -9.147  -15.082 1.00 31.47 ? 46  PRO B N   1 
ATOM   736  C CA  . PRO B 1 46 ? -4.475  -9.438  -16.010 1.00 39.49 ? 46  PRO B CA  1 
ATOM   737  C C   . PRO B 1 46 ? -5.168  -8.111  -16.370 1.00 40.53 ? 46  PRO B C   1 
ATOM   738  O O   . PRO B 1 46 ? -4.611  -7.289  -17.151 1.00 55.09 ? 46  PRO B O   1 
ATOM   739  C CB  . PRO B 1 46 ? -5.359  -10.330 -15.137 1.00 38.54 ? 46  PRO B CB  1 
ATOM   740  C CG  . PRO B 1 46 ? -5.262  -9.674  -13.769 1.00 34.73 ? 46  PRO B CG  1 
ATOM   741  C CD  . PRO B 1 46 ? -3.785  -9.213  -13.666 1.00 35.15 ? 46  PRO B CD  1 
ATOM   742  N N   . MET C 1 1  ? -13.586 12.413  2.056   1.00 49.61 ? 1   MET C N   1 
ATOM   743  C CA  . MET C 1 1  ? -14.842 11.700  2.476   1.00 28.66 ? 1   MET C CA  1 
ATOM   744  C C   . MET C 1 1  ? -14.740 10.197  2.756   1.00 28.04 ? 1   MET C C   1 
ATOM   745  O O   . MET C 1 1  ? -15.659 9.654   3.333   1.00 28.94 ? 1   MET C O   1 
ATOM   746  C CB  . MET C 1 1  ? -16.111 12.231  1.696   1.00 30.35 ? 1   MET C CB  1 
ATOM   747  C CG  . MET C 1 1  ? -15.738 12.863  0.273   1.00 25.05 ? 1   MET C CG  1 
ATOM   748  S SD  . MET C 1 1  ? -16.130 14.636  0.310   1.00 51.38 ? 1   MET C SD  1 
ATOM   749  C CE  . MET C 1 1  ? -15.512 15.239  -1.226  1.00 43.84 ? 1   MET C CE  1 
ATOM   750  N N   . TYR C 1 2  ? -13.612 9.536   2.429   1.00 19.78 ? 2   TYR C N   1 
ATOM   751  C CA  . TYR C 1 2  ? -13.434 8.168   2.861   1.00 16.92 ? 2   TYR C CA  1 
ATOM   752  C C   . TYR C 1 2  ? -12.084 8.005   3.585   1.00 17.89 ? 2   TYR C C   1 
ATOM   753  O O   . TYR C 1 2  ? -11.033 8.427   3.014   1.00 17.56 ? 2   TYR C O   1 
ATOM   754  C CB  . TYR C 1 2  ? -13.387 7.301   1.582   1.00 18.55 ? 2   TYR C CB  1 
ATOM   755  C CG  . TYR C 1 2  ? -13.114 5.835   1.842   1.00 18.44 ? 2   TYR C CG  1 
ATOM   756  C CD1 . TYR C 1 2  ? -14.037 5.002   2.465   1.00 19.44 ? 2   TYR C CD1 1 
ATOM   757  C CD2 . TYR C 1 2  ? -11.882 5.262   1.512   1.00 16.83 ? 2   TYR C CD2 1 
ATOM   758  C CE1 . TYR C 1 2  ? -13.737 3.683   2.751   1.00 19.49 ? 2   TYR C CE1 1 
ATOM   759  C CE2 . TYR C 1 2  ? -11.555 3.949   1.769   1.00 18.43 ? 2   TYR C CE2 1 
ATOM   760  C CZ  . TYR C 1 2  ? -12.515 3.146   2.367   1.00 19.30 ? 2   TYR C CZ  1 
ATOM   761  O OH  . TYR C 1 2  ? -12.244 1.810   2.659   1.00 21.19 ? 2   TYR C OH  1 
ATOM   762  N N   . THR C 1 3  ? -12.103 7.302   4.709   1.00 17.13 ? 3   THR C N   1 
ATOM   763  C CA  . THR C 1 3  ? -10.854 7.049   5.427   1.00 16.49 ? 3   THR C CA  1 
ATOM   764  C C   . THR C 1 3  ? -10.304 5.715   4.905   1.00 16.47 ? 3   THR C C   1 
ATOM   765  O O   . THR C 1 3  ? -10.926 4.673   5.003   1.00 17.26 ? 3   THR C O   1 
ATOM   766  C CB  . THR C 1 3  ? -11.084 6.907   6.941   1.00 20.63 ? 3   THR C CB  1 
ATOM   767  O OG1 . THR C 1 3  ? -11.597 8.172   7.373   1.00 24.37 ? 3   THR C OG1 1 
ATOM   768  C CG2 . THR C 1 3  ? -9.766  6.715   7.668   1.00 20.77 ? 3   THR C CG2 1 
ATOM   769  N N   . VAL C 1 4  ? -9.077  5.788   4.328   1.00 14.21 ? 4   VAL C N   1 
ATOM   770  C CA  . VAL C 1 4  ? -8.449  4.596   3.820   1.00 14.75 ? 4   VAL C CA  1 
ATOM   771  C C   . VAL C 1 4  ? -8.184  3.530   4.893   1.00 15.12 ? 4   VAL C C   1 
ATOM   772  O O   . VAL C 1 4  ? -7.715  3.867   6.010   1.00 16.06 ? 4   VAL C O   1 
ATOM   773  C CB  . VAL C 1 4  ? -7.096  5.036   3.111   1.00 14.81 ? 4   VAL C CB  1 
ATOM   774  C CG1 . VAL C 1 4  ? -6.277  3.827   2.622   1.00 16.84 ? 4   VAL C CG1 1 
ATOM   775  C CG2 . VAL C 1 4  ? -7.460  5.992   1.960   1.00 17.52 ? 4   VAL C CG2 1 
ATOM   776  N N   . LYS C 1 5  ? -8.500  2.283   4.602   1.00 15.79 ? 5   LYS C N   1 
ATOM   777  C CA  . LYS C 1 5  ? -8.343  1.181   5.539   1.00 16.15 ? 5   LYS C CA  1 
ATOM   778  C C   . LYS C 1 5  ? -7.159  0.318   5.085   1.00 15.87 ? 5   LYS C C   1 
ATOM   779  O O   . LYS C 1 5  ? -6.802  0.351   3.912   1.00 16.76 ? 5   LYS C O   1 
ATOM   780  C CB  . LYS C 1 5  ? -9.633  0.298   5.450   1.00 19.23 ? 5   LYS C CB  1 
ATOM   781  C CG  . LYS C 1 5  ? -10.878 1.107   5.937   1.00 24.18 ? 5   LYS C CG  1 
ATOM   782  C CD  . LYS C 1 5  ? -12.156 0.278   5.752   1.00 34.83 ? 5   LYS C CD  1 
ATOM   783  C CE  . LYS C 1 5  ? -12.106 -0.892  6.745   1.00 47.01 ? 5   LYS C CE  1 
ATOM   784  N NZ  . LYS C 1 5  ? -12.477 -2.260  6.229   1.00 54.91 ? 5   LYS C NZ  1 
ATOM   785  N N   . PRO C 1 6  ? -6.498  -0.442  6.001   1.00 16.25 ? 6   PRO C N   1 
ATOM   786  C CA  . PRO C 1 6  ? -5.359  -1.198  5.663   1.00 17.97 ? 6   PRO C CA  1 
ATOM   787  C C   . PRO C 1 6  ? -5.718  -2.124  4.489   1.00 19.20 ? 6   PRO C C   1 
ATOM   788  O O   . PRO C 1 6  ? -6.833  -2.760  4.477   1.00 19.39 ? 6   PRO C O   1 
ATOM   789  C CB  . PRO C 1 6  ? -5.046  -1.998  6.919   1.00 19.22 ? 6   PRO C CB  1 
ATOM   790  C CG  . PRO C 1 6  ? -5.699  -1.252  7.942   1.00 20.70 ? 6   PRO C CG  1 
ATOM   791  C CD  . PRO C 1 6  ? -6.843  -0.442  7.425   1.00 18.68 ? 6   PRO C CD  1 
ATOM   792  N N   . GLY C 1 7  ? -4.832  -2.176  3.517   1.00 17.37 ? 7   GLY C N   1 
ATOM   793  C CA  . GLY C 1 7  ? -4.988  -2.986  2.343   1.00 17.14 ? 7   GLY C CA  1 
ATOM   794  C C   . GLY C 1 7  ? -5.786  -2.389  1.242   1.00 17.77 ? 7   GLY C C   1 
ATOM   795  O O   . GLY C 1 7  ? -5.835  -2.937  0.095   1.00 20.53 ? 7   GLY C O   1 
ATOM   796  N N   . ASP C 1 8  ? -6.504  -1.293  1.510   1.00 15.29 ? 8   ASP C N   1 
ATOM   797  C CA  . ASP C 1 8  ? -7.299  -0.717  0.422   1.00 16.26 ? 8   ASP C CA  1 
ATOM   798  C C   . ASP C 1 8  ? -6.470  -0.310  -0.784  1.00 16.27 ? 8   ASP C C   1 
ATOM   799  O O   . ASP C 1 8  ? -5.346  0.224   -0.677  1.00 17.29 ? 8   ASP C O   1 
ATOM   800  C CB  . ASP C 1 8  ? -8.030  0.616   0.890   1.00 17.24 ? 8   ASP C CB  1 
ATOM   801  C CG  . ASP C 1 8  ? -9.263  0.387   1.736   1.00 18.30 ? 8   ASP C CG  1 
ATOM   802  O OD1 . ASP C 1 8  ? -9.740  -0.753  1.783   1.00 21.58 ? 8   ASP C OD1 1 
ATOM   803  O OD2 . ASP C 1 8  ? -9.758  1.379   2.216   1.00 18.63 ? 8   ASP C OD2 1 
ATOM   804  N N   . THR C 1 9  ? -7.024  -0.530  -1.976  1.00 18.21 ? 9   THR C N   1 
ATOM   805  C CA  . THR C 1 9  ? -6.458  0.020   -3.235  1.00 18.03 ? 9   THR C CA  1 
ATOM   806  C C   . THR C 1 9  ? -7.451  1.012   -3.799  1.00 17.14 ? 9   THR C C   1 
ATOM   807  O O   . THR C 1 9  ? -8.620  1.091   -3.354  1.00 17.59 ? 9   THR C O   1 
ATOM   808  C CB  . THR C 1 9  ? -6.278  -1.199  -4.226  1.00 17.57 ? 9   THR C CB  1 
ATOM   809  O OG1 . THR C 1 9  ? -7.623  -1.820  -4.396  1.00 18.90 ? 9   THR C OG1 1 
ATOM   810  C CG2 . THR C 1 9  ? -5.235  -2.201  -3.758  1.00 20.08 ? 9   THR C CG2 1 
ATOM   811  N N   . MET C 1 10 ? -7.108  1.755   -4.845  1.00 17.84 ? 10  MET C N   1 
ATOM   812  C CA  . MET C 1 10 ? -8.071  2.677   -5.479  1.00 17.26 ? 10  MET C CA  1 
ATOM   813  C C   . MET C 1 10 ? -9.217  1.859   -6.073  1.00 17.57 ? 10  MET C C   1 
ATOM   814  O O   . MET C 1 10 ? -10.340 2.310   -6.024  1.00 18.01 ? 10  MET C O   1 
ATOM   815  C CB  . MET C 1 10 ? -7.374  3.469   -6.613  1.00 21.95 ? 10  MET C CB  1 
ATOM   816  C CG  . MET C 1 10 ? -6.286  4.402   -6.098  1.00 21.52 ? 10  MET C CG  1 
ATOM   817  S SD  . MET C 1 10 ? -6.933  5.535   -4.848  1.00 25.36 ? 10  MET C SD  1 
ATOM   818  C CE  . MET C 1 10 ? -8.376  6.249   -5.597  1.00 26.13 ? 10  MET C CE  1 
ATOM   819  N N   . TRP C 1 11 ? -8.926  0.728   -6.675  1.00 18.37 ? 11  TRP C N   1 
ATOM   820  C CA  . TRP C 1 11 ? -10.026 -0.130  -7.180  1.00 17.80 ? 11  TRP C CA  1 
ATOM   821  C C   . TRP C 1 11 ? -11.019 -0.475  -6.113  1.00 18.09 ? 11  TRP C C   1 
ATOM   822  O O   . TRP C 1 11 ? -12.260 -0.360  -6.393  1.00 20.02 ? 11  TRP C O   1 
ATOM   823  C CB  . TRP C 1 11 ? -9.390  -1.345  -7.813  1.00 20.74 ? 11  TRP C CB  1 
ATOM   824  C CG  . TRP C 1 11 ? -10.377 -2.145  -8.474  1.00 22.06 ? 11  TRP C CG  1 
ATOM   825  C CD1 . TRP C 1 11 ? -10.816 -2.003  -9.794  1.00 27.21 ? 11  TRP C CD1 1 
ATOM   826  C CD2 . TRP C 1 11 ? -11.061 -3.149  -7.900  1.00 23.38 ? 11  TRP C CD2 1 
ATOM   827  N NE1 . TRP C 1 11 ? -11.754 -2.903  -10.027 1.00 29.49 ? 11  TRP C NE1 1 
ATOM   828  C CE2 . TRP C 1 11 ? -11.984 -3.616  -8.902  1.00 25.97 ? 11  TRP C CE2 1 
ATOM   829  C CE3 . TRP C 1 11 ? -11.077 -3.707  -6.660  1.00 26.49 ? 11  TRP C CE3 1 
ATOM   830  C CZ2 . TRP C 1 11 ? -12.793 -4.661  -8.685  1.00 28.62 ? 11  TRP C CZ2 1 
ATOM   831  C CZ3 . TRP C 1 11 ? -11.967 -4.738  -6.398  1.00 30.82 ? 11  TRP C CZ3 1 
ATOM   832  C CH2 . TRP C 1 11 ? -12.809 -5.216  -7.434  1.00 29.34 ? 11  TRP C CH2 1 
ATOM   833  N N   . LYS C 1 12 ? -10.573 -0.842  -4.924  1.00 16.39 ? 12  LYS C N   1 
ATOM   834  C CA  . LYS C 1 12 ? -11.504 -1.190  -3.881  1.00 17.05 ? 12  LYS C CA  1 
ATOM   835  C C   . LYS C 1 12 ? -12.355 -0.018  -3.527  1.00 18.09 ? 12  LYS C C   1 
ATOM   836  O O   . LYS C 1 12 ? -13.582 -0.174  -3.257  1.00 18.48 ? 12  LYS C O   1 
ATOM   837  C CB  . LYS C 1 12 ? -10.792 -1.646  -2.664  1.00 19.53 ? 12  LYS C CB  1 
ATOM   838  C CG  . LYS C 1 12 ? -11.685 -2.237  -1.557  1.00 25.86 ? 12  LYS C CG  1 
ATOM   839  C CD  . LYS C 1 12 ? -10.911 -3.118  -0.559  1.00 34.99 ? 12  LYS C CD  1 
ATOM   840  C CE  . LYS C 1 12 ? -11.782 -4.134  0.236   1.00 40.04 ? 12  LYS C CE  1 
ATOM   841  N NZ  . LYS C 1 12 ? -11.066 -4.418  1.528   1.00 44.82 ? 12  LYS C NZ  1 
ATOM   842  N N   . ILE C 1 13 ? -11.793 1.204   -3.481  1.00 16.72 ? 13  ILE C N   1 
ATOM   843  C CA  . ILE C 1 13 ? -12.567 2.373   -3.145  1.00 17.33 ? 13  ILE C CA  1 
ATOM   844  C C   . ILE C 1 13 ? -13.584 2.697   -4.229  1.00 17.48 ? 13  ILE C C   1 
ATOM   845  O O   . ILE C 1 13 ? -14.759 3.009   -3.971  1.00 19.67 ? 13  ILE C O   1 
ATOM   846  C CB  . ILE C 1 13 ? -11.563 3.527   -2.856  1.00 17.81 ? 13  ILE C CB  1 
ATOM   847  C CG1 . ILE C 1 13 ? -10.731 3.132   -1.642  1.00 16.71 ? 13  ILE C CG1 1 
ATOM   848  C CG2 . ILE C 1 13 ? -12.373 4.810   -2.532  1.00 19.96 ? 13  ILE C CG2 1 
ATOM   849  C CD1 . ILE C 1 13 ? -9.598  4.144   -1.380  1.00 18.52 ? 13  ILE C CD1 1 
ATOM   850  N N   . ALA C 1 14 ? -13.111 2.610   -5.470  1.00 17.54 ? 14  ALA C N   1 
ATOM   851  C CA  . ALA C 1 14 ? -14.032 2.759   -6.582  1.00 20.23 ? 14  ALA C CA  1 
ATOM   852  C C   . ALA C 1 14 ? -15.178 1.784   -6.584  1.00 18.73 ? 14  ALA C C   1 
ATOM   853  O O   . ALA C 1 14 ? -16.329 2.234   -6.817  1.00 22.87 ? 14  ALA C O   1 
ATOM   854  C CB  . ALA C 1 14 ? -13.227 2.647   -7.909  1.00 23.64 ? 14  ALA C CB  1 
ATOM   855  N N   . VAL C 1 15 ? -14.890 0.523   -6.272  1.00 19.32 ? 15  VAL C N   1 
ATOM   856  C CA  . VAL C 1 15 ? -15.953 -0.507  -6.142  1.00 21.14 ? 15  VAL C CA  1 
ATOM   857  C C   . VAL C 1 15 ? -16.958 -0.047  -5.041  1.00 20.86 ? 15  VAL C C   1 
ATOM   858  O O   . VAL C 1 15 ? -18.239 -0.143  -5.191  1.00 23.40 ? 15  VAL C O   1 
ATOM   859  C CB  . VAL C 1 15 ? -15.334 -1.896  -5.762  1.00 25.56 ? 15  VAL C CB  1 
ATOM   860  C CG1 . VAL C 1 15 ? -16.365 -2.793  -5.126  1.00 29.15 ? 15  VAL C CG1 1 
ATOM   861  C CG2 . VAL C 1 15 ? -14.795 -2.459  -7.064  1.00 31.51 ? 15  VAL C CG2 1 
ATOM   862  N N   . LYS C 1 16 ? -16.462 0.385   -3.893  1.00 19.37 ? 16  LYS C N   1 
ATOM   863  C CA  . LYS C 1 16 ? -17.302 0.688   -2.729  1.00 22.16 ? 16  LYS C CA  1 
ATOM   864  C C   . LYS C 1 16 ? -18.253 1.825   -3.079  1.00 22.84 ? 16  LYS C C   1 
ATOM   865  O O   . LYS C 1 16 ? -19.484 1.793   -2.706  1.00 23.60 ? 16  LYS C O   1 
ATOM   866  C CB  . LYS C 1 16 ? -16.379 1.180   -1.597  1.00 26.18 ? 16  LYS C CB  1 
ATOM   867  C CG  . LYS C 1 16 ? -16.849 1.025   -0.148  1.00 42.40 ? 16  LYS C CG  1 
ATOM   868  C CD  . LYS C 1 16 ? -15.583 0.838   0.772   1.00 43.14 ? 16  LYS C CD  1 
ATOM   869  C CE  . LYS C 1 16 ? -15.882 0.761   2.284   1.00 56.51 ? 16  LYS C CE  1 
ATOM   870  N NZ  . LYS C 1 16 ? -16.943 1.729   2.764   1.00 56.03 ? 16  LYS C NZ  1 
ATOM   871  N N   . TYR C 1 17 ? -17.799 2.839   -3.830  1.00 20.83 ? 17  TYR C N   1 
ATOM   872  C CA  . TYR C 1 17 ? -18.615 4.051   -4.110  1.00 20.81 ? 17  TYR C CA  1 
ATOM   873  C C   . TYR C 1 17 ? -19.279 3.982   -5.462  1.00 25.21 ? 17  TYR C C   1 
ATOM   874  O O   . TYR C 1 17 ? -20.026 4.892   -5.817  1.00 28.54 ? 17  TYR C O   1 
ATOM   875  C CB  . TYR C 1 17 ? -17.744 5.321   -3.977  1.00 20.86 ? 17  TYR C CB  1 
ATOM   876  C CG  . TYR C 1 17 ? -17.511 5.676   -2.538  1.00 23.54 ? 17  TYR C CG  1 
ATOM   877  C CD1 . TYR C 1 17 ? -18.431 6.506   -1.858  1.00 25.02 ? 17  TYR C CD1 1 
ATOM   878  C CD2 . TYR C 1 17 ? -16.398 5.247   -1.826  1.00 23.97 ? 17  TYR C CD2 1 
ATOM   879  C CE1 . TYR C 1 17 ? -18.203 6.872   -0.542  1.00 27.45 ? 17  TYR C CE1 1 
ATOM   880  C CE2 . TYR C 1 17 ? -16.197 5.554   -0.470  1.00 24.23 ? 17  TYR C CE2 1 
ATOM   881  C CZ  . TYR C 1 17 ? -17.088 6.407   0.147   1.00 28.10 ? 17  TYR C CZ  1 
ATOM   882  O OH  . TYR C 1 17 ? -16.881 6.730   1.455   1.00 30.11 ? 17  TYR C OH  1 
ATOM   883  N N   . GLN C 1 18 ? -18.975 2.936   -6.211  1.00 23.57 ? 18  GLN C N   1 
ATOM   884  C CA  . GLN C 1 18 ? -19.520 2.697   -7.592  1.00 26.94 ? 18  GLN C CA  1 
ATOM   885  C C   . GLN C 1 18 ? -19.202 3.918   -8.483  1.00 24.38 ? 18  GLN C C   1 
ATOM   886  O O   . GLN C 1 18 ? -20.070 4.480   -9.181  1.00 26.10 ? 18  GLN C O   1 
ATOM   887  C CB  . GLN C 1 18 ? -21.042 2.456   -7.527  1.00 31.41 ? 18  GLN C CB  1 
ATOM   888  C CG  . GLN C 1 18 ? -21.448 1.574   -6.353  1.00 36.71 ? 18  GLN C CG  1 
ATOM   889  C CD  . GLN C 1 18 ? -22.768 0.872   -6.592  1.00 49.77 ? 18  GLN C CD  1 
ATOM   890  O OE1 . GLN C 1 18 ? -23.811 1.414   -6.231  1.00 52.01 ? 18  GLN C OE1 1 
ATOM   891  N NE2 . GLN C 1 18 ? -22.729 -0.316  -7.237  1.00 47.06 ? 18  GLN C NE2 1 
ATOM   892  N N   . ILE C 1 19 ? -17.965 4.370   -8.417  1.00 21.36 ? 19  ILE C N   1 
ATOM   893  C CA  . ILE C 1 19 ? -17.475 5.436   -9.212  1.00 20.83 ? 19  ILE C CA  1 
ATOM   894  C C   . ILE C 1 19 ? -16.103 5.132   -9.898  1.00 22.71 ? 19  ILE C C   1 
ATOM   895  O O   . ILE C 1 19 ? -15.279 4.413   -9.335  1.00 23.33 ? 19  ILE C O   1 
ATOM   896  C CB  . ILE C 1 19 ? -17.304 6.693   -8.311  1.00 23.74 ? 19  ILE C CB  1 
ATOM   897  C CG1 . ILE C 1 19 ? -17.132 7.980   -9.127  1.00 31.27 ? 19  ILE C CG1 1 
ATOM   898  C CG2 . ILE C 1 19 ? -16.209 6.541   -7.272  1.00 26.03 ? 19  ILE C CG2 1 
ATOM   899  C CD1 . ILE C 1 19 ? -17.478 9.214   -8.277  1.00 32.51 ? 19  ILE C CD1 1 
ATOM   900  N N   . GLY C 1 20 ? -15.839 5.706   -11.041 1.00 19.54 ? 20  GLY C N   1 
ATOM   901  C CA  . GLY C 1 20 ? -14.595 5.404   -11.705 1.00 19.90 ? 20  GLY C CA  1 
ATOM   902  C C   . GLY C 1 20 ? -13.401 5.897   -10.948 1.00 17.85 ? 20  GLY C C   1 
ATOM   903  O O   . GLY C 1 20 ? -13.421 7.021   -10.325 1.00 19.85 ? 20  GLY C O   1 
ATOM   904  N N   . ILE C 1 21 ? -12.275 5.219   -11.060 1.00 19.37 ? 21  ILE C N   1 
ATOM   905  C CA  . ILE C 1 21 ? -11.045 5.630   -10.412 1.00 19.26 ? 21  ILE C CA  1 
ATOM   906  C C   . ILE C 1 21 ? -10.644 7.012   -10.819 1.00 19.30 ? 21  ILE C C   1 
ATOM   907  O O   . ILE C 1 21 ? -10.196 7.840   -10.018 1.00 18.70 ? 21  ILE C O   1 
ATOM   908  C CB  . ILE C 1 21 ? -9.872  4.597   -10.678 1.00 19.52 ? 21  ILE C CB  1 
ATOM   909  C CG1 . ILE C 1 21 ? -10.234 3.355   -9.911  1.00 20.60 ? 21  ILE C CG1 1 
ATOM   910  C CG2 . ILE C 1 21 ? -8.565  5.189   -10.211 1.00 20.40 ? 21  ILE C CG2 1 
ATOM   911  C CD1 . ILE C 1 21 ? -9.269  2.152   -10.215 1.00 22.24 ? 21  ILE C CD1 1 
ATOM   912  N N   . SER C 1 22 ? -10.721 7.362   -12.114 1.00 19.36 ? 22  SER C N   1 
ATOM   913  C CA  . SER C 1 22 ? -10.244 8.658   -12.592 1.00 19.66 ? 22  SER C CA  1 
ATOM   914  C C   . SER C 1 22 ? -11.077 9.822   -11.952 1.00 18.55 ? 22  SER C C   1 
ATOM   915  O O   . SER C 1 22 ? -10.456 10.922  -11.802 1.00 21.28 ? 22  SER C O   1 
ATOM   916  C CB  . SER C 1 22 ? -10.268 8.788   -14.170 1.00 21.56 ? 22  SER C CB  1 
ATOM   917  O OG  . SER C 1 22 ? -11.603 8.642   -14.564 1.00 24.77 ? 22  SER C OG  1 
ATOM   918  N N   . GLU C 1 23 ? -12.331 9.569   -11.587 1.00 19.14 ? 23  GLU C N   1 
ATOM   919  C CA  . GLU C 1 23 ? -13.121 10.599  -10.920 1.00 18.71 ? 23  GLU C CA  1 
ATOM   920  C C   . GLU C 1 23 ? -12.596 10.836  -9.509  1.00 18.90 ? 23  GLU C C   1 
ATOM   921  O O   . GLU C 1 23 ? -12.501 11.999  -9.027  1.00 19.15 ? 23  GLU C O   1 
ATOM   922  C CB  . GLU C 1 23 ? -14.606 10.281  -11.003 1.00 21.23 ? 23  GLU C CB  1 
ATOM   923  C CG  . GLU C 1 23 ? -15.072 10.361  -12.512 1.00 24.78 ? 23  GLU C CG  1 
ATOM   924  C CD  . GLU C 1 23 ? -16.308 9.564   -12.822 1.00 41.19 ? 23  GLU C CD  1 
ATOM   925  O OE1 . GLU C 1 23 ? -17.411 10.124  -12.817 1.00 49.96 ? 23  GLU C OE1 1 
ATOM   926  O OE2 . GLU C 1 23 ? -16.185 8.380   -13.074 1.00 42.71 ? 23  GLU C OE2 1 
ATOM   927  N N   . ILE C 1 24 ? -12.180 9.791   -8.803  1.00 17.06 ? 24  ILE C N   1 
ATOM   928  C CA  . ILE C 1 24 ? -11.572 9.954   -7.472  1.00 15.98 ? 24  ILE C CA  1 
ATOM   929  C C   . ILE C 1 24 ? -10.252 10.667  -7.644  1.00 17.25 ? 24  ILE C C   1 
ATOM   930  O O   . ILE C 1 24 ? -9.957  11.610  -6.883  1.00 16.88 ? 24  ILE C O   1 
ATOM   931  C CB  . ILE C 1 24 ? -11.365 8.564   -6.851  1.00 16.54 ? 24  ILE C CB  1 
ATOM   932  C CG1 . ILE C 1 24 ? -12.759 7.939   -6.658  1.00 17.94 ? 24  ILE C CG1 1 
ATOM   933  C CG2 . ILE C 1 24 ? -10.698 8.780   -5.459  1.00 18.56 ? 24  ILE C CG2 1 
ATOM   934  C CD1 . ILE C 1 24 ? -12.584 6.506   -6.150  1.00 21.42 ? 24  ILE C CD1 1 
ATOM   935  N N   . ILE C 1 25 ? -9.388  10.274  -8.574  1.00 16.43 ? 25  ILE C N   1 
ATOM   936  C CA  . ILE C 1 25 ? -8.155  10.992  -8.776  1.00 17.95 ? 25  ILE C CA  1 
ATOM   937  C C   . ILE C 1 25 ? -8.374  12.477  -9.064  1.00 16.74 ? 25  ILE C C   1 
ATOM   938  O O   . ILE C 1 25 ? -7.690  13.321  -8.511  1.00 17.64 ? 25  ILE C O   1 
ATOM   939  C CB  . ILE C 1 25 ? -7.362  10.331  -9.916  1.00 21.11 ? 25  ILE C CB  1 
ATOM   940  C CG1 . ILE C 1 25 ? -7.021  8.892   -9.462  1.00 24.85 ? 25  ILE C CG1 1 
ATOM   941  C CG2 . ILE C 1 25 ? -6.133  11.160  -10.263 1.00 23.02 ? 25  ILE C CG2 1 
ATOM   942  C CD1 . ILE C 1 25 ? -6.305  8.133   -10.533 1.00 37.68 ? 25  ILE C CD1 1 
ATOM   943  N N   . ALA C 1 26 ? -9.394  12.792  -9.892  1.00 15.91 ? 26  ALA C N   1 
ATOM   944  C CA  . ALA C 1 26 ? -9.627  14.197  -10.266 1.00 15.11 ? 26  ALA C CA  1 
ATOM   945  C C   . ALA C 1 26 ? -10.126 14.938  -9.041  1.00 16.96 ? 26  ALA C C   1 
ATOM   946  O O   . ALA C 1 26 ? -9.926  16.198  -8.954  1.00 16.57 ? 26  ALA C O   1 
ATOM   947  C CB  . ALA C 1 26 ? -10.725 14.277  -11.371 1.00 16.90 ? 26  ALA C CB  1 
ATOM   948  N N   . ALA C 1 27 ? -10.732 14.301  -8.059  1.00 15.26 ? 27  ALA C N   1 
ATOM   949  C CA  . ALA C 1 27 ? -11.135 14.988  -6.830  1.00 14.26 ? 27  ALA C CA  1 
ATOM   950  C C   . ALA C 1 27 ? -9.993  15.265  -5.886  1.00 14.93 ? 27  ALA C C   1 
ATOM   951  O O   . ALA C 1 27 ? -10.217 15.854  -4.801  1.00 15.78 ? 27  ALA C O   1 
ATOM   952  C CB  . ALA C 1 27 ? -12.263 14.206  -6.132  1.00 16.65 ? 27  ALA C CB  1 
ATOM   953  N N   . ASN C 1 28 ? -8.783  14.719  -6.170  1.00 14.99 ? 28  ASN C N   1 
ATOM   954  C CA  . ASN C 1 28 ? -7.677  14.876  -5.199  1.00 14.44 ? 28  ASN C CA  1 
ATOM   955  C C   . ASN C 1 28 ? -6.416  15.286  -5.928  1.00 15.35 ? 28  ASN C C   1 
ATOM   956  O O   . ASN C 1 28 ? -5.419  14.518  -5.951  1.00 15.90 ? 28  ASN C O   1 
ATOM   957  C CB  . ASN C 1 28 ? -7.451  13.582  -4.377  1.00 15.38 ? 28  ASN C CB  1 
ATOM   958  C CG  . ASN C 1 28 ? -8.630  13.192  -3.588  1.00 15.31 ? 28  ASN C CG  1 
ATOM   959  O OD1 . ASN C 1 28 ? -8.754  13.578  -2.424  1.00 15.93 ? 28  ASN C OD1 1 
ATOM   960  N ND2 . ASN C 1 28 ? -9.517  12.403  -4.155  1.00 16.24 ? 28  ASN C ND2 1 
ATOM   961  N N   . PRO C 1 29 ? -6.383  16.487  -6.531  1.00 15.37 ? 29  PRO C N   1 
ATOM   962  C CA  . PRO C 1 29 ? -5.210  16.852  -7.306  1.00 15.02 ? 29  PRO C CA  1 
ATOM   963  C C   . PRO C 1 29 ? -3.960  17.119  -6.524  1.00 16.51 ? 29  PRO C C   1 
ATOM   964  O O   . PRO C 1 29 ? -2.872  17.181  -7.134  1.00 17.75 ? 29  PRO C O   1 
ATOM   965  C CB  . PRO C 1 29 ? -5.704  18.123  -8.102  1.00 17.20 ? 29  PRO C CB  1 
ATOM   966  C CG  . PRO C 1 29 ? -6.740  18.702  -7.203  1.00 17.11 ? 29  PRO C CG  1 
ATOM   967  C CD  . PRO C 1 29 ? -7.490  17.484  -6.638  1.00 16.33 ? 29  PRO C CD  1 
ATOM   968  N N   . GLN C 1 30 ? -4.070  17.160  -5.221  1.00 14.92 ? 30  GLN C N   1 
ATOM   969  C CA  . GLN C 1 30 ? -2.861  17.364  -4.411  1.00 15.22 ? 30  GLN C CA  1 
ATOM   970  C C   . GLN C 1 30 ? -2.099  16.024  -4.254  1.00 15.88 ? 30  GLN C C   1 
ATOM   971  O O   . GLN C 1 30 ? -0.923  16.105  -3.777  1.00 16.67 ? 30  GLN C O   1 
ATOM   972  C CB  . GLN C 1 30 ? -3.165  17.949  -3.066  1.00 16.61 ? 30  GLN C CB  1 
ATOM   973  C CG  . GLN C 1 30 ? -3.418  16.997  -1.910  1.00 16.85 ? 30  GLN C CG  1 
ATOM   974  C CD  . GLN C 1 30 ? -4.721  16.275  -1.973  1.00 16.67 ? 30  GLN C CD  1 
ATOM   975  O OE1 . GLN C 1 30 ? -5.411  16.117  -2.980  1.00 17.26 ? 30  GLN C OE1 1 
ATOM   976  N NE2 . GLN C 1 30 ? -5.086  15.789  -0.734  1.00 23.42 ? 30  GLN C NE2 1 
ATOM   977  N N   . ILE C 1 31 ? -2.693  14.874  -4.581  1.00 14.75 ? 31  ILE C N   1 
ATOM   978  C CA  . ILE C 1 31 ? -2.012  13.546  -4.343  1.00 15.59 ? 31  ILE C CA  1 
ATOM   979  C C   . ILE C 1 31 ? -0.979  13.338  -5.418  1.00 15.52 ? 31  ILE C C   1 
ATOM   980  O O   . ILE C 1 31 ? -1.318  13.311  -6.595  1.00 19.15 ? 31  ILE C O   1 
ATOM   981  C CB  . ILE C 1 31 ? -3.052  12.453  -4.167  1.00 17.45 ? 31  ILE C CB  1 
ATOM   982  C CG1 . ILE C 1 31 ? -3.850  12.805  -2.887  1.00 19.96 ? 31  ILE C CG1 1 
ATOM   983  C CG2 . ILE C 1 31 ? -2.252  11.110  -3.951  1.00 18.18 ? 31  ILE C CG2 1 
ATOM   984  C CD1 . ILE C 1 31 ? -4.867  11.809  -2.349  1.00 22.11 ? 31  ILE C CD1 1 
ATOM   985  N N   . LYS C 1 32 ? 0.308   13.132  -5.005  1.00 16.05 ? 32  LYS C N   1 
ATOM   986  C CA  . LYS C 1 32 ? 1.396   12.849  -5.962  1.00 15.93 ? 32  LYS C CA  1 
ATOM   987  C C   . LYS C 1 32 ? 1.173   11.497  -6.597  1.00 17.92 ? 32  LYS C C   1 
ATOM   988  O O   . LYS C 1 32 ? 1.309   11.327  -7.849  1.00 19.89 ? 32  LYS C O   1 
ATOM   989  C CB  . LYS C 1 32 ? 2.649   12.940  -5.168  1.00 20.00 ? 32  LYS C CB  1 
ATOM   990  C CG  . LYS C 1 32 ? 3.889   12.658  -6.046  1.00 23.84 ? 32  LYS C CG  1 
ATOM   991  C CD  . LYS C 1 32 ? 5.121   13.028  -5.224  1.00 31.20 ? 32  LYS C CD  1 
ATOM   992  C CE  . LYS C 1 32 ? 6.405   12.928  -6.065  1.00 41.20 ? 32  LYS C CE  1 
ATOM   993  N NZ  . LYS C 1 32 ? 7.649   12.794  -5.205  1.00 43.78 ? 32  LYS C NZ  1 
ATOM   994  N N   . ASN C 1 33 ? 0.825   10.481  -5.833  1.00 16.71 ? 33  ASN C N   1 
ATOM   995  C CA  . ASN C 1 33 ? 0.651   9.118   -6.406  1.00 16.55 ? 33  ASN C CA  1 
ATOM   996  C C   . ASN C 1 33 ? -0.229  8.419   -5.385  1.00 15.08 ? 33  ASN C C   1 
ATOM   997  O O   . ASN C 1 33 ? 0.089   8.524   -4.155  1.00 15.41 ? 33  ASN C O   1 
ATOM   998  C CB  . ASN C 1 33 ? 2.031   8.447   -6.482  1.00 18.62 ? 33  ASN C CB  1 
ATOM   999  C CG  . ASN C 1 33 ? 2.001   7.112   -7.201  1.00 17.45 ? 33  ASN C CG  1 
ATOM   1000 O OD1 . ASN C 1 33 ? 1.144   6.294   -7.079  1.00 17.62 ? 33  ASN C OD1 1 
ATOM   1001 N ND2 . ASN C 1 33 ? 3.008   6.983   -8.103  1.00 21.79 ? 33  ASN C ND2 1 
ATOM   1002 N N   . PRO C 1 34 ? -1.294  7.703   -5.763  1.00 15.85 ? 34  PRO C N   1 
ATOM   1003 C CA  . PRO C 1 34 ? -2.066  6.993   -4.749  1.00 15.86 ? 34  PRO C CA  1 
ATOM   1004 C C   . PRO C 1 34 ? -1.231  5.881   -4.069  1.00 14.94 ? 34  PRO C C   1 
ATOM   1005 O O   . PRO C 1 34 ? -1.637  5.450   -2.981  1.00 15.43 ? 34  PRO C O   1 
ATOM   1006 C CB  . PRO C 1 34 ? -3.192  6.328   -5.529  1.00 18.72 ? 34  PRO C CB  1 
ATOM   1007 C CG  . PRO C 1 34 ? -2.638  6.240   -6.939  1.00 21.58 ? 34  PRO C CG  1 
ATOM   1008 C CD  . PRO C 1 34 ? -1.839  7.501   -7.123  1.00 17.72 ? 34  PRO C CD  1 
ATOM   1009 N N   . ASN C 1 35 ? -0.047  5.499   -4.631  1.00 14.88 ? 35  ASN C N   1 
ATOM   1010 C CA  . ASN C 1 35 ? 0.733   4.510   -3.871  1.00 13.44 ? 35  ASN C CA  1 
ATOM   1011 C C   . ASN C 1 35 ? 1.469   5.055   -2.682  1.00 15.41 ? 35  ASN C C   1 
ATOM   1012 O O   . ASN C 1 35 ? 2.098   4.256   -1.967  1.00 14.60 ? 35  ASN C O   1 
ATOM   1013 C CB  . ASN C 1 35 ? 1.686   3.720   -4.804  1.00 15.23 ? 35  ASN C CB  1 
ATOM   1014 C CG  . ASN C 1 35 ? 2.880   4.516   -5.238  1.00 15.54 ? 35  ASN C CG  1 
ATOM   1015 O OD1 . ASN C 1 35 ? 3.192   5.606   -4.745  1.00 16.17 ? 35  ASN C OD1 1 
ATOM   1016 N ND2 . ASN C 1 35 ? 3.633   3.917   -6.219  1.00 17.89 ? 35  ASN C ND2 1 
ATOM   1017 N N   . LEU C 1 36 ? 1.272   6.338   -2.333  1.00 14.14 ? 36  LEU C N   1 
ATOM   1018 C CA  . LEU C 1 36 ? 1.920   6.909   -1.167  1.00 14.76 ? 36  LEU C CA  1 
ATOM   1019 C C   . LEU C 1 36 ? 0.947   7.077   -0.019  1.00 14.89 ? 36  LEU C C   1 
ATOM   1020 O O   . LEU C 1 36 ? 1.370   7.398   1.116   1.00 15.56 ? 36  LEU C O   1 
ATOM   1021 C CB  . LEU C 1 36 ? 2.451   8.297   -1.512  1.00 14.57 ? 36  LEU C CB  1 
ATOM   1022 C CG  . LEU C 1 36 ? 3.612   8.266   -2.423  1.00 14.57 ? 36  LEU C CG  1 
ATOM   1023 C CD1 . LEU C 1 36 ? 3.881   9.708   -3.013  1.00 16.09 ? 36  LEU C CD1 1 
ATOM   1024 C CD2 . LEU C 1 36 ? 4.859   7.729   -1.714  1.00 18.41 ? 36  LEU C CD2 1 
ATOM   1025 N N   . ILE C 1 37 ? -0.359  6.920   -0.286  1.00 14.74 ? 37  ILE C N   1 
ATOM   1026 C CA  . ILE C 1 37 ? -1.393  7.157   0.762   1.00 15.30 ? 37  ILE C CA  1 
ATOM   1027 C C   . ILE C 1 37 ? -1.303  6.065   1.810   1.00 15.17 ? 37  ILE C C   1 
ATOM   1028 O O   . ILE C 1 37 ? -1.054  4.861   1.434   1.00 16.03 ? 37  ILE C O   1 
ATOM   1029 C CB  . ILE C 1 37 ? -2.810  7.106   0.120   1.00 14.27 ? 37  ILE C CB  1 
ATOM   1030 C CG1 . ILE C 1 37 ? -2.901  8.216   -0.910  1.00 15.61 ? 37  ILE C CG1 1 
ATOM   1031 C CG2 . ILE C 1 37 ? -3.874  7.176   1.206   1.00 18.36 ? 37  ILE C CG2 1 
ATOM   1032 C CD1 . ILE C 1 37 ? -4.102  8.066   -1.877  1.00 18.57 ? 37  ILE C CD1 1 
ATOM   1033 N N   . TYR C 1 38 ? -1.530  6.326   3.093   1.00 13.88 ? 38  TYR C N   1 
ATOM   1034 C CA  . TYR C 1 38 ? -1.520  5.254   4.104   1.00 13.41 ? 38  TYR C CA  1 
ATOM   1035 C C   . TYR C 1 38 ? -2.840  5.156   4.791   1.00 15.59 ? 38  TYR C C   1 
ATOM   1036 O O   . TYR C 1 38 ? -3.686  6.079   4.753   1.00 15.14 ? 38  TYR C O   1 
ATOM   1037 C CB  . TYR C 1 38 ? -0.406  5.531   5.108   1.00 14.51 ? 38  TYR C CB  1 
ATOM   1038 C CG  . TYR C 1 38 ? -0.470  6.844   5.932   1.00 13.53 ? 38  TYR C CG  1 
ATOM   1039 C CD1 . TYR C 1 38 ? -1.228  6.921   7.089   1.00 13.72 ? 38  TYR C CD1 1 
ATOM   1040 C CD2 . TYR C 1 38 ? 0.249   7.980   5.509   1.00 15.91 ? 38  TYR C CD2 1 
ATOM   1041 C CE1 . TYR C 1 38 ? -1.280  8.070   7.901   1.00 14.72 ? 38  TYR C CE1 1 
ATOM   1042 C CE2 . TYR C 1 38 ? 0.223   9.172   6.305   1.00 13.98 ? 38  TYR C CE2 1 
ATOM   1043 C CZ  . TYR C 1 38 ? -0.542  9.227   7.455   1.00 15.12 ? 38  TYR C CZ  1 
ATOM   1044 O OH  . TYR C 1 38 ? -0.590  10.358  8.202   1.00 16.39 ? 38  TYR C OH  1 
ATOM   1045 N N   . PRO C 1 39 ? -3.145  4.018   5.415   1.00 14.95 ? 39  PRO C N   1 
ATOM   1046 C CA  . PRO C 1 39 ? -4.401  3.851   6.141   1.00 15.01 ? 39  PRO C CA  1 
ATOM   1047 C C   . PRO C 1 39 ? -4.561  4.834   7.242   1.00 15.84 ? 39  PRO C C   1 
ATOM   1048 O O   . PRO C 1 39 ? -3.611  5.070   8.038   1.00 17.57 ? 39  PRO C O   1 
ATOM   1049 C CB  . PRO C 1 39 ? -4.342  2.371   6.656   1.00 17.86 ? 39  PRO C CB  1 
ATOM   1050 C CG  . PRO C 1 39 ? -3.249  1.763   5.928   1.00 20.53 ? 39  PRO C CG  1 
ATOM   1051 C CD  . PRO C 1 39 ? -2.265  2.806   5.460   1.00 18.59 ? 39  PRO C CD  1 
ATOM   1052 N N   . GLY C 1 40 ? -5.731  5.431   7.316   1.00 14.89 ? 40  GLY C N   1 
ATOM   1053 C CA  . GLY C 1 40 ? -5.957  6.486   8.276   1.00 15.17 ? 40  GLY C CA  1 
ATOM   1054 C C   . GLY C 1 40 ? -5.923  7.875   7.649   1.00 16.89 ? 40  GLY C C   1 
ATOM   1055 O O   . GLY C 1 40 ? -6.244  8.851   8.309   1.00 20.47 ? 40  GLY C O   1 
ATOM   1056 N N   . GLN C 1 41 ? -5.502  7.962   6.407   1.00 15.64 ? 41  GLN C N   1 
ATOM   1057 C CA  . GLN C 1 41 ? -5.688  9.222   5.660   1.00 14.35 ? 41  GLN C CA  1 
ATOM   1058 C C   . GLN C 1 41 ? -7.044  9.254   5.001   1.00 15.50 ? 41  GLN C C   1 
ATOM   1059 O O   . GLN C 1 41 ? -7.659  8.212   4.726   1.00 18.57 ? 41  GLN C O   1 
ATOM   1060 C CB  . GLN C 1 41 ? -4.597  9.351   4.577   1.00 14.33 ? 41  GLN C CB  1 
ATOM   1061 C CG  . GLN C 1 41 ? -3.199  9.384   5.211   1.00 14.26 ? 41  GLN C CG  1 
ATOM   1062 C CD  . GLN C 1 41 ? -2.249  9.937   4.255   1.00 14.56 ? 41  GLN C CD  1 
ATOM   1063 O OE1 . GLN C 1 41 ? -1.853  9.295   3.254   1.00 15.65 ? 41  GLN C OE1 1 
ATOM   1064 N NE2 . GLN C 1 41 ? -1.856  11.224  4.484   1.00 15.45 ? 41  GLN C NE2 1 
ATOM   1065 N N   . LYS C 1 42 ? -7.590  10.431  4.756   1.00 17.81 ? 42  LYS C N   1 
ATOM   1066 C CA  . LYS C 1 42 ? -8.933  10.516  4.210   1.00 18.49 ? 42  LYS C CA  1 
ATOM   1067 C C   . LYS C 1 42 ? -8.859  11.130  2.832   1.00 21.83 ? 42  LYS C C   1 
ATOM   1068 O O   . LYS C 1 42 ? -8.112  12.133  2.664   1.00 27.10 ? 42  LYS C O   1 
ATOM   1069 C CB  . LYS C 1 42 ? -9.776  11.411  5.210   1.00 22.15 ? 42  LYS C CB  1 
ATOM   1070 C CG  . LYS C 1 42 ? -11.329 11.281  4.985   1.00 30.91 ? 42  LYS C CG  1 
ATOM   1071 C CD  . LYS C 1 42 ? -12.218 11.714  6.161   1.00 40.08 ? 42  LYS C CD  1 
ATOM   1072 C CE  . LYS C 1 42 ? -13.674 11.848  5.682   1.00 38.83 ? 42  LYS C CE  1 
ATOM   1073 N NZ  . LYS C 1 42 ? -14.493 12.718  6.585   1.00 53.16 ? 42  LYS C NZ  1 
ATOM   1074 N N   . ILE C 1 43 ? -9.550  10.590  1.831   1.00 16.71 ? 43  ILE C N   1 
ATOM   1075 C CA  . ILE C 1 43 ? -9.521  11.161  0.486   1.00 18.03 ? 43  ILE C CA  1 
ATOM   1076 C C   . ILE C 1 43 ? -10.909 11.629  0.131   1.00 17.61 ? 43  ILE C C   1 
ATOM   1077 O O   . ILE C 1 43 ? -11.909 11.146  0.698   1.00 22.40 ? 43  ILE C O   1 
ATOM   1078 C CB  . ILE C 1 43 ? -8.982  10.176  -0.537  1.00 19.81 ? 43  ILE C CB  1 
ATOM   1079 C CG1 . ILE C 1 43 ? -9.905  8.979   -0.600  1.00 19.76 ? 43  ILE C CG1 1 
ATOM   1080 C CG2 . ILE C 1 43 ? -7.516  9.804   -0.123  1.00 21.04 ? 43  ILE C CG2 1 
ATOM   1081 C CD1 . ILE C 1 43 ? -9.650  7.939   -1.686  1.00 24.83 ? 43  ILE C CD1 1 
ATOM   1082 N N   . ASN C 1 44 ? -11.013 12.574  -0.781  1.00 16.14 ? 44  ASN C N   1 
ATOM   1083 C CA  . ASN C 1 44 ? -12.354 13.062  -1.204  1.00 16.89 ? 44  ASN C CA  1 
ATOM   1084 C C   . ASN C 1 44 ? -12.909 12.230  -2.309  1.00 16.12 ? 44  ASN C C   1 
ATOM   1085 O O   . ASN C 1 44 ? -12.215 11.768  -3.193  1.00 16.18 ? 44  ASN C O   1 
ATOM   1086 C CB  . ASN C 1 44 ? -12.169 14.541  -1.702  1.00 16.47 ? 44  ASN C CB  1 
ATOM   1087 C CG  . ASN C 1 44 ? -11.832 15.464  -0.566  1.00 20.48 ? 44  ASN C CG  1 
ATOM   1088 O OD1 . ASN C 1 44 ? -10.645 15.514  -0.182  1.00 20.43 ? 44  ASN C OD1 1 
ATOM   1089 N ND2 . ASN C 1 44 ? -12.789 16.217  -0.049  1.00 21.97 ? 44  ASN C ND2 1 
ATOM   1090 N N   . ILE C 1 45 ? -14.239 11.995  -2.209  1.00 16.76 ? 45  ILE C N   1 
ATOM   1091 C CA  . ILE C 1 45 ? -14.947 11.201  -3.234  1.00 18.23 ? 45  ILE C CA  1 
ATOM   1092 C C   . ILE C 1 45 ? -16.066 12.069  -3.779  1.00 18.02 ? 45  ILE C C   1 
ATOM   1093 O O   . ILE C 1 45 ? -16.842 12.503  -2.952  1.00 23.12 ? 45  ILE C O   1 
ATOM   1094 C CB  . ILE C 1 45 ? -15.556 9.940   -2.588  1.00 20.13 ? 45  ILE C CB  1 
ATOM   1095 C CG1 . ILE C 1 45 ? -14.553 9.129   -1.768  1.00 23.50 ? 45  ILE C CG1 1 
ATOM   1096 C CG2 . ILE C 1 45 ? -16.174 9.079   -3.722  1.00 22.58 ? 45  ILE C CG2 1 
ATOM   1097 C CD1 . ILE C 1 45 ? -13.441 8.468   -2.509  1.00 19.88 ? 45  ILE C CD1 1 
ATOM   1098 N N   . PRO C 1 46 ? -16.049 12.320  -5.100  1.00 18.39 ? 46  PRO C N   1 
ATOM   1099 C CA  . PRO C 1 46 ? -17.142 13.162  -5.667  1.00 20.50 ? 46  PRO C CA  1 
ATOM   1100 C C   . PRO C 1 46 ? -18.416 12.283  -5.764  1.00 29.72 ? 46  PRO C C   1 
ATOM   1101 O O   . PRO C 1 46 ? -18.350 11.129  -6.086  1.00 33.01 ? 46  PRO C O   1 
ATOM   1102 C CB  . PRO C 1 46 ? -16.572 13.587  -6.985  1.00 24.12 ? 46  PRO C CB  1 
ATOM   1103 C CG  . PRO C 1 46 ? -15.705 12.431  -7.428  1.00 22.83 ? 46  PRO C CG  1 
ATOM   1104 C CD  . PRO C 1 46 ? -15.137 11.873  -6.173  1.00 20.85 ? 46  PRO C CD  1 
ATOM   1105 N N   . ASN C 1 47 ? -19.527 12.892  -5.411  1.00 39.08 ? 47  ASN C N   1 
ATOM   1106 C CA  . ASN C 1 47 ? -20.837 12.282  -5.530  1.00 48.53 ? 47  ASN C CA  1 
ATOM   1107 C C   . ASN C 1 47 ? -21.549 12.947  -6.736  1.00 54.77 ? 47  ASN C C   1 
ATOM   1108 O O   . ASN C 1 47 ? -21.173 12.691  -7.901  1.00 53.29 ? 47  ASN C O   1 
ATOM   1109 C CB  . ASN C 1 47 ? -21.538 12.496  -4.224  1.00 45.56 ? 47  ASN C CB  1 
ATOM   1110 C CG  . ASN C 1 47 ? -22.970 12.133  -4.290  1.00 61.45 ? 47  ASN C CG  1 
ATOM   1111 O OD1 . ASN C 1 47 ? -23.442 11.558  -5.284  1.00 63.81 ? 47  ASN C OD1 1 
ATOM   1112 N ND2 . ASN C 1 47 ? -23.694 12.475  -3.242  1.00 63.99 ? 47  ASN C ND2 1 
HETATM 1113 C C1  . NAG D 2 .  ? -1.274  -1.146  2.996   1.00 14.56 ? 1   NAG D C1  1 
HETATM 1114 C C2  . NAG D 2 .  ? -0.102  -1.129  3.927   1.00 13.62 ? 1   NAG D C2  1 
HETATM 1115 C C3  . NAG D 2 .  ? 0.993   -1.832  3.122   1.00 14.04 ? 1   NAG D C3  1 
HETATM 1116 C C4  . NAG D 2 .  ? 0.584   -3.258  2.774   1.00 14.47 ? 1   NAG D C4  1 
HETATM 1117 C C5  . NAG D 2 .  ? -0.662  -3.136  1.905   1.00 14.56 ? 1   NAG D C5  1 
HETATM 1118 C C6  . NAG D 2 .  ? -1.326  -4.477  1.610   1.00 16.13 ? 1   NAG D C6  1 
HETATM 1119 C C7  . NAG D 2 .  ? 0.641   0.618   5.539   1.00 13.95 ? 1   NAG D C7  1 
HETATM 1120 C C8  . NAG D 2 .  ? 1.202   2.025   5.655   1.00 13.83 ? 1   NAG D C8  1 
HETATM 1121 N N2  . NAG D 2 .  ? 0.396   0.184   4.307   1.00 14.07 ? 1   NAG D N2  1 
HETATM 1122 O O1  . NAG D 2 .  ? -2.380  -0.520  3.663   1.00 17.44 ? 1   NAG D O1  1 
HETATM 1123 O O3  . NAG D 2 .  ? 2.214   -1.925  3.943   1.00 14.73 ? 1   NAG D O3  1 
HETATM 1124 O O4  . NAG D 2 .  ? 1.496   -3.871  1.847   1.00 13.75 ? 1   NAG D O4  1 
HETATM 1125 O O5  . NAG D 2 .  ? -1.706  -2.452  2.711   1.00 15.72 ? 1   NAG D O5  1 
HETATM 1126 O O6  . NAG D 2 .  ? -1.612  -5.230  2.739   1.00 19.22 ? 1   NAG D O6  1 
HETATM 1127 O O7  . NAG D 2 .  ? 0.566   -0.147  6.532   1.00 14.70 ? 1   NAG D O7  1 
HETATM 1128 C C1  . NAG D 2 .  ? 2.466   -4.762  2.415   1.00 13.27 ? 2   NAG D C1  1 
HETATM 1129 C C2  . NAG D 2 .  ? 2.840   -5.701  1.323   1.00 13.29 ? 2   NAG D C2  1 
HETATM 1130 C C3  . NAG D 2 .  ? 4.073   -6.551  1.746   1.00 13.46 ? 2   NAG D C3  1 
HETATM 1131 C C4  . NAG D 2 .  ? 5.185   -5.607  2.136   1.00 12.51 ? 2   NAG D C4  1 
HETATM 1132 C C5  . NAG D 2 .  ? 4.724   -4.737  3.299   1.00 13.06 ? 2   NAG D C5  1 
HETATM 1133 C C6  . NAG D 2 .  ? 5.714   -3.714  3.795   1.00 13.53 ? 2   NAG D C6  1 
HETATM 1134 C C7  . NAG D 2 .  ? 1.231   -6.679  -0.191  1.00 13.65 ? 2   NAG D C7  1 
HETATM 1135 C C8  . NAG D 2 .  ? 0.162   -7.772  -0.446  1.00 15.38 ? 2   NAG D C8  1 
HETATM 1136 N N2  . NAG D 2 .  ? 1.750   -6.619  1.033   1.00 14.05 ? 2   NAG D N2  1 
HETATM 1137 O O3  . NAG D 2 .  ? 4.458   -7.294  0.604   1.00 15.02 ? 2   NAG D O3  1 
HETATM 1138 O O4  . NAG D 2 .  ? 6.291   -6.413  2.628   1.00 12.63 ? 2   NAG D O4  1 
HETATM 1139 O O5  . NAG D 2 .  ? 3.600   -3.986  2.756   1.00 12.87 ? 2   NAG D O5  1 
HETATM 1140 O O6  . NAG D 2 .  ? 6.183   -2.847  2.736   1.00 14.13 ? 2   NAG D O6  1 
HETATM 1141 O O7  . NAG D 2 .  ? 1.549   -5.991  -1.157  1.00 14.45 ? 2   NAG D O7  1 
HETATM 1142 C C1  . NAG D 2 .  ? 7.533   -6.211  1.921   1.00 13.80 ? 3   NAG D C1  1 
HETATM 1143 C C2  . NAG D 2 .  ? 8.623   -6.912  2.733   1.00 13.66 ? 3   NAG D C2  1 
HETATM 1144 C C3  . NAG D 2 .  ? 9.871   -6.891  1.923   1.00 13.70 ? 3   NAG D C3  1 
HETATM 1145 C C4  . NAG D 2 .  ? 9.609   -7.633  0.621   1.00 14.15 ? 3   NAG D C4  1 
HETATM 1146 C C5  . NAG D 2 .  ? 8.478   -6.944  -0.153  1.00 14.10 ? 3   NAG D C5  1 
HETATM 1147 C C6  . NAG D 2 .  ? 8.079   -7.651  -1.423  1.00 14.91 ? 3   NAG D C6  1 
HETATM 1148 C C7  . NAG D 2 .  ? 8.487   -6.726  5.197   1.00 13.32 ? 3   NAG D C7  1 
HETATM 1149 C C8  . NAG D 2 .  ? 8.628   -5.773  6.346   1.00 14.15 ? 3   NAG D C8  1 
HETATM 1150 N N2  . NAG D 2 .  ? 8.781   -6.186  4.003   1.00 14.12 ? 3   NAG D N2  1 
HETATM 1151 O O3  . NAG D 2 .  ? 10.834  -7.661  2.672   1.00 15.16 ? 3   NAG D O3  1 
HETATM 1152 O O4  . NAG D 2 .  ? 10.840  -7.474  -0.170  1.00 16.53 ? 3   NAG D O4  1 
HETATM 1153 O O5  . NAG D 2 .  ? 7.330   -6.963  0.703   1.00 14.11 ? 3   NAG D O5  1 
HETATM 1154 O O6  . NAG D 2 .  ? 7.615   -8.943  -1.030  1.00 15.44 ? 3   NAG D O6  1 
HETATM 1155 O O7  . NAG D 2 .  ? 8.094   -7.881  5.340   1.00 15.76 ? 3   NAG D O7  1 
HETATM 1156 C C   . ACT E 3 .  ? -4.722  3.670   -2.331  1.00 22.03 ? 101 ACT C C   1 
HETATM 1157 O O   . ACT E 3 .  ? -3.822  4.372   -1.769  1.00 20.47 ? 101 ACT C O   1 
HETATM 1158 O OXT . ACT E 3 .  ? -4.542  3.195   -3.464  1.00 20.57 ? 101 ACT C OXT 1 
HETATM 1159 C CH3 . ACT E 3 .  ? -5.995  3.422   -1.571  1.00 22.47 ? 101 ACT C CH3 1 
HETATM 1160 O O   . HOH F 4 .  ? 13.072  5.777   18.430  1.00 33.69 ? 101 HOH A O   1 
HETATM 1161 O O   . HOH F 4 .  ? 6.986   -7.598  19.405  1.00 37.29 ? 102 HOH A O   1 
HETATM 1162 O O   . HOH F 4 .  ? 15.113  8.397   2.633   1.00 44.29 ? 103 HOH A O   1 
HETATM 1163 O O   . HOH F 4 .  ? 14.121  3.860   8.331   1.00 28.83 ? 104 HOH A O   1 
HETATM 1164 O O   . HOH F 4 .  ? 19.121  -3.623  11.200  1.00 37.27 ? 105 HOH A O   1 
HETATM 1165 O O   . HOH F 4 .  ? 15.187  6.624   16.870  1.00 44.67 ? 106 HOH A O   1 
HETATM 1166 O O   . HOH F 4 .  ? 6.196   -6.488  14.963  1.00 36.58 ? 107 HOH A O   1 
HETATM 1167 O O   . HOH F 4 .  ? 7.170   7.522   7.398   1.00 29.93 ? 108 HOH A O   1 
HETATM 1168 O O   . HOH F 4 .  ? 5.687   -8.909  11.587  1.00 33.91 ? 109 HOH A O   1 
HETATM 1169 O O   . HOH F 4 .  ? 6.581   8.412   4.924   1.00 32.34 ? 110 HOH A O   1 
HETATM 1170 O O   . HOH F 4 .  ? 12.451  -5.741  16.089  1.00 26.62 ? 111 HOH A O   1 
HETATM 1171 O O   . HOH F 4 .  ? -1.227  -3.137  7.288   1.00 39.21 ? 112 HOH A O   1 
HETATM 1172 O O   . HOH F 4 .  ? 13.096  -1.852  19.530  1.00 22.22 ? 113 HOH A O   1 
HETATM 1173 O O   . HOH F 4 .  ? 8.229   10.712  1.154   1.00 33.83 ? 114 HOH A O   1 
HETATM 1174 O O   . HOH F 4 .  ? 16.653  -3.560  4.966   1.00 34.76 ? 115 HOH A O   1 
HETATM 1175 O O   . HOH F 4 .  ? 4.015   -0.415  5.480   1.00 13.90 ? 116 HOH A O   1 
HETATM 1176 O O   . HOH F 4 .  ? -3.493  -0.008  19.128  1.00 18.74 ? 117 HOH A O   1 
HETATM 1177 O O   . HOH F 4 .  ? 11.540  1.964   3.321   1.00 29.89 ? 118 HOH A O   1 
HETATM 1178 O O   . HOH F 4 .  ? 8.185   15.062  12.133  1.00 39.75 ? 119 HOH A O   1 
HETATM 1179 O O   . HOH F 4 .  ? 8.694   -11.663 11.661  1.00 34.40 ? 120 HOH A O   1 
HETATM 1180 O O   . HOH F 4 .  ? 14.429  -7.742  11.728  1.00 37.34 ? 121 HOH A O   1 
HETATM 1181 O O   . HOH F 4 .  ? -3.681  1.534   26.421  1.00 40.43 ? 122 HOH A O   1 
HETATM 1182 O O   . HOH F 4 .  ? 0.716   8.119   19.404  1.00 35.68 ? 123 HOH A O   1 
HETATM 1183 O O   . HOH F 4 .  ? -3.936  3.044   22.659  1.00 34.08 ? 124 HOH A O   1 
HETATM 1184 O O   . HOH F 4 .  ? 11.748  11.438  14.408  1.00 39.40 ? 125 HOH A O   1 
HETATM 1185 O O   . HOH F 4 .  ? -2.392  2.972   17.250  1.00 41.16 ? 126 HOH A O   1 
HETATM 1186 O O   . HOH F 4 .  ? 9.716   3.678   1.281   1.00 21.37 ? 127 HOH A O   1 
HETATM 1187 O O   . HOH F 4 .  ? 13.661  -3.575  17.522  1.00 22.09 ? 128 HOH A O   1 
HETATM 1188 O O   . HOH F 4 .  ? -2.865  9.103   13.736  1.00 30.21 ? 129 HOH A O   1 
HETATM 1189 O O   . HOH F 4 .  ? -6.446  -3.234  11.389  1.00 39.32 ? 130 HOH A O   1 
HETATM 1190 O O   . HOH F 4 .  ? 8.600   11.362  3.638   1.00 38.39 ? 131 HOH A O   1 
HETATM 1191 O O   . HOH F 4 .  ? 5.486   12.220  15.216  1.00 35.49 ? 132 HOH A O   1 
HETATM 1192 O O   . HOH F 4 .  ? 17.528  1.737   8.608   1.00 33.78 ? 133 HOH A O   1 
HETATM 1193 O O   . HOH F 4 .  ? -3.523  5.127   14.671  1.00 34.67 ? 134 HOH A O   1 
HETATM 1194 O O   . HOH F 4 .  ? 7.039   4.733   -4.122  1.00 32.06 ? 135 HOH A O   1 
HETATM 1195 O O   . HOH F 4 .  ? 12.480  4.858   1.950   1.00 31.11 ? 136 HOH A O   1 
HETATM 1196 O O   . HOH F 4 .  ? 12.887  10.984  2.387   1.00 46.76 ? 137 HOH A O   1 
HETATM 1197 O O   . HOH F 4 .  ? 9.280   -8.869  19.332  1.00 50.50 ? 138 HOH A O   1 
HETATM 1198 O O   . HOH F 4 .  ? 18.085  -5.206  15.496  1.00 59.22 ? 139 HOH A O   1 
HETATM 1199 O O   . HOH F 4 .  ? 14.078  4.332   4.078   1.00 45.41 ? 140 HOH A O   1 
HETATM 1200 O O   . HOH F 4 .  ? 3.052   -7.461  5.169   1.00 35.70 ? 141 HOH A O   1 
HETATM 1201 O O   . HOH F 4 .  ? 16.400  -0.293  20.506  1.00 43.65 ? 142 HOH A O   1 
HETATM 1202 O O   . HOH F 4 .  ? 9.883   4.032   -1.689  1.00 38.10 ? 143 HOH A O   1 
HETATM 1203 O O   . HOH F 4 .  ? 7.433   13.708  14.780  1.00 43.58 ? 144 HOH A O   1 
HETATM 1204 O O   . HOH F 4 .  ? 17.198  -7.347  11.337  1.00 44.45 ? 145 HOH A O   1 
HETATM 1205 O O   . HOH F 4 .  ? -5.871  -4.743  9.208   1.00 47.11 ? 146 HOH A O   1 
HETATM 1206 O O   . HOH F 4 .  ? 15.872  -1.126  3.628   1.00 42.35 ? 147 HOH A O   1 
HETATM 1207 O O   . HOH F 4 .  ? 16.016  4.435   6.156   1.00 50.32 ? 148 HOH A O   1 
HETATM 1208 O O   . HOH F 4 .  ? 9.399   -14.157 10.298  1.00 47.07 ? 149 HOH A O   1 
HETATM 1209 O O   . HOH F 4 .  ? -6.165  -0.911  18.256  1.00 28.76 ? 150 HOH A O   1 
HETATM 1210 O O   . HOH G 4 .  ? -9.521  -5.688  -9.116  1.00 27.77 ? 101 HOH B O   1 
HETATM 1211 O O   . HOH G 4 .  ? -5.152  4.867   -9.458  1.00 29.86 ? 102 HOH B O   1 
HETATM 1212 O O   . HOH G 4 .  ? 9.133   -4.309  -14.431 1.00 35.64 ? 103 HOH B O   1 
HETATM 1213 O O   . HOH G 4 .  ? 10.388  -4.641  -2.773  1.00 32.45 ? 104 HOH B O   1 
HETATM 1214 O O   . HOH G 4 .  ? -9.356  -0.312  -13.449 1.00 44.00 ? 105 HOH B O   1 
HETATM 1215 O O   . HOH G 4 .  ? 11.312  -0.442  -8.034  1.00 37.05 ? 106 HOH B O   1 
HETATM 1216 O O   . HOH G 4 .  ? 13.554  -6.423  -11.478 1.00 24.93 ? 107 HOH B O   1 
HETATM 1217 O O   . HOH G 4 .  ? -4.991  2.324   -8.692  1.00 22.86 ? 108 HOH B O   1 
HETATM 1218 O O   . HOH G 4 .  ? 11.531  -9.777  -1.413  1.00 18.16 ? 109 HOH B O   1 
HETATM 1219 O O   . HOH G 4 .  ? -4.542  -5.332  -15.294 1.00 55.21 ? 110 HOH B O   1 
HETATM 1220 O O   . HOH G 4 .  ? 6.560   -15.117 -4.515  1.00 28.35 ? 111 HOH B O   1 
HETATM 1221 O O   . HOH G 4 .  ? 8.712   -0.157  -7.743  1.00 33.71 ? 112 HOH B O   1 
HETATM 1222 O O   . HOH G 4 .  ? 5.775   -15.831 -10.037 1.00 29.34 ? 113 HOH B O   1 
HETATM 1223 O O   . HOH G 4 .  ? -6.188  0.058   -7.459  1.00 19.67 ? 114 HOH B O   1 
HETATM 1224 O O   . HOH G 4 .  ? 2.075   1.901   -7.707  1.00 19.81 ? 115 HOH B O   1 
HETATM 1225 O O   . HOH G 4 .  ? 9.746   -15.713 -12.012 1.00 34.94 ? 116 HOH B O   1 
HETATM 1226 O O   . HOH G 4 .  ? 2.931   -2.228  -0.111  1.00 15.05 ? 117 HOH B O   1 
HETATM 1227 O O   . HOH G 4 .  ? -10.970 -4.936  -12.485 1.00 24.74 ? 118 HOH B O   1 
HETATM 1228 O O   . HOH G 4 .  ? -0.221  3.972   -12.946 1.00 45.99 ? 119 HOH B O   1 
HETATM 1229 O O   . HOH G 4 .  ? 3.994   -8.175  -2.045  1.00 15.80 ? 120 HOH B O   1 
HETATM 1230 O O   . HOH G 4 .  ? 5.644   -18.193 -3.469  1.00 41.96 ? 121 HOH B O   1 
HETATM 1231 O O   . HOH G 4 .  ? 4.772   -1.145  -9.304  1.00 36.00 ? 122 HOH B O   1 
HETATM 1232 O O   . HOH G 4 .  ? 8.984   -7.455  -17.935 1.00 52.77 ? 123 HOH B O   1 
HETATM 1233 O O   . HOH G 4 .  ? 6.596   -9.896  3.600   1.00 25.38 ? 124 HOH B O   1 
HETATM 1234 O O   . HOH G 4 .  ? 10.256  1.860   -4.516  1.00 37.38 ? 125 HOH B O   1 
HETATM 1235 O O   . HOH G 4 .  ? 5.354   -16.122 -1.689  1.00 26.25 ? 126 HOH B O   1 
HETATM 1236 O O   . HOH G 4 .  ? -4.288  -17.275 -6.202  1.00 39.49 ? 127 HOH B O   1 
HETATM 1237 O O   . HOH G 4 .  ? 7.937   -17.296 -0.703  1.00 43.96 ? 128 HOH B O   1 
HETATM 1238 O O   . HOH G 4 .  ? 7.794   -5.767  -16.581 1.00 32.53 ? 129 HOH B O   1 
HETATM 1239 O O   . HOH G 4 .  ? -1.207  -15.564 -4.715  1.00 47.95 ? 130 HOH B O   1 
HETATM 1240 O O   . HOH G 4 .  ? 0.354   -6.886  4.244   1.00 36.73 ? 131 HOH B O   1 
HETATM 1241 O O   . HOH G 4 .  ? -9.638  -7.168  -6.878  1.00 26.96 ? 132 HOH B O   1 
HETATM 1242 O O   . HOH G 4 .  ? -2.009  4.618   -9.970  1.00 33.53 ? 133 HOH B O   1 
HETATM 1243 O O   . HOH G 4 .  ? 0.032   -16.617 2.646   1.00 53.09 ? 134 HOH B O   1 
HETATM 1244 O O   . HOH G 4 .  ? 5.510   -11.934 4.888   1.00 32.66 ? 135 HOH B O   1 
HETATM 1245 O O   . HOH H 4 .  ? -12.149 -1.426  2.310   1.00 41.39 ? 201 HOH C O   1 
HETATM 1246 O O   . HOH H 4 .  ? -8.067  -3.699  -0.968  1.00 41.75 ? 202 HOH C O   1 
HETATM 1247 O O   . HOH H 4 .  ? -2.310  17.117  -9.664  1.00 36.09 ? 203 HOH C O   1 
HETATM 1248 O O   . HOH H 4 .  ? -13.093 3.763   6.155   1.00 30.58 ? 204 HOH C O   1 
HETATM 1249 O O   . HOH H 4 .  ? -9.159  14.753  1.842   1.00 24.88 ? 205 HOH C O   1 
HETATM 1250 O O   . HOH H 4 .  ? -18.092 6.590   -12.739 1.00 27.61 ? 206 HOH C O   1 
HETATM 1251 O O   . HOH H 4 .  ? -8.538  11.821  -13.393 1.00 37.33 ? 207 HOH C O   1 
HETATM 1252 O O   . HOH H 4 .  ? -7.177  13.958  -0.298  1.00 23.09 ? 208 HOH C O   1 
HETATM 1253 O O   . HOH H 4 .  ? -8.801  -3.336  2.490   1.00 32.25 ? 209 HOH C O   1 
HETATM 1254 O O   . HOH H 4 .  ? -3.924  13.263  -7.808  1.00 32.66 ? 210 HOH C O   1 
HETATM 1255 O O   . HOH H 4 .  ? 5.449   6.921   -5.479  1.00 26.51 ? 211 HOH C O   1 
HETATM 1256 O O   . HOH H 4 .  ? -8.850  -3.237  6.271   1.00 35.72 ? 212 HOH C O   1 
HETATM 1257 O O   . HOH H 4 .  ? 2.518   13.277  -9.360  1.00 49.04 ? 213 HOH C O   1 
HETATM 1258 O O   . HOH H 4 .  ? -8.580  17.913  -10.631 1.00 24.12 ? 214 HOH C O   1 
HETATM 1259 O O   . HOH H 4 .  ? 0.907   9.632   2.657   1.00 16.70 ? 215 HOH C O   1 
HETATM 1260 O O   . HOH H 4 .  ? 0.596   4.103   -8.660  1.00 21.94 ? 216 HOH C O   1 
HETATM 1261 O O   . HOH H 4 .  ? -8.376  3.327   8.665   1.00 31.81 ? 217 HOH C O   1 
HETATM 1262 O O   . HOH H 4 .  ? -2.105  2.392   2.194   1.00 23.19 ? 218 HOH C O   1 
HETATM 1263 O O   . HOH H 4 .  ? -5.054  15.355  2.035   1.00 32.84 ? 219 HOH C O   1 
HETATM 1264 O O   . HOH H 4 .  ? -13.340 10.431  -15.888 1.00 29.78 ? 220 HOH C O   1 
HETATM 1265 O O   . HOH H 4 .  ? -20.222 5.913   -11.632 1.00 43.91 ? 221 HOH C O   1 
HETATM 1266 O O   . HOH H 4 .  ? -20.399 -1.986  -4.873  0.50 56.83 ? 222 HOH C O   1 
HETATM 1267 O O   . HOH H 4 .  ? -14.568 6.437   5.911   1.00 29.71 ? 223 HOH C O   1 
HETATM 1268 O O   . HOH H 4 .  ? -7.262  8.805   11.012  1.00 50.32 ? 224 HOH C O   1 
HETATM 1269 O O   . HOH H 4 .  ? -15.025 -2.388  -2.041  1.00 37.66 ? 225 HOH C O   1 
HETATM 1270 O O   . HOH H 4 .  ? 4.879   9.172   -8.562  1.00 38.97 ? 226 HOH C O   1 
HETATM 1271 O O   . HOH H 4 .  ? -4.051  0.862   1.885   1.00 22.39 ? 227 HOH C O   1 
HETATM 1272 O O   . HOH H 4 .  ? -6.188  15.206  -10.254 1.00 39.19 ? 228 HOH C O   1 
HETATM 1273 O O   . HOH H 4 .  ? -13.483 -5.695  2.728   1.00 61.54 ? 229 HOH C O   1 
HETATM 1274 O O   . HOH H 4 .  ? 3.357   4.702   -10.083 1.00 39.61 ? 230 HOH C O   1 
HETATM 1275 O O   . HOH H 4 .  ? 0.094   14.394  -9.107  1.00 50.93 ? 231 HOH C O   1 
HETATM 1276 O O   . HOH H 4 .  ? 6.380   4.878   -7.321  1.00 39.70 ? 232 HOH C O   1 
HETATM 1277 O O   . HOH H 4 .  ? 7.654   10.682  -2.861  1.00 39.73 ? 233 HOH C O   1 
HETATM 1278 O O   . HOH H 4 .  ? -2.491  -4.111  5.324   1.00 28.28 ? 234 HOH C O   1 
HETATM 1279 O O   . HOH H 4 .  ? 10.299  11.864  -2.793  1.00 55.59 ? 235 HOH C O   1 
HETATM 1280 O O   . HOH H 4 .  ? -4.748  -5.652  5.604   1.00 49.00 ? 236 HOH C O   1 
HETATM 1281 O O   . HOH H 4 .  ? 4.543   1.589   -9.014  1.00 32.29 ? 237 HOH C O   1 
HETATM 1282 O O   . HOH H 4 .  ? -11.751 3.491   8.555   1.00 41.45 ? 238 HOH C O   1 
HETATM 1283 O O   . HOH H 4 .  ? -7.260  14.222  -13.011 1.00 48.83 ? 239 HOH C O   1 
HETATM 1284 O O   . HOH H 4 .  ? -3.985  14.258  -10.245 1.00 42.97 ? 240 HOH C O   1 
HETATM 1285 O O   . HOH H 4 .  ? -9.948  8.696   11.587  1.00 51.33 ? 241 HOH C O   1 
# 
